data_2CTR
#
_entry.id   2CTR
#
_entity_poly.entity_id   1
_entity_poly.type   'polypeptide(L)'
_entity_poly.pdbx_seq_one_letter_code
;GSSGSSGSYYDILGVPKSASERQIKKAFHKLAMKYHPDKNKSPDAEAKFREIAEAYETLSDANRRKEYDTLGHSAFTSGK
GQSGPSSG
;
_entity_poly.pdbx_strand_id   A
#
# COMPACT_ATOMS: atom_id res chain seq x y z
N GLY A 1 10.72 -19.10 -4.96
CA GLY A 1 9.84 -18.35 -5.84
C GLY A 1 10.13 -16.86 -5.80
N SER A 2 9.21 -16.07 -6.35
CA SER A 2 9.38 -14.62 -6.38
C SER A 2 9.61 -14.07 -4.98
N SER A 3 10.10 -12.84 -4.92
CA SER A 3 10.37 -12.18 -3.64
C SER A 3 9.54 -10.92 -3.47
N GLY A 4 8.30 -10.96 -3.97
CA GLY A 4 7.43 -9.82 -3.87
C GLY A 4 6.02 -10.20 -3.45
N SER A 5 5.88 -10.59 -2.18
CA SER A 5 4.58 -10.99 -1.65
C SER A 5 3.75 -9.77 -1.27
N SER A 6 2.90 -9.34 -2.19
CA SER A 6 2.04 -8.17 -1.96
C SER A 6 0.58 -8.59 -1.86
N GLY A 7 -0.30 -7.60 -1.72
CA GLY A 7 -1.71 -7.88 -1.61
C GLY A 7 -2.48 -6.76 -0.92
N SER A 8 -2.58 -6.85 0.40
CA SER A 8 -3.29 -5.84 1.17
C SER A 8 -2.36 -4.69 1.55
N TYR A 9 -2.89 -3.47 1.54
CA TYR A 9 -2.11 -2.29 1.87
C TYR A 9 -1.29 -2.53 3.14
N TYR A 10 -1.96 -2.88 4.23
CA TYR A 10 -1.29 -3.14 5.50
C TYR A 10 0.02 -3.89 5.27
N ASP A 11 0.04 -4.77 4.27
CA ASP A 11 1.23 -5.54 3.96
C ASP A 11 2.25 -4.69 3.21
N ILE A 12 1.80 -4.01 2.16
CA ILE A 12 2.68 -3.16 1.37
C ILE A 12 3.34 -2.09 2.23
N LEU A 13 2.57 -1.56 3.19
CA LEU A 13 3.09 -0.52 4.08
C LEU A 13 3.79 -1.15 5.28
N GLY A 14 3.26 -2.27 5.76
CA GLY A 14 3.85 -2.94 6.89
C GLY A 14 3.26 -2.49 8.21
N VAL A 15 1.97 -2.13 8.19
CA VAL A 15 1.29 -1.67 9.39
C VAL A 15 0.18 -2.64 9.79
N PRO A 16 -0.12 -2.67 11.10
CA PRO A 16 -1.16 -3.55 11.65
C PRO A 16 -2.56 -3.12 11.22
N LYS A 17 -3.53 -4.02 11.38
CA LYS A 17 -4.91 -3.74 11.02
C LYS A 17 -5.49 -2.63 11.91
N SER A 18 -4.92 -2.48 13.09
CA SER A 18 -5.37 -1.46 14.03
C SER A 18 -4.36 -0.33 14.16
N ALA A 19 -3.46 -0.24 13.18
CA ALA A 19 -2.43 0.80 13.17
C ALA A 19 -3.06 2.19 13.25
N SER A 20 -2.52 3.02 14.13
CA SER A 20 -3.01 4.37 14.31
C SER A 20 -2.61 5.26 13.13
N GLU A 21 -3.46 6.23 12.81
CA GLU A 21 -3.19 7.15 11.71
C GLU A 21 -1.72 7.55 11.68
N ARG A 22 -1.18 7.86 12.86
CA ARG A 22 0.23 8.27 12.97
C ARG A 22 1.15 7.13 12.56
N GLN A 23 0.76 5.89 12.89
CA GLN A 23 1.55 4.72 12.56
C GLN A 23 1.56 4.47 11.06
N ILE A 24 0.38 4.54 10.45
CA ILE A 24 0.25 4.33 9.01
C ILE A 24 1.15 5.27 8.23
N LYS A 25 0.89 6.57 8.36
CA LYS A 25 1.68 7.58 7.66
C LYS A 25 3.17 7.44 8.02
N LYS A 26 3.44 7.12 9.28
CA LYS A 26 4.81 6.96 9.74
C LYS A 26 5.52 5.85 8.96
N ALA A 27 4.90 4.69 8.90
CA ALA A 27 5.47 3.54 8.20
C ALA A 27 5.61 3.84 6.70
N PHE A 28 4.51 4.29 6.09
CA PHE A 28 4.52 4.61 4.67
C PHE A 28 5.67 5.56 4.32
N HIS A 29 5.64 6.75 4.89
CA HIS A 29 6.67 7.75 4.64
C HIS A 29 8.03 7.08 4.47
N LYS A 30 8.52 6.44 5.53
CA LYS A 30 9.80 5.75 5.50
C LYS A 30 9.94 4.91 4.23
N LEU A 31 8.93 4.11 3.93
CA LEU A 31 8.94 3.27 2.75
C LEU A 31 9.11 4.10 1.49
N ALA A 32 8.13 4.96 1.21
CA ALA A 32 8.17 5.82 0.04
C ALA A 32 9.59 6.29 -0.25
N MET A 33 10.36 6.54 0.82
CA MET A 33 11.73 7.00 0.67
C MET A 33 12.61 5.89 0.08
N LYS A 34 12.44 4.68 0.57
CA LYS A 34 13.20 3.53 0.09
C LYS A 34 12.83 3.20 -1.34
N TYR A 35 11.63 3.59 -1.75
CA TYR A 35 11.15 3.33 -3.10
C TYR A 35 10.91 4.62 -3.85
N HIS A 36 11.47 5.72 -3.34
CA HIS A 36 11.31 7.03 -3.97
C HIS A 36 12.10 7.11 -5.26
N PRO A 37 11.50 7.71 -6.29
CA PRO A 37 12.15 7.87 -7.60
C PRO A 37 13.31 8.86 -7.57
N ASP A 38 13.25 9.80 -6.63
CA ASP A 38 14.30 10.80 -6.49
C ASP A 38 15.57 10.18 -5.93
N LYS A 39 15.41 9.15 -5.10
CA LYS A 39 16.54 8.47 -4.49
C LYS A 39 16.82 7.14 -5.19
N ASN A 40 15.81 6.27 -5.22
CA ASN A 40 15.94 4.97 -5.87
C ASN A 40 16.31 5.13 -7.34
N LYS A 41 17.35 4.41 -7.76
CA LYS A 41 17.81 4.46 -9.14
C LYS A 41 17.07 3.42 -10.00
N SER A 42 16.95 2.21 -9.48
CA SER A 42 16.27 1.13 -10.19
C SER A 42 14.95 1.62 -10.76
N PRO A 43 14.61 1.12 -11.96
CA PRO A 43 13.35 1.48 -12.65
C PRO A 43 12.13 0.92 -11.95
N ASP A 44 12.30 -0.22 -11.27
CA ASP A 44 11.20 -0.86 -10.56
C ASP A 44 10.71 0.04 -9.41
N ALA A 45 11.64 0.74 -8.77
CA ALA A 45 11.30 1.61 -7.66
C ALA A 45 10.08 2.46 -7.99
N GLU A 46 10.17 3.24 -9.06
CA GLU A 46 9.07 4.10 -9.48
C GLU A 46 7.74 3.35 -9.44
N ALA A 47 7.74 2.14 -9.99
CA ALA A 47 6.54 1.31 -10.02
C ALA A 47 6.12 0.91 -8.61
N LYS A 48 7.06 0.36 -7.85
CA LYS A 48 6.79 -0.06 -6.48
C LYS A 48 6.07 1.03 -5.70
N PHE A 49 6.63 2.23 -5.72
CA PHE A 49 6.05 3.37 -5.02
C PHE A 49 4.60 3.59 -5.45
N ARG A 50 4.29 3.18 -6.67
CA ARG A 50 2.94 3.32 -7.21
C ARG A 50 1.94 2.50 -6.42
N GLU A 51 2.45 1.51 -5.68
CA GLU A 51 1.60 0.64 -4.88
C GLU A 51 1.61 1.07 -3.41
N ILE A 52 2.74 1.61 -2.98
CA ILE A 52 2.89 2.06 -1.59
C ILE A 52 2.02 3.28 -1.32
N ALA A 53 2.05 4.25 -2.24
CA ALA A 53 1.26 5.46 -2.10
C ALA A 53 -0.23 5.15 -2.04
N GLU A 54 -0.76 4.64 -3.15
CA GLU A 54 -2.18 4.31 -3.23
C GLU A 54 -2.64 3.61 -1.95
N ALA A 55 -1.78 2.75 -1.41
CA ALA A 55 -2.09 2.01 -0.19
C ALA A 55 -2.27 2.96 0.99
N TYR A 56 -1.43 3.99 1.06
CA TYR A 56 -1.49 4.96 2.14
C TYR A 56 -2.72 5.85 2.00
N GLU A 57 -2.87 6.48 0.83
CA GLU A 57 -4.01 7.35 0.58
C GLU A 57 -5.26 6.83 1.27
N THR A 58 -5.53 5.53 1.11
CA THR A 58 -6.70 4.92 1.72
C THR A 58 -6.56 4.87 3.23
N LEU A 59 -5.42 4.39 3.72
CA LEU A 59 -5.17 4.29 5.14
C LEU A 59 -4.72 5.63 5.71
N SER A 60 -4.87 6.68 4.92
CA SER A 60 -4.47 8.02 5.34
C SER A 60 -5.66 8.78 5.91
N ASP A 61 -6.78 8.75 5.21
CA ASP A 61 -7.98 9.43 5.65
C ASP A 61 -8.72 8.61 6.71
N ALA A 62 -9.89 9.10 7.11
CA ALA A 62 -10.70 8.40 8.11
C ALA A 62 -11.68 7.44 7.47
N ASN A 63 -12.65 8.00 6.74
CA ASN A 63 -13.66 7.19 6.06
C ASN A 63 -13.01 6.19 5.11
N ARG A 64 -12.03 6.67 4.34
CA ARG A 64 -11.33 5.82 3.39
C ARG A 64 -10.77 4.58 4.08
N ARG A 65 -10.10 4.79 5.20
CA ARG A 65 -9.50 3.69 5.95
C ARG A 65 -10.58 2.87 6.67
N LYS A 66 -11.65 3.55 7.07
CA LYS A 66 -12.75 2.89 7.77
C LYS A 66 -13.44 1.87 6.86
N GLU A 67 -13.56 2.21 5.58
CA GLU A 67 -14.19 1.32 4.61
C GLU A 67 -13.28 0.14 4.28
N TYR A 68 -12.02 0.44 4.00
CA TYR A 68 -11.04 -0.59 3.67
C TYR A 68 -10.85 -1.56 4.83
N ASP A 69 -11.43 -1.22 5.98
CA ASP A 69 -11.33 -2.05 7.17
C ASP A 69 -12.64 -2.75 7.46
N THR A 70 -13.75 -2.14 7.03
CA THR A 70 -15.08 -2.70 7.25
C THR A 70 -15.49 -3.59 6.07
N LEU A 71 -14.88 -3.35 4.91
CA LEU A 71 -15.19 -4.13 3.72
C LEU A 71 -14.09 -5.15 3.43
N GLY A 72 -12.84 -4.68 3.47
CA GLY A 72 -11.72 -5.57 3.22
C GLY A 72 -10.92 -5.16 1.99
N HIS A 73 -9.89 -5.92 1.66
CA HIS A 73 -9.05 -5.63 0.51
C HIS A 73 -9.81 -5.87 -0.78
N SER A 74 -10.14 -7.13 -1.05
CA SER A 74 -10.86 -7.49 -2.26
C SER A 74 -12.28 -6.94 -2.24
N ALA A 75 -12.81 -6.74 -1.04
CA ALA A 75 -14.16 -6.21 -0.86
C ALA A 75 -14.21 -4.73 -1.23
N PHE A 76 -13.39 -3.93 -0.56
CA PHE A 76 -13.35 -2.50 -0.81
C PHE A 76 -12.94 -2.21 -2.25
N THR A 77 -12.16 -3.12 -2.83
CA THR A 77 -11.69 -2.96 -4.20
C THR A 77 -12.63 -3.66 -5.20
N SER A 78 -13.92 -3.37 -5.06
CA SER A 78 -14.93 -3.96 -5.94
C SER A 78 -15.78 -2.89 -6.60
N GLY A 79 -15.29 -2.35 -7.72
CA GLY A 79 -16.03 -1.31 -8.41
C GLY A 79 -16.19 -1.62 -9.90
N LYS A 80 -15.60 -0.77 -10.74
CA LYS A 80 -15.67 -0.95 -12.19
C LYS A 80 -14.35 -1.47 -12.74
N GLY A 81 -14.17 -2.79 -12.67
CA GLY A 81 -12.94 -3.38 -13.17
C GLY A 81 -12.81 -4.84 -12.78
N GLN A 82 -11.69 -5.46 -13.13
CA GLN A 82 -11.44 -6.86 -12.82
C GLN A 82 -11.10 -7.04 -11.34
N SER A 83 -11.91 -7.82 -10.65
CA SER A 83 -11.70 -8.07 -9.22
C SER A 83 -11.26 -9.51 -8.99
N GLY A 84 -11.14 -9.88 -7.72
CA GLY A 84 -10.72 -11.23 -7.37
C GLY A 84 -11.85 -12.03 -6.74
N PRO A 85 -12.72 -12.61 -7.57
CA PRO A 85 -13.85 -13.42 -7.11
C PRO A 85 -13.40 -14.74 -6.50
N SER A 86 -12.10 -15.00 -6.54
CA SER A 86 -11.55 -16.24 -5.99
C SER A 86 -12.20 -16.58 -4.66
N SER A 87 -12.59 -17.84 -4.50
CA SER A 87 -13.23 -18.30 -3.27
C SER A 87 -12.30 -18.15 -2.09
N GLY A 88 -11.10 -18.74 -2.20
CA GLY A 88 -10.13 -18.66 -1.13
C GLY A 88 -9.02 -19.68 -1.28
N GLY A 1 8.73 -16.86 -5.75
CA GLY A 1 9.91 -16.04 -5.55
C GLY A 1 9.90 -15.32 -4.22
N SER A 2 10.97 -14.57 -3.94
CA SER A 2 11.08 -13.84 -2.69
C SER A 2 10.86 -12.35 -2.91
N SER A 3 9.87 -12.02 -3.75
CA SER A 3 9.55 -10.63 -4.04
C SER A 3 8.10 -10.48 -4.46
N GLY A 4 7.51 -9.33 -4.14
CA GLY A 4 6.12 -9.08 -4.49
C GLY A 4 5.16 -9.58 -3.43
N SER A 5 4.29 -10.50 -3.81
CA SER A 5 3.30 -11.06 -2.88
C SER A 5 2.50 -9.93 -2.21
N SER A 6 2.21 -8.89 -2.97
CA SER A 6 1.45 -7.76 -2.45
C SER A 6 -0.05 -7.99 -2.60
N GLY A 7 -0.75 -8.00 -1.48
CA GLY A 7 -2.19 -8.22 -1.51
C GLY A 7 -2.95 -7.06 -0.90
N SER A 8 -2.80 -6.86 0.40
CA SER A 8 -3.49 -5.79 1.10
C SER A 8 -2.52 -4.66 1.46
N TYR A 9 -3.07 -3.47 1.73
CA TYR A 9 -2.26 -2.32 2.08
C TYR A 9 -1.39 -2.62 3.30
N TYR A 10 -2.04 -2.95 4.42
CA TYR A 10 -1.33 -3.26 5.65
C TYR A 10 -0.06 -4.06 5.37
N ASP A 11 -0.09 -4.82 4.28
CA ASP A 11 1.06 -5.63 3.89
C ASP A 11 2.06 -4.82 3.07
N ILE A 12 1.56 -4.11 2.07
CA ILE A 12 2.40 -3.29 1.21
C ILE A 12 3.15 -2.24 2.03
N LEU A 13 2.46 -1.64 2.99
CA LEU A 13 3.07 -0.62 3.84
C LEU A 13 3.86 -1.26 4.98
N GLY A 14 3.27 -2.27 5.60
CA GLY A 14 3.94 -2.96 6.70
C GLY A 14 3.43 -2.50 8.06
N VAL A 15 2.14 -2.26 8.15
CA VAL A 15 1.52 -1.82 9.40
C VAL A 15 0.35 -2.71 9.77
N PRO A 16 0.09 -2.81 11.09
CA PRO A 16 -1.01 -3.62 11.61
C PRO A 16 -2.38 -3.04 11.29
N LYS A 17 -3.43 -3.85 11.46
CA LYS A 17 -4.79 -3.41 11.18
C LYS A 17 -5.21 -2.32 12.16
N SER A 18 -4.66 -2.36 13.36
CA SER A 18 -4.99 -1.38 14.39
C SER A 18 -3.99 -0.22 14.37
N ALA A 19 -3.14 -0.21 13.36
CA ALA A 19 -2.13 0.84 13.22
C ALA A 19 -2.75 2.23 13.33
N SER A 20 -2.10 3.11 14.08
CA SER A 20 -2.59 4.47 14.28
C SER A 20 -2.04 5.41 13.21
N GLU A 21 -2.70 6.55 13.03
CA GLU A 21 -2.28 7.53 12.04
C GLU A 21 -0.77 7.70 12.04
N ARG A 22 -0.22 8.01 13.21
CA ARG A 22 1.22 8.21 13.36
C ARG A 22 1.98 7.01 12.81
N GLN A 23 1.46 5.82 13.05
CA GLN A 23 2.09 4.59 12.57
C GLN A 23 2.03 4.50 11.05
N ILE A 24 0.84 4.71 10.50
CA ILE A 24 0.65 4.65 9.05
C ILE A 24 1.50 5.71 8.34
N LYS A 25 1.57 6.90 8.93
CA LYS A 25 2.36 7.98 8.36
C LYS A 25 3.85 7.63 8.35
N LYS A 26 4.37 7.25 9.50
CA LYS A 26 5.78 6.89 9.62
C LYS A 26 6.12 5.72 8.71
N ALA A 27 5.26 4.70 8.71
CA ALA A 27 5.47 3.52 7.87
C ALA A 27 5.51 3.90 6.40
N PHE A 28 4.52 4.66 5.96
CA PHE A 28 4.45 5.09 4.57
C PHE A 28 5.59 6.04 4.23
N HIS A 29 5.59 7.21 4.86
CA HIS A 29 6.63 8.21 4.63
C HIS A 29 7.99 7.55 4.46
N LYS A 30 8.45 6.89 5.52
CA LYS A 30 9.75 6.21 5.49
C LYS A 30 9.88 5.35 4.24
N LEU A 31 8.86 4.56 3.96
CA LEU A 31 8.87 3.69 2.79
C LEU A 31 9.09 4.50 1.52
N ALA A 32 8.14 5.38 1.22
CA ALA A 32 8.22 6.22 0.03
C ALA A 32 9.67 6.63 -0.26
N MET A 33 10.43 6.88 0.80
CA MET A 33 11.82 7.27 0.67
C MET A 33 12.66 6.14 0.08
N LYS A 34 12.50 4.95 0.64
CA LYS A 34 13.24 3.78 0.17
C LYS A 34 12.85 3.43 -1.25
N TYR A 35 11.60 3.71 -1.61
CA TYR A 35 11.10 3.43 -2.95
C TYR A 35 10.87 4.71 -3.74
N HIS A 36 11.45 5.81 -3.24
CA HIS A 36 11.31 7.10 -3.90
C HIS A 36 11.98 7.10 -5.26
N PRO A 37 11.29 7.65 -6.27
CA PRO A 37 11.80 7.72 -7.65
C PRO A 37 12.96 8.69 -7.78
N ASP A 38 13.14 9.54 -6.77
CA ASP A 38 14.21 10.53 -6.77
C ASP A 38 15.50 9.93 -6.19
N LYS A 39 15.37 9.28 -5.05
CA LYS A 39 16.51 8.67 -4.38
C LYS A 39 16.85 7.31 -5.00
N ASN A 40 15.82 6.52 -5.29
CA ASN A 40 16.01 5.21 -5.88
C ASN A 40 16.36 5.33 -7.36
N LYS A 41 17.54 4.85 -7.73
CA LYS A 41 18.00 4.91 -9.11
C LYS A 41 17.66 3.61 -9.85
N SER A 42 16.45 3.12 -9.63
CA SER A 42 16.00 1.89 -10.28
C SER A 42 14.62 2.05 -10.88
N PRO A 43 14.33 1.28 -11.93
CA PRO A 43 13.04 1.33 -12.63
C PRO A 43 11.91 0.77 -11.79
N ASP A 44 12.12 -0.42 -11.22
CA ASP A 44 11.12 -1.07 -10.39
C ASP A 44 10.67 -0.14 -9.26
N ALA A 45 11.63 0.54 -8.66
CA ALA A 45 11.34 1.46 -7.56
C ALA A 45 10.10 2.31 -7.87
N GLU A 46 10.11 2.97 -9.03
CA GLU A 46 9.01 3.81 -9.44
C GLU A 46 7.67 3.07 -9.27
N ALA A 47 7.63 1.83 -9.73
CA ALA A 47 6.42 1.02 -9.63
C ALA A 47 6.06 0.75 -8.17
N LYS A 48 7.02 0.22 -7.42
CA LYS A 48 6.81 -0.08 -6.01
C LYS A 48 6.04 1.04 -5.31
N PHE A 49 6.58 2.25 -5.41
CA PHE A 49 5.94 3.41 -4.79
C PHE A 49 4.47 3.52 -5.22
N ARG A 50 4.21 3.21 -6.48
CA ARG A 50 2.85 3.28 -7.01
C ARG A 50 1.90 2.42 -6.17
N GLU A 51 2.46 1.45 -5.48
CA GLU A 51 1.66 0.55 -4.64
C GLU A 51 1.67 1.02 -3.18
N ILE A 52 2.74 1.71 -2.80
CA ILE A 52 2.88 2.21 -1.44
C ILE A 52 1.91 3.37 -1.18
N ALA A 53 1.81 4.27 -2.14
CA ALA A 53 0.91 5.42 -2.02
C ALA A 53 -0.53 4.98 -1.88
N GLU A 54 -1.06 4.34 -2.92
CA GLU A 54 -2.44 3.87 -2.91
C GLU A 54 -2.76 3.18 -1.59
N ALA A 55 -1.80 2.46 -1.04
CA ALA A 55 -1.98 1.76 0.22
C ALA A 55 -2.18 2.74 1.37
N TYR A 56 -1.43 3.84 1.35
CA TYR A 56 -1.52 4.86 2.38
C TYR A 56 -2.77 5.71 2.20
N GLU A 57 -2.97 6.22 0.99
CA GLU A 57 -4.12 7.05 0.68
C GLU A 57 -5.37 6.52 1.38
N THR A 58 -5.58 5.21 1.28
CA THR A 58 -6.75 4.58 1.90
C THR A 58 -6.63 4.58 3.43
N LEU A 59 -5.45 4.21 3.92
CA LEU A 59 -5.21 4.18 5.36
C LEU A 59 -4.78 5.54 5.88
N SER A 60 -4.97 6.56 5.05
CA SER A 60 -4.60 7.93 5.43
C SER A 60 -5.82 8.70 5.92
N ASP A 61 -6.92 8.60 5.18
CA ASP A 61 -8.15 9.28 5.55
C ASP A 61 -8.94 8.48 6.58
N ALA A 62 -10.13 8.96 6.91
CA ALA A 62 -10.98 8.28 7.89
C ALA A 62 -11.93 7.31 7.20
N ASN A 63 -12.85 7.84 6.40
CA ASN A 63 -13.81 7.02 5.68
C ASN A 63 -13.10 6.00 4.79
N ARG A 64 -12.11 6.47 4.04
CA ARG A 64 -11.36 5.60 3.14
C ARG A 64 -10.86 4.37 3.87
N ARG A 65 -10.29 4.57 5.05
CA ARG A 65 -9.77 3.47 5.85
C ARG A 65 -10.91 2.65 6.45
N LYS A 66 -11.97 3.34 6.87
CA LYS A 66 -13.12 2.69 7.47
C LYS A 66 -13.75 1.70 6.50
N GLU A 67 -13.86 2.10 5.23
CA GLU A 67 -14.44 1.24 4.21
C GLU A 67 -13.48 0.10 3.84
N TYR A 68 -12.20 0.40 3.84
CA TYR A 68 -11.18 -0.58 3.51
C TYR A 68 -11.13 -1.69 4.56
N ASP A 69 -11.57 -1.37 5.78
CA ASP A 69 -11.58 -2.33 6.87
C ASP A 69 -12.94 -3.01 6.98
N THR A 70 -14.00 -2.22 6.88
CA THR A 70 -15.36 -2.75 6.96
C THR A 70 -15.69 -3.62 5.76
N LEU A 71 -15.06 -3.33 4.63
CA LEU A 71 -15.28 -4.09 3.41
C LEU A 71 -14.17 -5.09 3.17
N GLY A 72 -12.92 -4.60 3.22
CA GLY A 72 -11.77 -5.48 3.01
C GLY A 72 -10.89 -5.01 1.88
N HIS A 73 -10.45 -5.94 1.04
CA HIS A 73 -9.58 -5.60 -0.09
C HIS A 73 -10.20 -6.09 -1.40
N SER A 74 -10.82 -7.26 -1.36
CA SER A 74 -11.43 -7.84 -2.55
C SER A 74 -12.73 -7.12 -2.90
N ALA A 75 -13.26 -6.38 -1.93
CA ALA A 75 -14.49 -5.64 -2.13
C ALA A 75 -14.21 -4.14 -2.28
N PHE A 76 -13.76 -3.52 -1.20
CA PHE A 76 -13.46 -2.10 -1.20
C PHE A 76 -12.81 -1.69 -2.52
N THR A 77 -11.65 -2.28 -2.82
CA THR A 77 -10.93 -1.98 -4.05
C THR A 77 -10.80 -3.20 -4.93
N SER A 78 -11.91 -3.60 -5.55
CA SER A 78 -11.92 -4.77 -6.43
C SER A 78 -11.33 -4.43 -7.80
N GLY A 79 -10.17 -4.99 -8.09
CA GLY A 79 -9.51 -4.74 -9.36
C GLY A 79 -8.36 -3.76 -9.24
N LYS A 80 -8.42 -2.68 -10.01
CA LYS A 80 -7.38 -1.66 -9.98
C LYS A 80 -7.85 -0.38 -10.66
N GLY A 81 -7.64 0.75 -9.99
CA GLY A 81 -8.04 2.03 -10.54
C GLY A 81 -7.40 2.32 -11.87
N GLN A 82 -6.14 2.73 -11.84
CA GLN A 82 -5.40 3.04 -13.06
C GLN A 82 -5.00 1.77 -13.80
N SER A 83 -5.78 1.42 -14.83
CA SER A 83 -5.51 0.23 -15.62
C SER A 83 -4.84 0.58 -16.94
N GLY A 84 -4.16 -0.38 -17.54
CA GLY A 84 -3.48 -0.16 -18.80
C GLY A 84 -2.49 0.98 -18.72
N PRO A 85 -1.40 0.77 -17.96
CA PRO A 85 -0.34 1.78 -17.79
C PRO A 85 0.46 2.00 -19.07
N SER A 86 1.06 3.17 -19.18
CA SER A 86 1.87 3.51 -20.36
C SER A 86 2.95 2.45 -20.60
N SER A 87 3.06 2.02 -21.85
CA SER A 87 4.06 1.01 -22.21
C SER A 87 5.33 1.66 -22.74
N GLY A 88 6.47 1.30 -22.15
CA GLY A 88 7.73 1.86 -22.57
C GLY A 88 8.75 1.93 -21.45
N GLY A 1 5.96 -13.91 -5.46
CA GLY A 1 6.44 -13.61 -6.79
C GLY A 1 7.75 -12.83 -6.77
N SER A 2 8.39 -12.72 -7.93
CA SER A 2 9.65 -12.00 -8.05
C SER A 2 9.49 -10.55 -7.62
N SER A 3 10.04 -10.21 -6.45
CA SER A 3 9.96 -8.85 -5.94
C SER A 3 8.51 -8.38 -5.90
N GLY A 4 7.62 -9.24 -5.39
CA GLY A 4 6.22 -8.89 -5.30
C GLY A 4 5.69 -8.95 -3.89
N SER A 5 5.08 -10.07 -3.54
CA SER A 5 4.52 -10.26 -2.20
C SER A 5 3.61 -9.09 -1.82
N SER A 6 2.79 -8.65 -2.77
CA SER A 6 1.87 -7.55 -2.54
C SER A 6 0.43 -8.02 -2.54
N GLY A 7 -0.46 -7.22 -1.96
CA GLY A 7 -1.86 -7.56 -1.90
C GLY A 7 -2.68 -6.56 -1.12
N SER A 8 -2.56 -6.60 0.20
CA SER A 8 -3.31 -5.69 1.07
C SER A 8 -2.43 -4.52 1.50
N TYR A 9 -3.04 -3.35 1.64
CA TYR A 9 -2.32 -2.15 2.05
C TYR A 9 -1.43 -2.43 3.25
N TYR A 10 -2.05 -2.71 4.40
CA TYR A 10 -1.33 -2.99 5.62
C TYR A 10 -0.06 -3.79 5.33
N ASP A 11 -0.16 -4.71 4.38
CA ASP A 11 0.99 -5.54 3.99
C ASP A 11 1.99 -4.74 3.18
N ILE A 12 1.49 -3.98 2.20
CA ILE A 12 2.35 -3.17 1.35
C ILE A 12 3.09 -2.12 2.16
N LEU A 13 2.42 -1.59 3.19
CA LEU A 13 3.03 -0.57 4.04
C LEU A 13 3.80 -1.22 5.19
N GLY A 14 3.27 -2.32 5.70
CA GLY A 14 3.92 -3.02 6.79
C GLY A 14 3.40 -2.59 8.15
N VAL A 15 2.11 -2.28 8.22
CA VAL A 15 1.48 -1.84 9.47
C VAL A 15 0.42 -2.83 9.92
N PRO A 16 0.15 -2.86 11.22
CA PRO A 16 -0.86 -3.76 11.82
C PRO A 16 -2.28 -3.36 11.44
N LYS A 17 -3.21 -4.29 11.59
CA LYS A 17 -4.61 -4.04 11.26
C LYS A 17 -5.18 -2.93 12.15
N SER A 18 -4.55 -2.72 13.31
CA SER A 18 -5.01 -1.70 14.24
C SER A 18 -4.02 -0.53 14.28
N ALA A 19 -3.16 -0.45 13.26
CA ALA A 19 -2.17 0.61 13.18
C ALA A 19 -2.83 1.99 13.27
N SER A 20 -2.30 2.83 14.16
CA SER A 20 -2.84 4.18 14.35
C SER A 20 -2.37 5.11 13.24
N GLU A 21 -3.23 6.07 12.88
CA GLU A 21 -2.91 7.02 11.84
C GLU A 21 -1.42 7.37 11.85
N ARG A 22 -0.91 7.73 13.02
CA ARG A 22 0.50 8.09 13.18
C ARG A 22 1.39 6.97 12.65
N GLN A 23 1.05 5.73 12.98
CA GLN A 23 1.84 4.59 12.55
C GLN A 23 1.77 4.42 11.03
N ILE A 24 0.56 4.49 10.49
CA ILE A 24 0.36 4.35 9.05
C ILE A 24 1.27 5.30 8.27
N LYS A 25 1.10 6.59 8.51
CA LYS A 25 1.91 7.61 7.84
C LYS A 25 3.38 7.45 8.19
N LYS A 26 3.64 7.05 9.44
CA LYS A 26 5.02 6.86 9.90
C LYS A 26 5.73 5.79 9.07
N ALA A 27 5.03 4.68 8.83
CA ALA A 27 5.60 3.59 8.05
C ALA A 27 5.66 3.94 6.57
N PHE A 28 4.60 4.55 6.06
CA PHE A 28 4.53 4.94 4.66
C PHE A 28 5.65 5.92 4.32
N HIS A 29 5.66 7.06 5.01
CA HIS A 29 6.67 8.09 4.79
C HIS A 29 8.05 7.46 4.59
N LYS A 30 8.50 6.72 5.58
CA LYS A 30 9.80 6.05 5.51
C LYS A 30 9.91 5.18 4.25
N LEU A 31 8.87 4.39 4.00
CA LEU A 31 8.85 3.52 2.83
C LEU A 31 9.06 4.32 1.55
N ALA A 32 8.12 5.23 1.27
CA ALA A 32 8.21 6.07 0.08
C ALA A 32 9.65 6.48 -0.21
N MET A 33 10.40 6.77 0.85
CA MET A 33 11.80 7.17 0.72
C MET A 33 12.65 6.02 0.20
N LYS A 34 12.38 4.82 0.69
CA LYS A 34 13.12 3.63 0.28
C LYS A 34 12.80 3.27 -1.16
N TYR A 35 11.58 3.58 -1.60
CA TYR A 35 11.15 3.29 -2.96
C TYR A 35 10.90 4.57 -3.74
N HIS A 36 11.48 5.67 -3.27
CA HIS A 36 11.33 6.96 -3.91
C HIS A 36 12.05 6.99 -5.26
N PRO A 37 11.38 7.55 -6.28
CA PRO A 37 11.94 7.65 -7.64
C PRO A 37 13.10 8.64 -7.71
N ASP A 38 13.13 9.58 -6.78
CA ASP A 38 14.19 10.58 -6.75
C ASP A 38 15.44 10.02 -6.10
N LYS A 39 15.27 9.37 -4.95
CA LYS A 39 16.39 8.78 -4.23
C LYS A 39 16.82 7.47 -4.86
N ASN A 40 15.85 6.61 -5.15
CA ASN A 40 16.13 5.31 -5.75
C ASN A 40 16.60 5.47 -7.20
N LYS A 41 15.98 6.41 -7.91
CA LYS A 41 16.33 6.66 -9.30
C LYS A 41 16.37 5.37 -10.11
N SER A 42 15.32 4.57 -9.99
CA SER A 42 15.23 3.30 -10.71
C SER A 42 13.85 3.11 -11.31
N PRO A 43 13.79 2.36 -12.43
CA PRO A 43 12.54 2.09 -13.13
C PRO A 43 11.61 1.17 -12.34
N ASP A 44 12.17 0.11 -11.77
CA ASP A 44 11.40 -0.85 -10.99
C ASP A 44 10.91 -0.21 -9.70
N ALA A 45 11.75 0.63 -9.10
CA ALA A 45 11.39 1.30 -7.86
C ALA A 45 10.12 2.13 -8.03
N GLU A 46 10.06 2.92 -9.09
CA GLU A 46 8.89 3.76 -9.36
C GLU A 46 7.61 2.95 -9.22
N ALA A 47 7.59 1.76 -9.81
CA ALA A 47 6.42 0.90 -9.75
C ALA A 47 6.05 0.57 -8.31
N LYS A 48 7.03 0.07 -7.55
CA LYS A 48 6.80 -0.28 -6.16
C LYS A 48 6.10 0.84 -5.42
N PHE A 49 6.66 2.05 -5.50
CA PHE A 49 6.09 3.21 -4.84
C PHE A 49 4.61 3.37 -5.20
N ARG A 50 4.28 3.04 -6.45
CA ARG A 50 2.91 3.16 -6.93
C ARG A 50 1.96 2.33 -6.06
N GLU A 51 2.51 1.32 -5.39
CA GLU A 51 1.71 0.46 -4.53
C GLU A 51 1.76 0.94 -3.08
N ILE A 52 2.81 1.68 -2.75
CA ILE A 52 2.98 2.19 -1.39
C ILE A 52 2.03 3.37 -1.13
N ALA A 53 2.02 4.32 -2.06
CA ALA A 53 1.15 5.48 -1.93
C ALA A 53 -0.32 5.08 -1.85
N GLU A 54 -0.84 4.53 -2.95
CA GLU A 54 -2.23 4.10 -3.00
C GLU A 54 -2.65 3.46 -1.68
N ALA A 55 -1.77 2.64 -1.12
CA ALA A 55 -2.05 1.97 0.15
C ALA A 55 -2.28 2.98 1.27
N TYR A 56 -1.36 3.94 1.41
CA TYR A 56 -1.47 4.96 2.44
C TYR A 56 -2.69 5.84 2.20
N GLU A 57 -2.77 6.41 1.00
CA GLU A 57 -3.88 7.28 0.64
C GLU A 57 -5.19 6.77 1.24
N THR A 58 -5.41 5.46 1.12
CA THR A 58 -6.62 4.85 1.65
C THR A 58 -6.59 4.78 3.18
N LEU A 59 -5.43 4.44 3.72
CA LEU A 59 -5.27 4.35 5.17
C LEU A 59 -5.00 5.72 5.78
N SER A 60 -4.96 6.74 4.93
CA SER A 60 -4.71 8.10 5.38
C SER A 60 -6.01 8.80 5.74
N ASP A 61 -6.99 8.73 4.83
CA ASP A 61 -8.28 9.36 5.04
C ASP A 61 -9.13 8.53 6.00
N ALA A 62 -10.11 9.20 6.62
CA ALA A 62 -10.99 8.52 7.57
C ALA A 62 -11.89 7.52 6.87
N ASN A 63 -12.84 8.03 6.08
CA ASN A 63 -13.77 7.18 5.35
C ASN A 63 -13.03 6.11 4.55
N ARG A 64 -12.01 6.55 3.81
CA ARG A 64 -11.21 5.63 3.00
C ARG A 64 -10.70 4.46 3.84
N ARG A 65 -10.04 4.78 4.95
CA ARG A 65 -9.49 3.76 5.84
C ARG A 65 -10.61 3.03 6.57
N LYS A 66 -11.75 3.70 6.73
CA LYS A 66 -12.89 3.13 7.42
C LYS A 66 -13.55 2.05 6.56
N GLU A 67 -13.62 2.30 5.25
CA GLU A 67 -14.21 1.35 4.32
C GLU A 67 -13.27 0.18 4.04
N TYR A 68 -11.99 0.50 3.85
CA TYR A 68 -10.99 -0.52 3.58
C TYR A 68 -10.91 -1.54 4.72
N ASP A 69 -11.30 -1.10 5.91
CA ASP A 69 -11.28 -1.98 7.07
C ASP A 69 -12.62 -2.69 7.24
N THR A 70 -13.71 -1.92 7.16
CA THR A 70 -15.05 -2.46 7.31
C THR A 70 -15.40 -3.38 6.14
N LEU A 71 -14.75 -3.16 5.00
CA LEU A 71 -14.99 -3.97 3.81
C LEU A 71 -13.82 -4.92 3.56
N GLY A 72 -12.61 -4.37 3.57
CA GLY A 72 -11.43 -5.18 3.33
C GLY A 72 -10.64 -4.73 2.13
N HIS A 73 -10.12 -5.69 1.36
CA HIS A 73 -9.34 -5.37 0.17
C HIS A 73 -10.05 -5.84 -1.09
N SER A 74 -10.44 -7.11 -1.11
CA SER A 74 -11.11 -7.69 -2.25
C SER A 74 -12.46 -7.00 -2.49
N ALA A 75 -13.13 -6.64 -1.41
CA ALA A 75 -14.42 -5.97 -1.50
C ALA A 75 -14.24 -4.47 -1.72
N PHE A 76 -13.64 -3.80 -0.75
CA PHE A 76 -13.40 -2.36 -0.83
C PHE A 76 -12.94 -1.96 -2.24
N THR A 77 -11.92 -2.66 -2.74
CA THR A 77 -11.38 -2.39 -4.06
C THR A 77 -11.43 -3.63 -4.94
N SER A 78 -12.61 -3.92 -5.49
CA SER A 78 -12.79 -5.08 -6.35
C SER A 78 -12.44 -4.75 -7.79
N GLY A 79 -11.53 -5.52 -8.38
CA GLY A 79 -11.12 -5.29 -9.75
C GLY A 79 -9.98 -4.31 -9.86
N LYS A 80 -8.98 -4.46 -8.99
CA LYS A 80 -7.82 -3.58 -8.99
C LYS A 80 -6.55 -4.35 -8.64
N GLY A 81 -5.44 -3.97 -9.27
CA GLY A 81 -4.18 -4.62 -8.99
C GLY A 81 -3.55 -5.21 -10.24
N GLN A 82 -4.37 -5.82 -11.08
CA GLN A 82 -3.90 -6.42 -12.33
C GLN A 82 -2.99 -5.46 -13.08
N SER A 83 -3.41 -4.21 -13.19
CA SER A 83 -2.64 -3.20 -13.89
C SER A 83 -1.31 -2.95 -13.20
N GLY A 84 -0.22 -3.39 -13.82
CA GLY A 84 1.10 -3.21 -13.25
C GLY A 84 2.21 -3.53 -14.24
N PRO A 85 3.40 -3.84 -13.72
CA PRO A 85 4.56 -4.17 -14.53
C PRO A 85 4.42 -5.53 -15.23
N SER A 86 3.83 -5.51 -16.42
CA SER A 86 3.62 -6.73 -17.19
C SER A 86 4.52 -6.75 -18.42
N SER A 87 5.31 -7.80 -18.55
CA SER A 87 6.22 -7.95 -19.68
C SER A 87 5.63 -8.88 -20.73
N GLY A 88 5.16 -10.04 -20.29
CA GLY A 88 4.58 -11.01 -21.20
C GLY A 88 3.06 -11.03 -21.15
N GLY A 1 -4.84 -15.34 -5.11
CA GLY A 1 -4.52 -13.93 -5.06
C GLY A 1 -4.13 -13.38 -6.40
N SER A 2 -4.23 -12.06 -6.55
CA SER A 2 -3.88 -11.41 -7.81
C SER A 2 -2.38 -11.12 -7.88
N SER A 3 -1.89 -10.29 -6.95
CA SER A 3 -0.48 -9.95 -6.91
C SER A 3 0.23 -10.68 -5.78
N GLY A 4 -0.49 -11.58 -5.13
CA GLY A 4 0.08 -12.34 -4.04
C GLY A 4 0.80 -11.46 -3.03
N SER A 5 2.11 -11.30 -3.21
CA SER A 5 2.91 -10.48 -2.31
C SER A 5 2.12 -9.25 -1.84
N SER A 6 1.95 -8.29 -2.74
CA SER A 6 1.22 -7.07 -2.42
C SER A 6 0.03 -7.38 -1.50
N GLY A 7 -0.92 -8.14 -2.02
CA GLY A 7 -2.09 -8.48 -1.23
C GLY A 7 -2.85 -7.27 -0.74
N SER A 8 -2.87 -7.09 0.58
CA SER A 8 -3.56 -5.96 1.18
C SER A 8 -2.58 -4.84 1.52
N TYR A 9 -3.09 -3.61 1.58
CA TYR A 9 -2.26 -2.45 1.88
C TYR A 9 -1.43 -2.69 3.14
N TYR A 10 -2.10 -3.09 4.21
CA TYR A 10 -1.42 -3.35 5.48
C TYR A 10 -0.10 -4.09 5.25
N ASP A 11 -0.07 -4.90 4.20
CA ASP A 11 1.13 -5.67 3.86
C ASP A 11 2.12 -4.81 3.06
N ILE A 12 1.62 -4.13 2.05
CA ILE A 12 2.45 -3.28 1.21
C ILE A 12 3.14 -2.20 2.03
N LEU A 13 2.37 -1.55 2.90
CA LEU A 13 2.91 -0.49 3.75
C LEU A 13 3.69 -1.09 4.92
N GLY A 14 3.18 -2.17 5.49
CA GLY A 14 3.85 -2.82 6.60
C GLY A 14 3.29 -2.39 7.95
N VAL A 15 1.98 -2.19 7.99
CA VAL A 15 1.31 -1.77 9.22
C VAL A 15 0.21 -2.76 9.61
N PRO A 16 -0.07 -2.85 10.91
CA PRO A 16 -1.11 -3.73 11.44
C PRO A 16 -2.51 -3.28 11.06
N LYS A 17 -3.47 -4.21 11.12
CA LYS A 17 -4.85 -3.90 10.79
C LYS A 17 -5.40 -2.80 11.70
N SER A 18 -4.89 -2.75 12.93
CA SER A 18 -5.33 -1.75 13.89
C SER A 18 -4.27 -0.66 14.06
N ALA A 19 -3.40 -0.52 13.07
CA ALA A 19 -2.35 0.49 13.11
C ALA A 19 -2.93 1.88 13.33
N SER A 20 -2.23 2.69 14.12
CA SER A 20 -2.68 4.04 14.42
C SER A 20 -2.30 5.00 13.29
N GLU A 21 -3.13 6.01 13.08
CA GLU A 21 -2.89 6.99 12.03
C GLU A 21 -1.40 7.34 11.95
N ARG A 22 -0.80 7.63 13.10
CA ARG A 22 0.61 7.99 13.15
C ARG A 22 1.47 6.86 12.58
N GLN A 23 1.09 5.63 12.89
CA GLN A 23 1.83 4.46 12.42
C GLN A 23 1.77 4.35 10.91
N ILE A 24 0.59 4.60 10.34
CA ILE A 24 0.41 4.54 8.89
C ILE A 24 1.26 5.59 8.19
N LYS A 25 1.02 6.86 8.51
CA LYS A 25 1.77 7.95 7.90
C LYS A 25 3.27 7.72 8.04
N LYS A 26 3.69 7.22 9.20
CA LYS A 26 5.10 6.96 9.45
C LYS A 26 5.61 5.83 8.57
N ALA A 27 4.87 4.72 8.54
CA ALA A 27 5.24 3.57 7.73
C ALA A 27 5.31 3.93 6.25
N PHE A 28 4.38 4.77 5.81
CA PHE A 28 4.33 5.19 4.41
C PHE A 28 5.47 6.16 4.10
N HIS A 29 5.51 7.27 4.83
CA HIS A 29 6.55 8.27 4.62
C HIS A 29 7.92 7.61 4.49
N LYS A 30 8.36 6.93 5.55
CA LYS A 30 9.65 6.26 5.55
C LYS A 30 9.82 5.42 4.29
N LEU A 31 8.82 4.60 3.98
CA LEU A 31 8.86 3.75 2.80
C LEU A 31 9.09 4.57 1.54
N ALA A 32 8.11 5.40 1.20
CA ALA A 32 8.21 6.25 0.02
C ALA A 32 9.65 6.69 -0.23
N MET A 33 10.37 6.96 0.85
CA MET A 33 11.76 7.38 0.75
C MET A 33 12.64 6.26 0.20
N LYS A 34 12.49 5.07 0.76
CA LYS A 34 13.25 3.91 0.32
C LYS A 34 12.92 3.56 -1.12
N TYR A 35 11.68 3.80 -1.52
CA TYR A 35 11.24 3.51 -2.87
C TYR A 35 10.98 4.79 -3.66
N HIS A 36 11.54 5.90 -3.18
CA HIS A 36 11.38 7.19 -3.84
C HIS A 36 12.08 7.20 -5.19
N PRO A 37 11.39 7.72 -6.22
CA PRO A 37 11.94 7.81 -7.57
C PRO A 37 13.05 8.84 -7.69
N ASP A 38 12.99 9.87 -6.84
CA ASP A 38 14.01 10.92 -6.85
C ASP A 38 15.29 10.44 -6.17
N LYS A 39 15.14 9.91 -4.96
CA LYS A 39 16.29 9.42 -4.20
C LYS A 39 16.78 8.09 -4.75
N ASN A 40 15.84 7.19 -5.03
CA ASN A 40 16.18 5.88 -5.58
C ASN A 40 16.37 5.95 -7.09
N LYS A 41 17.38 5.24 -7.58
CA LYS A 41 17.67 5.22 -9.01
C LYS A 41 17.52 3.81 -9.58
N SER A 42 16.28 3.36 -9.71
CA SER A 42 16.01 2.03 -10.24
C SER A 42 14.66 1.99 -10.95
N PRO A 43 14.55 1.12 -11.97
CA PRO A 43 13.32 0.97 -12.76
C PRO A 43 12.19 0.34 -11.95
N ASP A 44 12.55 -0.47 -10.95
CA ASP A 44 11.58 -1.14 -10.12
C ASP A 44 11.09 -0.21 -9.01
N ALA A 45 11.97 0.66 -8.54
CA ALA A 45 11.64 1.60 -7.48
C ALA A 45 10.38 2.39 -7.82
N GLU A 46 10.37 3.00 -9.00
CA GLU A 46 9.23 3.78 -9.45
C GLU A 46 7.93 3.00 -9.26
N ALA A 47 7.92 1.77 -9.75
CA ALA A 47 6.74 0.92 -9.64
C ALA A 47 6.40 0.63 -8.18
N LYS A 48 7.41 0.25 -7.41
CA LYS A 48 7.22 -0.05 -5.99
C LYS A 48 6.37 1.01 -5.32
N PHE A 49 6.81 2.27 -5.42
CA PHE A 49 6.09 3.38 -4.82
C PHE A 49 4.63 3.39 -5.27
N ARG A 50 4.42 3.11 -6.54
CA ARG A 50 3.07 3.08 -7.11
C ARG A 50 2.15 2.18 -6.28
N GLU A 51 2.75 1.25 -5.55
CA GLU A 51 1.99 0.32 -4.72
C GLU A 51 1.92 0.81 -3.27
N ILE A 52 2.92 1.59 -2.87
CA ILE A 52 2.97 2.12 -1.52
C ILE A 52 1.99 3.27 -1.34
N ALA A 53 1.96 4.17 -2.31
CA ALA A 53 1.06 5.32 -2.28
C ALA A 53 -0.39 4.87 -2.23
N GLU A 54 -0.85 4.24 -3.31
CA GLU A 54 -2.22 3.76 -3.40
C GLU A 54 -2.65 3.08 -2.10
N ALA A 55 -1.73 2.33 -1.51
CA ALA A 55 -2.00 1.62 -0.26
C ALA A 55 -2.24 2.61 0.89
N TYR A 56 -1.42 3.65 0.93
CA TYR A 56 -1.53 4.67 1.99
C TYR A 56 -2.79 5.51 1.78
N GLU A 57 -2.97 6.03 0.58
CA GLU A 57 -4.13 6.85 0.26
C GLU A 57 -5.37 6.36 1.02
N THR A 58 -5.62 5.06 0.95
CA THR A 58 -6.78 4.48 1.62
C THR A 58 -6.62 4.54 3.14
N LEU A 59 -5.46 4.10 3.63
CA LEU A 59 -5.18 4.12 5.06
C LEU A 59 -4.69 5.49 5.50
N SER A 60 -4.89 6.49 4.65
CA SER A 60 -4.48 7.85 4.96
C SER A 60 -5.63 8.65 5.57
N ASP A 61 -6.76 8.67 4.88
CA ASP A 61 -7.93 9.39 5.36
C ASP A 61 -8.66 8.59 6.43
N ALA A 62 -9.73 9.18 6.98
CA ALA A 62 -10.51 8.52 8.01
C ALA A 62 -11.51 7.54 7.41
N ASN A 63 -12.50 8.08 6.69
CA ASN A 63 -13.52 7.26 6.05
C ASN A 63 -12.88 6.18 5.17
N ARG A 64 -11.93 6.59 4.33
CA ARG A 64 -11.25 5.66 3.45
C ARG A 64 -10.71 4.47 4.22
N ARG A 65 -9.96 4.75 5.29
CA ARG A 65 -9.38 3.70 6.11
C ARG A 65 -10.45 2.98 6.92
N LYS A 66 -11.54 3.68 7.20
CA LYS A 66 -12.65 3.10 7.95
C LYS A 66 -13.40 2.06 7.13
N GLU A 67 -13.55 2.34 5.84
CA GLU A 67 -14.25 1.42 4.94
C GLU A 67 -13.36 0.25 4.56
N TYR A 68 -12.06 0.52 4.39
CA TYR A 68 -11.11 -0.52 4.03
C TYR A 68 -11.02 -1.58 5.12
N ASP A 69 -11.43 -1.22 6.33
CA ASP A 69 -11.40 -2.14 7.46
C ASP A 69 -12.75 -2.83 7.64
N THR A 70 -13.83 -2.10 7.35
CA THR A 70 -15.18 -2.63 7.47
C THR A 70 -15.57 -3.45 6.25
N LEU A 71 -14.88 -3.18 5.14
CA LEU A 71 -15.16 -3.89 3.89
C LEU A 71 -14.03 -4.86 3.55
N GLY A 72 -12.79 -4.38 3.65
CA GLY A 72 -11.64 -5.21 3.35
C GLY A 72 -10.88 -4.72 2.13
N HIS A 73 -10.40 -5.66 1.32
CA HIS A 73 -9.64 -5.32 0.12
C HIS A 73 -10.29 -5.94 -1.12
N SER A 74 -11.11 -6.96 -0.91
CA SER A 74 -11.79 -7.64 -2.01
C SER A 74 -13.08 -6.92 -2.38
N ALA A 75 -13.64 -6.19 -1.42
CA ALA A 75 -14.88 -5.45 -1.65
C ALA A 75 -14.59 -3.96 -1.82
N PHE A 76 -14.01 -3.34 -0.79
CA PHE A 76 -13.69 -1.92 -0.84
C PHE A 76 -13.15 -1.53 -2.20
N THR A 77 -12.05 -2.16 -2.60
CA THR A 77 -11.42 -1.87 -3.88
C THR A 77 -11.72 -2.97 -4.89
N SER A 78 -11.65 -4.22 -4.45
CA SER A 78 -11.91 -5.36 -5.31
C SER A 78 -11.01 -5.33 -6.55
N GLY A 79 -9.70 -5.19 -6.31
CA GLY A 79 -8.75 -5.14 -7.41
C GLY A 79 -8.30 -6.53 -7.83
N LYS A 80 -9.06 -7.16 -8.71
CA LYS A 80 -8.72 -8.49 -9.19
C LYS A 80 -8.83 -8.56 -10.72
N GLY A 81 -7.94 -9.33 -11.33
CA GLY A 81 -7.96 -9.46 -12.78
C GLY A 81 -6.57 -9.51 -13.38
N GLN A 82 -6.19 -8.43 -14.07
CA GLN A 82 -4.88 -8.35 -14.70
C GLN A 82 -3.80 -8.86 -13.75
N SER A 83 -2.93 -9.73 -14.27
CA SER A 83 -1.86 -10.31 -13.47
C SER A 83 -0.49 -9.92 -14.05
N GLY A 84 0.50 -9.82 -13.18
CA GLY A 84 1.84 -9.46 -13.61
C GLY A 84 2.90 -10.39 -13.06
N PRO A 85 3.93 -10.68 -13.87
CA PRO A 85 5.03 -11.57 -13.48
C PRO A 85 5.93 -10.94 -12.41
N SER A 86 5.62 -9.70 -12.05
CA SER A 86 6.39 -8.98 -11.05
C SER A 86 6.84 -9.91 -9.93
N SER A 87 8.15 -9.96 -9.69
CA SER A 87 8.71 -10.83 -8.66
C SER A 87 8.97 -10.04 -7.38
N GLY A 88 9.77 -8.98 -7.50
CA GLY A 88 10.09 -8.15 -6.35
C GLY A 88 10.93 -8.89 -5.32
N GLY A 1 15.60 -16.16 -1.28
CA GLY A 1 15.87 -14.81 -0.82
C GLY A 1 14.61 -14.01 -0.59
N SER A 2 14.68 -12.70 -0.83
CA SER A 2 13.53 -11.83 -0.63
C SER A 2 12.39 -12.20 -1.57
N SER A 3 11.17 -12.17 -1.06
CA SER A 3 9.99 -12.52 -1.85
C SER A 3 8.91 -11.44 -1.71
N GLY A 4 7.90 -11.52 -2.56
CA GLY A 4 6.81 -10.56 -2.52
C GLY A 4 5.63 -11.05 -1.70
N SER A 5 4.71 -11.73 -2.35
CA SER A 5 3.52 -12.25 -1.67
C SER A 5 2.68 -11.13 -1.09
N SER A 6 2.54 -10.04 -1.85
CA SER A 6 1.77 -8.90 -1.42
C SER A 6 0.27 -9.12 -1.65
N GLY A 7 -0.54 -8.57 -0.75
CA GLY A 7 -1.98 -8.72 -0.88
C GLY A 7 -2.74 -7.46 -0.49
N SER A 8 -2.84 -7.23 0.82
CA SER A 8 -3.54 -6.06 1.33
C SER A 8 -2.55 -4.95 1.69
N TYR A 9 -3.04 -3.71 1.66
CA TYR A 9 -2.21 -2.56 1.96
C TYR A 9 -1.33 -2.83 3.19
N TYR A 10 -1.97 -3.15 4.31
CA TYR A 10 -1.26 -3.43 5.55
C TYR A 10 0.07 -4.13 5.26
N ASP A 11 0.08 -4.98 4.24
CA ASP A 11 1.29 -5.70 3.86
C ASP A 11 2.24 -4.80 3.07
N ILE A 12 1.71 -4.14 2.04
CA ILE A 12 2.51 -3.25 1.22
C ILE A 12 3.17 -2.15 2.06
N LEU A 13 2.44 -1.68 3.07
CA LEU A 13 2.96 -0.64 3.95
C LEU A 13 3.75 -1.24 5.10
N GLY A 14 3.32 -2.41 5.57
CA GLY A 14 4.01 -3.08 6.66
C GLY A 14 3.45 -2.69 8.01
N VAL A 15 2.16 -2.37 8.05
CA VAL A 15 1.50 -1.98 9.29
C VAL A 15 0.44 -3.00 9.69
N PRO A 16 0.13 -3.04 11.00
CA PRO A 16 -0.86 -3.97 11.55
C PRO A 16 -2.29 -3.58 11.13
N LYS A 17 -3.22 -4.51 11.34
CA LYS A 17 -4.62 -4.26 10.99
C LYS A 17 -5.22 -3.17 11.87
N SER A 18 -4.61 -2.96 13.04
CA SER A 18 -5.09 -1.95 13.97
C SER A 18 -4.12 -0.77 14.05
N ALA A 19 -3.26 -0.67 13.05
CA ALA A 19 -2.27 0.41 13.00
C ALA A 19 -2.95 1.77 13.09
N SER A 20 -2.42 2.63 13.96
CA SER A 20 -2.98 3.97 14.15
C SER A 20 -2.55 4.90 13.02
N GLU A 21 -3.41 5.87 12.71
CA GLU A 21 -3.12 6.84 11.65
C GLU A 21 -1.66 7.27 11.69
N ARG A 22 -1.17 7.56 12.89
CA ARG A 22 0.21 7.99 13.07
C ARG A 22 1.18 6.88 12.67
N GLN A 23 0.80 5.63 12.94
CA GLN A 23 1.63 4.48 12.61
C GLN A 23 1.67 4.26 11.10
N ILE A 24 0.51 4.35 10.46
CA ILE A 24 0.42 4.16 9.02
C ILE A 24 1.29 5.16 8.28
N LYS A 25 0.96 6.45 8.41
CA LYS A 25 1.71 7.50 7.75
C LYS A 25 3.18 7.44 8.13
N LYS A 26 3.46 6.97 9.34
CA LYS A 26 4.83 6.86 9.82
C LYS A 26 5.60 5.79 9.04
N ALA A 27 5.02 4.60 8.95
CA ALA A 27 5.64 3.50 8.23
C ALA A 27 5.71 3.80 6.73
N PHE A 28 4.64 4.39 6.20
CA PHE A 28 4.58 4.72 4.79
C PHE A 28 5.65 5.74 4.42
N HIS A 29 5.60 6.91 5.08
CA HIS A 29 6.55 7.96 4.82
C HIS A 29 7.97 7.40 4.62
N LYS A 30 8.49 6.75 5.65
CA LYS A 30 9.81 6.16 5.59
C LYS A 30 9.97 5.29 4.34
N LEU A 31 8.98 4.44 4.10
CA LEU A 31 9.00 3.55 2.94
C LEU A 31 9.14 4.34 1.65
N ALA A 32 8.14 5.17 1.36
CA ALA A 32 8.16 5.99 0.16
C ALA A 32 9.56 6.49 -0.15
N MET A 33 10.30 6.83 0.90
CA MET A 33 11.66 7.32 0.75
C MET A 33 12.59 6.24 0.19
N LYS A 34 12.43 5.02 0.71
CA LYS A 34 13.25 3.90 0.27
C LYS A 34 12.94 3.53 -1.18
N TYR A 35 11.67 3.69 -1.56
CA TYR A 35 11.25 3.37 -2.92
C TYR A 35 10.88 4.65 -3.68
N HIS A 36 11.38 5.78 -3.21
CA HIS A 36 11.11 7.07 -3.84
C HIS A 36 11.75 7.13 -5.24
N PRO A 37 11.00 7.71 -6.19
CA PRO A 37 11.46 7.85 -7.57
C PRO A 37 12.60 8.85 -7.71
N ASP A 38 12.47 9.98 -7.03
CA ASP A 38 13.49 11.02 -7.07
C ASP A 38 14.81 10.51 -6.49
N LYS A 39 14.76 10.00 -5.27
CA LYS A 39 15.96 9.49 -4.61
C LYS A 39 16.47 8.23 -5.32
N ASN A 40 15.58 7.26 -5.51
CA ASN A 40 15.95 6.02 -6.17
C ASN A 40 16.16 6.24 -7.67
N LYS A 41 17.34 5.87 -8.15
CA LYS A 41 17.67 6.03 -9.56
C LYS A 41 17.45 4.73 -10.32
N SER A 42 16.40 4.01 -9.96
CA SER A 42 16.07 2.74 -10.61
C SER A 42 14.64 2.75 -11.14
N PRO A 43 14.39 1.96 -12.20
CA PRO A 43 13.07 1.86 -12.82
C PRO A 43 12.06 1.15 -11.93
N ASP A 44 12.48 0.02 -11.37
CA ASP A 44 11.61 -0.76 -10.50
C ASP A 44 11.10 0.09 -9.33
N ALA A 45 12.00 0.87 -8.74
CA ALA A 45 11.64 1.73 -7.62
C ALA A 45 10.36 2.51 -7.92
N GLU A 46 10.35 3.23 -9.04
CA GLU A 46 9.20 4.02 -9.42
C GLU A 46 7.92 3.20 -9.32
N ALA A 47 7.97 1.95 -9.79
CA ALA A 47 6.82 1.07 -9.75
C ALA A 47 6.44 0.73 -8.30
N LYS A 48 7.41 0.25 -7.54
CA LYS A 48 7.19 -0.11 -6.15
C LYS A 48 6.40 0.98 -5.43
N PHE A 49 6.87 2.21 -5.56
CA PHE A 49 6.21 3.35 -4.91
C PHE A 49 4.75 3.44 -5.34
N ARG A 50 4.46 2.97 -6.55
CA ARG A 50 3.11 3.01 -7.08
C ARG A 50 2.18 2.10 -6.26
N GLU A 51 2.77 1.21 -5.48
CA GLU A 51 2.00 0.29 -4.64
C GLU A 51 1.98 0.76 -3.19
N ILE A 52 2.99 1.53 -2.82
CA ILE A 52 3.09 2.05 -1.45
C ILE A 52 2.13 3.21 -1.24
N ALA A 53 2.11 4.15 -2.19
CA ALA A 53 1.24 5.31 -2.10
C ALA A 53 -0.23 4.89 -2.06
N GLU A 54 -0.68 4.25 -3.13
CA GLU A 54 -2.07 3.80 -3.22
C GLU A 54 -2.50 3.10 -1.93
N ALA A 55 -1.57 2.38 -1.33
CA ALA A 55 -1.84 1.67 -0.09
C ALA A 55 -2.12 2.63 1.06
N TYR A 56 -1.33 3.69 1.13
CA TYR A 56 -1.48 4.70 2.17
C TYR A 56 -2.71 5.58 1.92
N GLU A 57 -2.78 6.13 0.70
CA GLU A 57 -3.89 6.99 0.33
C GLU A 57 -5.19 6.52 0.99
N THR A 58 -5.37 5.20 1.04
CA THR A 58 -6.57 4.62 1.64
C THR A 58 -6.49 4.64 3.16
N LEU A 59 -5.39 4.12 3.69
CA LEU A 59 -5.19 4.07 5.14
C LEU A 59 -4.78 5.45 5.68
N SER A 60 -4.78 6.44 4.80
CA SER A 60 -4.41 7.80 5.18
C SER A 60 -5.64 8.62 5.54
N ASP A 61 -6.61 8.63 4.64
CA ASP A 61 -7.86 9.37 4.87
C ASP A 61 -8.74 8.66 5.88
N ALA A 62 -9.66 9.40 6.48
CA ALA A 62 -10.57 8.84 7.48
C ALA A 62 -11.61 7.93 6.81
N ASN A 63 -12.53 8.53 6.09
CA ASN A 63 -13.58 7.77 5.41
C ASN A 63 -12.98 6.61 4.60
N ARG A 64 -11.91 6.91 3.87
CA ARG A 64 -11.24 5.90 3.05
C ARG A 64 -10.78 4.73 3.92
N ARG A 65 -9.98 5.02 4.93
CA ARG A 65 -9.47 4.00 5.83
C ARG A 65 -10.61 3.31 6.58
N LYS A 66 -11.68 4.05 6.80
CA LYS A 66 -12.85 3.51 7.51
C LYS A 66 -13.53 2.42 6.68
N GLU A 67 -13.81 2.73 5.42
CA GLU A 67 -14.46 1.77 4.53
C GLU A 67 -13.55 0.57 4.26
N TYR A 68 -12.25 0.84 4.13
CA TYR A 68 -11.28 -0.22 3.87
C TYR A 68 -11.18 -1.16 5.07
N ASP A 69 -11.74 -0.74 6.19
CA ASP A 69 -11.71 -1.55 7.41
C ASP A 69 -13.05 -2.24 7.64
N THR A 70 -14.13 -1.53 7.37
CA THR A 70 -15.47 -2.06 7.54
C THR A 70 -15.84 -3.02 6.40
N LEU A 71 -15.13 -2.89 5.29
CA LEU A 71 -15.38 -3.74 4.13
C LEU A 71 -14.26 -4.75 3.95
N GLY A 72 -13.02 -4.28 4.05
CA GLY A 72 -11.88 -5.16 3.89
C GLY A 72 -10.97 -4.73 2.75
N HIS A 73 -10.44 -5.72 2.02
CA HIS A 73 -9.55 -5.43 0.90
C HIS A 73 -10.17 -5.90 -0.42
N SER A 74 -10.69 -7.13 -0.43
CA SER A 74 -11.30 -7.68 -1.62
C SER A 74 -12.65 -7.02 -1.90
N ALA A 75 -13.33 -6.62 -0.83
CA ALA A 75 -14.62 -5.96 -0.97
C ALA A 75 -14.47 -4.46 -1.21
N PHE A 76 -13.68 -3.81 -0.35
CA PHE A 76 -13.44 -2.38 -0.47
C PHE A 76 -12.93 -2.02 -1.87
N THR A 77 -12.42 -3.03 -2.58
CA THR A 77 -11.90 -2.82 -3.92
C THR A 77 -12.90 -3.26 -4.97
N SER A 78 -14.12 -2.74 -4.87
CA SER A 78 -15.18 -3.08 -5.83
C SER A 78 -15.88 -1.81 -6.33
N GLY A 79 -16.44 -1.90 -7.53
CA GLY A 79 -17.12 -0.76 -8.11
C GLY A 79 -16.60 -0.40 -9.49
N LYS A 80 -15.30 -0.21 -9.60
CA LYS A 80 -14.67 0.14 -10.88
C LYS A 80 -14.59 -1.08 -11.78
N GLY A 81 -14.00 -2.16 -11.28
CA GLY A 81 -13.88 -3.38 -12.05
C GLY A 81 -13.42 -4.55 -11.23
N GLN A 82 -12.18 -4.99 -11.45
CA GLN A 82 -11.63 -6.12 -10.72
C GLN A 82 -10.23 -5.79 -10.20
N SER A 83 -10.07 -5.84 -8.87
CA SER A 83 -8.79 -5.54 -8.25
C SER A 83 -8.05 -6.83 -7.89
N GLY A 84 -6.74 -6.73 -7.72
CA GLY A 84 -5.94 -7.89 -7.38
C GLY A 84 -4.69 -8.00 -8.22
N PRO A 85 -3.63 -7.29 -7.82
CA PRO A 85 -2.35 -7.29 -8.54
C PRO A 85 -1.62 -8.63 -8.40
N SER A 86 -0.96 -9.05 -9.48
CA SER A 86 -0.22 -10.31 -9.47
C SER A 86 1.15 -10.14 -8.81
N SER A 87 1.30 -10.70 -7.63
CA SER A 87 2.55 -10.61 -6.88
C SER A 87 3.22 -9.27 -7.12
N GLY A 88 2.44 -8.19 -7.08
CA GLY A 88 2.98 -6.87 -7.29
C GLY A 88 4.37 -6.70 -6.69
N GLY A 1 6.71 -12.04 10.10
CA GLY A 1 7.96 -12.64 9.69
C GLY A 1 8.61 -11.90 8.54
N SER A 2 8.46 -12.43 7.33
CA SER A 2 9.04 -11.81 6.14
C SER A 2 8.00 -11.66 5.04
N SER A 3 8.31 -10.82 4.06
CA SER A 3 7.40 -10.58 2.94
C SER A 3 7.27 -11.82 2.07
N GLY A 4 6.12 -11.95 1.40
CA GLY A 4 5.89 -13.09 0.54
C GLY A 4 5.13 -12.72 -0.72
N SER A 5 3.92 -12.22 -0.56
CA SER A 5 3.09 -11.84 -1.70
C SER A 5 2.26 -10.60 -1.36
N SER A 6 2.29 -9.61 -2.26
CA SER A 6 1.54 -8.38 -2.05
C SER A 6 0.04 -8.65 -2.03
N GLY A 7 -0.72 -7.68 -1.52
CA GLY A 7 -2.16 -7.84 -1.45
C GLY A 7 -2.83 -6.67 -0.74
N SER A 8 -3.07 -6.83 0.55
CA SER A 8 -3.70 -5.79 1.34
C SER A 8 -2.71 -4.69 1.72
N TYR A 9 -3.17 -3.45 1.69
CA TYR A 9 -2.32 -2.31 2.02
C TYR A 9 -1.44 -2.63 3.24
N TYR A 10 -2.09 -2.87 4.38
CA TYR A 10 -1.38 -3.17 5.61
C TYR A 10 -0.11 -3.98 5.31
N ASP A 11 -0.18 -4.82 4.29
CA ASP A 11 0.96 -5.66 3.91
C ASP A 11 1.97 -4.85 3.10
N ILE A 12 1.48 -4.15 2.09
CA ILE A 12 2.35 -3.33 1.24
C ILE A 12 3.07 -2.27 2.06
N LEU A 13 2.36 -1.67 3.01
CA LEU A 13 2.94 -0.64 3.86
C LEU A 13 3.76 -1.26 4.99
N GLY A 14 3.25 -2.35 5.55
CA GLY A 14 3.96 -3.03 6.63
C GLY A 14 3.46 -2.61 8.00
N VAL A 15 2.15 -2.39 8.11
CA VAL A 15 1.54 -1.97 9.36
C VAL A 15 0.46 -2.96 9.80
N PRO A 16 0.19 -3.01 11.11
CA PRO A 16 -0.83 -3.89 11.69
C PRO A 16 -2.24 -3.46 11.31
N LYS A 17 -3.19 -4.39 11.45
CA LYS A 17 -4.58 -4.10 11.14
C LYS A 17 -5.13 -3.01 12.03
N SER A 18 -4.56 -2.87 13.23
CA SER A 18 -4.99 -1.86 14.18
C SER A 18 -4.05 -0.66 14.16
N ALA A 19 -3.22 -0.59 13.13
CA ALA A 19 -2.28 0.52 12.99
C ALA A 19 -2.99 1.86 13.07
N SER A 20 -2.46 2.75 13.90
CA SER A 20 -3.04 4.08 14.07
C SER A 20 -2.58 5.03 12.97
N GLU A 21 -3.41 6.02 12.67
CA GLU A 21 -3.09 6.99 11.64
C GLU A 21 -1.61 7.34 11.65
N ARG A 22 -1.10 7.68 12.84
CA ARG A 22 0.31 8.03 13.00
C ARG A 22 1.21 6.89 12.52
N GLN A 23 0.83 5.67 12.87
CA GLN A 23 1.61 4.49 12.48
C GLN A 23 1.65 4.35 10.96
N ILE A 24 0.49 4.50 10.33
CA ILE A 24 0.39 4.38 8.88
C ILE A 24 1.24 5.45 8.17
N LYS A 25 1.13 6.68 8.66
CA LYS A 25 1.89 7.79 8.09
C LYS A 25 3.38 7.49 8.09
N LYS A 26 3.92 7.22 9.27
CA LYS A 26 5.34 6.91 9.42
C LYS A 26 5.73 5.72 8.53
N ALA A 27 4.89 4.71 8.52
CA ALA A 27 5.14 3.51 7.72
C ALA A 27 5.24 3.86 6.23
N PHE A 28 4.35 4.72 5.78
CA PHE A 28 4.34 5.14 4.38
C PHE A 28 5.52 6.05 4.07
N HIS A 29 5.62 7.15 4.81
CA HIS A 29 6.70 8.11 4.62
C HIS A 29 8.03 7.39 4.41
N LYS A 30 8.50 6.72 5.47
CA LYS A 30 9.76 5.99 5.41
C LYS A 30 9.85 5.15 4.13
N LEU A 31 8.80 4.37 3.88
CA LEU A 31 8.76 3.52 2.69
C LEU A 31 9.02 4.34 1.43
N ALA A 32 8.12 5.27 1.13
CA ALA A 32 8.26 6.12 -0.04
C ALA A 32 9.71 6.50 -0.27
N MET A 33 10.46 6.69 0.81
CA MET A 33 11.86 7.07 0.71
C MET A 33 12.70 5.90 0.19
N LYS A 34 12.39 4.70 0.67
CA LYS A 34 13.12 3.50 0.25
C LYS A 34 12.83 3.18 -1.22
N TYR A 35 11.63 3.56 -1.67
CA TYR A 35 11.24 3.31 -3.05
C TYR A 35 11.01 4.62 -3.80
N HIS A 36 11.60 5.70 -3.29
CA HIS A 36 11.45 7.01 -3.90
C HIS A 36 12.15 7.05 -5.26
N PRO A 37 11.47 7.66 -6.25
CA PRO A 37 12.00 7.77 -7.62
C PRO A 37 13.18 8.73 -7.69
N ASP A 38 13.25 9.67 -6.77
CA ASP A 38 14.34 10.64 -6.72
C ASP A 38 15.56 10.06 -6.01
N LYS A 39 15.35 9.51 -4.83
CA LYS A 39 16.43 8.92 -4.05
C LYS A 39 16.93 7.62 -4.70
N ASN A 40 15.99 6.80 -5.15
CA ASN A 40 16.32 5.53 -5.79
C ASN A 40 16.65 5.73 -7.26
N LYS A 41 17.74 5.11 -7.70
CA LYS A 41 18.17 5.22 -9.09
C LYS A 41 17.77 3.97 -9.89
N SER A 42 16.66 3.35 -9.49
CA SER A 42 16.18 2.15 -10.15
C SER A 42 14.83 2.40 -10.81
N PRO A 43 14.61 1.78 -11.97
CA PRO A 43 13.35 1.92 -12.73
C PRO A 43 12.18 1.23 -12.03
N ASP A 44 12.47 0.12 -11.36
CA ASP A 44 11.45 -0.64 -10.65
C ASP A 44 10.94 0.13 -9.44
N ALA A 45 11.85 0.86 -8.78
CA ALA A 45 11.50 1.65 -7.61
C ALA A 45 10.22 2.43 -7.84
N GLU A 46 10.17 3.16 -8.96
CA GLU A 46 9.00 3.97 -9.28
C GLU A 46 7.71 3.15 -9.14
N ALA A 47 7.73 1.94 -9.68
CA ALA A 47 6.57 1.05 -9.61
C ALA A 47 6.20 0.75 -8.16
N LYS A 48 7.18 0.32 -7.38
CA LYS A 48 6.95 0.00 -5.97
C LYS A 48 6.15 1.10 -5.29
N PHE A 49 6.66 2.32 -5.36
CA PHE A 49 5.99 3.47 -4.74
C PHE A 49 4.52 3.53 -5.15
N ARG A 50 4.27 3.26 -6.43
CA ARG A 50 2.90 3.28 -6.96
C ARG A 50 1.99 2.38 -6.13
N GLU A 51 2.57 1.38 -5.49
CA GLU A 51 1.81 0.45 -4.67
C GLU A 51 1.78 0.90 -3.22
N ILE A 52 2.79 1.68 -2.83
CA ILE A 52 2.88 2.18 -1.46
C ILE A 52 1.89 3.30 -1.21
N ALA A 53 1.80 4.23 -2.17
CA ALA A 53 0.88 5.35 -2.05
C ALA A 53 -0.57 4.88 -2.01
N GLU A 54 -1.02 4.27 -3.11
CA GLU A 54 -2.38 3.77 -3.20
C GLU A 54 -2.82 3.14 -1.88
N ALA A 55 -1.91 2.40 -1.26
CA ALA A 55 -2.20 1.74 0.01
C ALA A 55 -2.38 2.76 1.13
N TYR A 56 -1.54 3.79 1.12
CA TYR A 56 -1.61 4.84 2.14
C TYR A 56 -2.84 5.72 1.93
N GLU A 57 -2.96 6.30 0.73
CA GLU A 57 -4.08 7.16 0.42
C GLU A 57 -5.36 6.65 1.05
N THR A 58 -5.57 5.34 0.99
CA THR A 58 -6.76 4.72 1.57
C THR A 58 -6.68 4.70 3.09
N LEU A 59 -5.51 4.34 3.62
CA LEU A 59 -5.30 4.28 5.05
C LEU A 59 -4.81 5.62 5.60
N SER A 60 -4.93 6.66 4.79
CA SER A 60 -4.49 7.99 5.18
C SER A 60 -5.67 8.80 5.73
N ASP A 61 -6.76 8.83 4.97
CA ASP A 61 -7.95 9.56 5.40
C ASP A 61 -8.73 8.79 6.46
N ALA A 62 -9.87 9.33 6.86
CA ALA A 62 -10.70 8.70 7.87
C ALA A 62 -11.69 7.72 7.23
N ASN A 63 -12.64 8.27 6.47
CA ASN A 63 -13.64 7.44 5.80
C ASN A 63 -12.99 6.38 4.92
N ARG A 64 -12.00 6.81 4.13
CA ARG A 64 -11.30 5.90 3.23
C ARG A 64 -10.77 4.69 4.00
N ARG A 65 -10.09 4.95 5.11
CA ARG A 65 -9.54 3.88 5.93
C ARG A 65 -10.64 3.13 6.68
N LYS A 66 -11.71 3.85 7.00
CA LYS A 66 -12.84 3.25 7.71
C LYS A 66 -13.57 2.24 6.83
N GLU A 67 -13.48 2.43 5.51
CA GLU A 67 -14.12 1.54 4.57
C GLU A 67 -13.23 0.35 4.25
N TYR A 68 -11.98 0.62 3.89
CA TYR A 68 -11.02 -0.43 3.56
C TYR A 68 -10.92 -1.44 4.68
N ASP A 69 -11.44 -1.08 5.86
CA ASP A 69 -11.39 -1.96 7.01
C ASP A 69 -12.73 -2.70 7.18
N THR A 70 -13.82 -1.95 7.12
CA THR A 70 -15.15 -2.54 7.27
C THR A 70 -15.51 -3.40 6.06
N LEU A 71 -14.81 -3.17 4.95
CA LEU A 71 -15.05 -3.93 3.73
C LEU A 71 -13.85 -4.81 3.39
N GLY A 72 -12.65 -4.26 3.54
CA GLY A 72 -11.45 -5.00 3.24
C GLY A 72 -11.05 -4.91 1.78
N HIS A 73 -9.75 -4.93 1.52
CA HIS A 73 -9.24 -4.84 0.16
C HIS A 73 -9.96 -5.83 -0.76
N SER A 74 -10.31 -7.00 -0.20
CA SER A 74 -11.00 -8.02 -0.96
C SER A 74 -12.33 -7.50 -1.50
N ALA A 75 -12.96 -6.62 -0.74
CA ALA A 75 -14.24 -6.04 -1.14
C ALA A 75 -14.08 -4.57 -1.55
N PHE A 76 -13.64 -3.75 -0.61
CA PHE A 76 -13.45 -2.33 -0.86
C PHE A 76 -12.97 -2.09 -2.29
N THR A 77 -11.74 -2.52 -2.57
CA THR A 77 -11.15 -2.36 -3.89
C THR A 77 -11.29 -3.64 -4.72
N SER A 78 -11.38 -4.78 -4.03
CA SER A 78 -11.51 -6.06 -4.69
C SER A 78 -10.67 -6.11 -5.97
N GLY A 79 -9.40 -5.73 -5.84
CA GLY A 79 -8.51 -5.74 -6.99
C GLY A 79 -7.88 -7.09 -7.24
N LYS A 80 -7.27 -7.25 -8.40
CA LYS A 80 -6.63 -8.52 -8.76
C LYS A 80 -5.21 -8.58 -8.22
N GLY A 81 -4.64 -7.42 -7.94
CA GLY A 81 -3.28 -7.36 -7.41
C GLY A 81 -2.28 -6.89 -8.45
N GLN A 82 -1.22 -7.67 -8.63
CA GLN A 82 -0.18 -7.33 -9.60
C GLN A 82 0.86 -8.44 -9.70
N SER A 83 0.95 -9.06 -10.88
CA SER A 83 1.90 -10.13 -11.11
C SER A 83 3.31 -9.59 -11.33
N GLY A 84 4.28 -10.18 -10.63
CA GLY A 84 5.65 -9.75 -10.76
C GLY A 84 6.41 -9.79 -9.44
N PRO A 85 6.92 -10.97 -9.09
CA PRO A 85 7.66 -11.18 -7.84
C PRO A 85 9.02 -10.48 -7.86
N SER A 86 9.49 -10.08 -6.69
CA SER A 86 10.77 -9.40 -6.57
C SER A 86 11.73 -10.18 -5.67
N SER A 87 11.25 -10.54 -4.49
CA SER A 87 12.06 -11.30 -3.53
C SER A 87 11.50 -12.70 -3.34
N GLY A 88 12.27 -13.55 -2.65
CA GLY A 88 11.83 -14.91 -2.42
C GLY A 88 12.86 -15.94 -2.84
N GLY A 1 8.06 -19.96 -6.49
CA GLY A 1 7.46 -18.75 -5.96
C GLY A 1 8.45 -17.61 -5.84
N SER A 2 9.19 -17.37 -6.91
CA SER A 2 10.19 -16.30 -6.93
C SER A 2 9.62 -15.05 -7.58
N SER A 3 8.99 -14.20 -6.77
CA SER A 3 8.40 -12.96 -7.28
C SER A 3 8.04 -12.03 -6.12
N GLY A 4 7.63 -10.82 -6.46
CA GLY A 4 7.25 -9.84 -5.45
C GLY A 4 5.84 -9.31 -5.65
N SER A 5 4.85 -10.19 -5.46
CA SER A 5 3.46 -9.81 -5.62
C SER A 5 2.98 -8.96 -4.44
N SER A 6 1.86 -8.27 -4.62
CA SER A 6 1.31 -7.42 -3.57
C SER A 6 -0.12 -7.86 -3.22
N GLY A 7 -0.37 -8.02 -1.93
CA GLY A 7 -1.69 -8.43 -1.47
C GLY A 7 -2.52 -7.28 -0.96
N SER A 8 -2.48 -7.06 0.36
CA SER A 8 -3.24 -5.99 0.97
C SER A 8 -2.32 -4.83 1.36
N TYR A 9 -2.92 -3.68 1.68
CA TYR A 9 -2.16 -2.50 2.05
C TYR A 9 -1.33 -2.77 3.30
N TYR A 10 -2.01 -3.15 4.38
CA TYR A 10 -1.35 -3.44 5.65
C TYR A 10 -0.04 -4.20 5.42
N ASP A 11 0.00 -4.96 4.33
CA ASP A 11 1.19 -5.75 4.00
C ASP A 11 2.18 -4.90 3.21
N ILE A 12 1.68 -4.19 2.20
CA ILE A 12 2.53 -3.35 1.36
C ILE A 12 3.23 -2.28 2.19
N LEU A 13 2.47 -1.63 3.07
CA LEU A 13 3.02 -0.59 3.93
C LEU A 13 3.79 -1.18 5.09
N GLY A 14 3.30 -2.31 5.60
CA GLY A 14 3.96 -2.97 6.72
C GLY A 14 3.39 -2.56 8.06
N VAL A 15 2.09 -2.29 8.09
CA VAL A 15 1.41 -1.88 9.31
C VAL A 15 0.29 -2.84 9.66
N PRO A 16 -0.05 -2.92 10.96
CA PRO A 16 -1.11 -3.80 11.45
C PRO A 16 -2.50 -3.32 11.03
N LYS A 17 -3.49 -4.20 11.15
CA LYS A 17 -4.86 -3.86 10.78
C LYS A 17 -5.42 -2.78 11.69
N SER A 18 -4.90 -2.71 12.92
CA SER A 18 -5.35 -1.72 13.89
C SER A 18 -4.32 -0.61 14.04
N ALA A 19 -3.42 -0.50 13.08
CA ALA A 19 -2.38 0.52 13.11
C ALA A 19 -2.99 1.91 13.27
N SER A 20 -2.35 2.73 14.09
CA SER A 20 -2.83 4.08 14.36
C SER A 20 -2.34 5.04 13.27
N GLU A 21 -3.14 6.06 12.98
CA GLU A 21 -2.79 7.04 11.96
C GLU A 21 -1.29 7.32 11.97
N ARG A 22 -0.76 7.60 13.16
CA ARG A 22 0.67 7.89 13.31
C ARG A 22 1.51 6.74 12.74
N GLN A 23 1.11 5.52 13.05
CA GLN A 23 1.84 4.34 12.58
C GLN A 23 1.80 4.24 11.06
N ILE A 24 0.60 4.43 10.49
CA ILE A 24 0.43 4.36 9.05
C ILE A 24 1.29 5.41 8.34
N LYS A 25 1.18 6.66 8.79
CA LYS A 25 1.95 7.75 8.21
C LYS A 25 3.45 7.50 8.36
N LYS A 26 3.86 7.11 9.57
CA LYS A 26 5.27 6.85 9.85
C LYS A 26 5.77 5.69 9.01
N ALA A 27 4.95 4.65 8.86
CA ALA A 27 5.32 3.49 8.07
C ALA A 27 5.43 3.84 6.60
N PHE A 28 4.41 4.51 6.07
CA PHE A 28 4.39 4.90 4.67
C PHE A 28 5.57 5.82 4.34
N HIS A 29 5.57 7.00 4.95
CA HIS A 29 6.64 7.98 4.73
C HIS A 29 7.98 7.27 4.56
N LYS A 30 8.42 6.58 5.61
CA LYS A 30 9.68 5.87 5.59
C LYS A 30 9.83 5.05 4.30
N LEU A 31 8.79 4.31 3.96
CA LEU A 31 8.79 3.49 2.75
C LEU A 31 8.99 4.35 1.51
N ALA A 32 8.04 5.24 1.26
CA ALA A 32 8.11 6.13 0.10
C ALA A 32 9.53 6.59 -0.15
N MET A 33 10.29 6.78 0.93
CA MET A 33 11.67 7.22 0.82
C MET A 33 12.55 6.12 0.22
N LYS A 34 12.34 4.89 0.67
CA LYS A 34 13.11 3.76 0.17
C LYS A 34 12.81 3.50 -1.30
N TYR A 35 11.57 3.75 -1.71
CA TYR A 35 11.15 3.55 -3.09
C TYR A 35 10.81 4.88 -3.76
N HIS A 36 11.36 5.97 -3.22
CA HIS A 36 11.12 7.30 -3.76
C HIS A 36 11.69 7.42 -5.16
N PRO A 37 10.84 7.85 -6.12
CA PRO A 37 11.24 8.02 -7.52
C PRO A 37 12.19 9.20 -7.70
N ASP A 38 12.50 9.89 -6.61
CA ASP A 38 13.40 11.02 -6.66
C ASP A 38 14.82 10.63 -6.25
N LYS A 39 14.91 9.78 -5.23
CA LYS A 39 16.20 9.31 -4.74
C LYS A 39 16.58 7.98 -5.38
N ASN A 40 15.58 7.13 -5.58
CA ASN A 40 15.81 5.82 -6.19
C ASN A 40 16.01 5.95 -7.70
N LYS A 41 17.26 5.78 -8.13
CA LYS A 41 17.60 5.87 -9.55
C LYS A 41 17.37 4.53 -10.25
N SER A 42 16.23 3.90 -9.97
CA SER A 42 15.90 2.61 -10.58
C SER A 42 14.48 2.61 -11.09
N PRO A 43 14.24 1.84 -12.18
CA PRO A 43 12.92 1.73 -12.79
C PRO A 43 11.93 0.97 -11.92
N ASP A 44 12.40 -0.11 -11.31
CA ASP A 44 11.56 -0.94 -10.44
C ASP A 44 11.02 -0.11 -9.27
N ALA A 45 11.85 0.80 -8.76
CA ALA A 45 11.45 1.64 -7.64
C ALA A 45 10.17 2.39 -7.96
N GLU A 46 10.11 3.01 -9.13
CA GLU A 46 8.93 3.76 -9.54
C GLU A 46 7.66 2.96 -9.30
N ALA A 47 7.65 1.71 -9.77
CA ALA A 47 6.49 0.84 -9.59
C ALA A 47 6.19 0.62 -8.12
N LYS A 48 7.19 0.15 -7.38
CA LYS A 48 7.03 -0.11 -5.95
C LYS A 48 6.21 0.98 -5.28
N PHE A 49 6.64 2.24 -5.46
CA PHE A 49 5.95 3.37 -4.87
C PHE A 49 4.46 3.35 -5.26
N ARG A 50 4.18 2.92 -6.49
CA ARG A 50 2.82 2.86 -6.98
C ARG A 50 1.95 1.95 -6.09
N GLU A 51 2.61 1.03 -5.38
CA GLU A 51 1.91 0.11 -4.50
C GLU A 51 1.88 0.63 -3.07
N ILE A 52 2.90 1.41 -2.71
CA ILE A 52 2.99 1.98 -1.38
C ILE A 52 2.03 3.15 -1.21
N ALA A 53 2.06 4.08 -2.17
CA ALA A 53 1.18 5.25 -2.13
C ALA A 53 -0.28 4.84 -2.03
N GLU A 54 -0.77 4.13 -3.05
CA GLU A 54 -2.15 3.68 -3.07
C GLU A 54 -2.54 3.04 -1.75
N ALA A 55 -1.62 2.27 -1.18
CA ALA A 55 -1.86 1.59 0.10
C ALA A 55 -2.07 2.61 1.22
N TYR A 56 -1.30 3.70 1.18
CA TYR A 56 -1.40 4.74 2.19
C TYR A 56 -2.66 5.57 1.99
N GLU A 57 -2.84 6.09 0.78
CA GLU A 57 -4.00 6.91 0.47
C GLU A 57 -5.23 6.43 1.23
N THR A 58 -5.51 5.13 1.12
CA THR A 58 -6.67 4.54 1.80
C THR A 58 -6.51 4.63 3.31
N LEU A 59 -5.37 4.18 3.81
CA LEU A 59 -5.10 4.21 5.25
C LEU A 59 -4.75 5.62 5.71
N SER A 60 -4.81 6.56 4.78
CA SER A 60 -4.51 7.96 5.09
C SER A 60 -5.76 8.73 5.46
N ASP A 61 -6.75 8.72 4.58
CA ASP A 61 -8.01 9.41 4.81
C ASP A 61 -8.86 8.65 5.82
N ALA A 62 -9.73 9.38 6.52
CA ALA A 62 -10.60 8.78 7.51
C ALA A 62 -11.62 7.86 6.85
N ASN A 63 -12.58 8.44 6.13
CA ASN A 63 -13.61 7.68 5.45
C ASN A 63 -13.00 6.54 4.64
N ARG A 64 -11.95 6.86 3.89
CA ARG A 64 -11.27 5.87 3.06
C ARG A 64 -10.81 4.68 3.91
N ARG A 65 -10.00 4.96 4.92
CA ARG A 65 -9.48 3.93 5.80
C ARG A 65 -10.63 3.22 6.53
N LYS A 66 -11.69 3.97 6.81
CA LYS A 66 -12.85 3.42 7.51
C LYS A 66 -13.54 2.35 6.66
N GLU A 67 -13.56 2.57 5.35
CA GLU A 67 -14.19 1.62 4.43
C GLU A 67 -13.28 0.42 4.18
N TYR A 68 -12.01 0.69 3.89
CA TYR A 68 -11.05 -0.36 3.63
C TYR A 68 -10.94 -1.31 4.81
N ASP A 69 -11.33 -0.83 5.98
CA ASP A 69 -11.28 -1.64 7.20
C ASP A 69 -12.60 -2.36 7.43
N THR A 70 -13.71 -1.67 7.16
CA THR A 70 -15.02 -2.24 7.34
C THR A 70 -15.39 -3.16 6.18
N LEU A 71 -14.67 -3.03 5.07
CA LEU A 71 -14.91 -3.84 3.89
C LEU A 71 -13.78 -4.85 3.68
N GLY A 72 -12.55 -4.35 3.70
CA GLY A 72 -11.39 -5.21 3.51
C GLY A 72 -10.51 -4.76 2.36
N HIS A 73 -9.97 -5.73 1.62
CA HIS A 73 -9.11 -5.43 0.48
C HIS A 73 -9.72 -5.94 -0.82
N SER A 74 -10.46 -7.03 -0.72
CA SER A 74 -11.10 -7.63 -1.89
C SER A 74 -12.45 -6.98 -2.17
N ALA A 75 -13.05 -6.42 -1.13
CA ALA A 75 -14.35 -5.76 -1.26
C ALA A 75 -14.18 -4.29 -1.60
N PHE A 76 -13.53 -3.54 -0.70
CA PHE A 76 -13.30 -2.12 -0.92
C PHE A 76 -12.72 -1.86 -2.30
N THR A 77 -11.82 -2.73 -2.73
CA THR A 77 -11.18 -2.60 -4.05
C THR A 77 -11.18 -3.93 -4.80
N SER A 78 -12.32 -4.28 -5.37
CA SER A 78 -12.46 -5.53 -6.11
C SER A 78 -11.98 -5.35 -7.55
N GLY A 79 -11.33 -6.39 -8.08
CA GLY A 79 -10.83 -6.33 -9.44
C GLY A 79 -9.32 -6.16 -9.50
N LYS A 80 -8.60 -7.27 -9.49
CA LYS A 80 -7.14 -7.23 -9.54
C LYS A 80 -6.65 -7.21 -10.98
N GLY A 81 -7.57 -7.43 -11.92
CA GLY A 81 -7.20 -7.43 -13.33
C GLY A 81 -5.89 -8.16 -13.58
N GLN A 82 -5.92 -9.47 -13.43
CA GLN A 82 -4.73 -10.29 -13.65
C GLN A 82 -5.09 -11.63 -14.28
N SER A 83 -4.14 -12.23 -14.97
CA SER A 83 -4.36 -13.52 -15.63
C SER A 83 -3.61 -14.63 -14.91
N GLY A 84 -4.30 -15.75 -14.68
CA GLY A 84 -3.69 -16.87 -14.00
C GLY A 84 -3.88 -16.81 -12.49
N PRO A 85 -4.02 -17.99 -11.86
CA PRO A 85 -4.21 -18.10 -10.42
C PRO A 85 -2.96 -17.72 -9.63
N SER A 86 -3.07 -17.68 -8.31
CA SER A 86 -1.96 -17.33 -7.45
C SER A 86 -2.23 -17.75 -6.01
N SER A 87 -1.22 -18.38 -5.39
CA SER A 87 -1.34 -18.84 -4.01
C SER A 87 -1.92 -17.75 -3.12
N GLY A 88 -2.31 -18.12 -1.90
CA GLY A 88 -2.86 -17.17 -0.97
C GLY A 88 -3.17 -17.78 0.38
N GLY A 1 5.11 -19.32 -6.84
CA GLY A 1 5.53 -17.97 -6.50
C GLY A 1 5.42 -17.68 -5.01
N SER A 2 6.54 -17.82 -4.30
CA SER A 2 6.56 -17.58 -2.86
C SER A 2 6.87 -16.12 -2.56
N SER A 3 7.97 -15.63 -3.11
CA SER A 3 8.38 -14.24 -2.90
C SER A 3 8.00 -13.37 -4.08
N GLY A 4 7.62 -12.13 -3.79
CA GLY A 4 7.22 -11.21 -4.84
C GLY A 4 5.72 -11.06 -4.95
N SER A 5 5.13 -10.31 -4.01
CA SER A 5 3.69 -10.09 -4.00
C SER A 5 3.33 -8.93 -3.09
N SER A 6 2.30 -8.18 -3.47
CA SER A 6 1.85 -7.04 -2.70
C SER A 6 0.77 -7.45 -1.70
N GLY A 7 -0.34 -7.95 -2.22
CA GLY A 7 -1.43 -8.37 -1.36
C GLY A 7 -2.29 -7.21 -0.88
N SER A 8 -2.46 -7.09 0.42
CA SER A 8 -3.26 -6.03 1.00
C SER A 8 -2.37 -4.86 1.45
N TYR A 9 -2.95 -3.66 1.47
CA TYR A 9 -2.21 -2.47 1.87
C TYR A 9 -1.38 -2.74 3.13
N TYR A 10 -2.06 -3.03 4.23
CA TYR A 10 -1.38 -3.31 5.48
C TYR A 10 -0.07 -4.05 5.26
N ASP A 11 -0.09 -4.97 4.29
CA ASP A 11 1.10 -5.75 3.96
C ASP A 11 2.08 -4.93 3.13
N ILE A 12 1.56 -4.19 2.16
CA ILE A 12 2.39 -3.35 1.31
C ILE A 12 3.11 -2.28 2.11
N LEU A 13 2.37 -1.60 2.98
CA LEU A 13 2.94 -0.55 3.81
C LEU A 13 3.77 -1.14 4.95
N GLY A 14 3.24 -2.19 5.57
CA GLY A 14 3.95 -2.84 6.67
C GLY A 14 3.35 -2.49 8.02
N VAL A 15 2.03 -2.34 8.06
CA VAL A 15 1.34 -2.01 9.30
C VAL A 15 0.24 -3.01 9.61
N PRO A 16 -0.06 -3.18 10.90
CA PRO A 16 -1.10 -4.12 11.36
C PRO A 16 -2.50 -3.65 10.99
N LYS A 17 -3.45 -4.58 10.99
CA LYS A 17 -4.83 -4.26 10.65
C LYS A 17 -5.40 -3.23 11.62
N SER A 18 -4.88 -3.20 12.83
CA SER A 18 -5.33 -2.26 13.85
C SER A 18 -4.32 -1.12 14.03
N ALA A 19 -3.48 -0.92 13.02
CA ALA A 19 -2.48 0.13 13.07
C ALA A 19 -3.12 1.51 13.13
N SER A 20 -2.56 2.38 13.95
CA SER A 20 -3.08 3.74 14.09
C SER A 20 -2.46 4.68 13.06
N GLU A 21 -3.23 5.68 12.65
CA GLU A 21 -2.75 6.66 11.67
C GLU A 21 -1.25 6.90 11.83
N ARG A 22 -0.87 7.39 13.00
CA ARG A 22 0.54 7.67 13.29
C ARG A 22 1.43 6.58 12.71
N GLN A 23 1.04 5.33 12.91
CA GLN A 23 1.81 4.20 12.40
C GLN A 23 1.79 4.14 10.88
N ILE A 24 0.63 4.46 10.30
CA ILE A 24 0.46 4.45 8.86
C ILE A 24 1.32 5.53 8.21
N LYS A 25 1.05 6.78 8.54
CA LYS A 25 1.79 7.90 7.98
C LYS A 25 3.29 7.67 8.09
N LYS A 26 3.73 7.21 9.25
CA LYS A 26 5.14 6.93 9.49
C LYS A 26 5.61 5.76 8.64
N ALA A 27 4.92 4.63 8.77
CA ALA A 27 5.27 3.43 8.02
C ALA A 27 5.35 3.73 6.52
N PHE A 28 4.49 4.61 6.05
CA PHE A 28 4.45 4.99 4.64
C PHE A 28 5.56 5.99 4.31
N HIS A 29 5.50 7.15 4.95
CA HIS A 29 6.50 8.19 4.73
C HIS A 29 7.90 7.58 4.59
N LYS A 30 8.31 6.82 5.60
CA LYS A 30 9.62 6.18 5.59
C LYS A 30 9.79 5.32 4.34
N LEU A 31 8.73 4.62 3.96
CA LEU A 31 8.77 3.76 2.78
C LEU A 31 8.94 4.58 1.51
N ALA A 32 8.02 5.50 1.27
CA ALA A 32 8.07 6.36 0.09
C ALA A 32 9.50 6.83 -0.18
N MET A 33 10.23 7.13 0.89
CA MET A 33 11.61 7.59 0.77
C MET A 33 12.52 6.46 0.32
N LYS A 34 12.21 5.25 0.76
CA LYS A 34 13.00 4.07 0.40
C LYS A 34 12.80 3.70 -1.06
N TYR A 35 11.58 3.89 -1.55
CA TYR A 35 11.25 3.58 -2.93
C TYR A 35 10.94 4.85 -3.72
N HIS A 36 11.35 5.99 -3.18
CA HIS A 36 11.11 7.27 -3.84
C HIS A 36 11.75 7.30 -5.23
N PRO A 37 10.99 7.80 -6.21
CA PRO A 37 11.45 7.90 -7.60
C PRO A 37 12.56 8.94 -7.77
N ASP A 38 12.91 9.61 -6.67
CA ASP A 38 13.95 10.62 -6.70
C ASP A 38 15.19 10.16 -5.93
N LYS A 39 15.00 9.18 -5.05
CA LYS A 39 16.10 8.65 -4.26
C LYS A 39 16.62 7.34 -4.86
N ASN A 40 15.71 6.53 -5.37
CA ASN A 40 16.07 5.26 -5.97
C ASN A 40 16.50 5.43 -7.42
N LYS A 41 17.71 5.02 -7.74
CA LYS A 41 18.24 5.13 -9.09
C LYS A 41 17.92 3.88 -9.90
N SER A 42 16.74 3.31 -9.67
CA SER A 42 16.31 2.11 -10.38
C SER A 42 14.90 2.29 -10.93
N PRO A 43 14.61 1.55 -12.02
CA PRO A 43 13.29 1.61 -12.67
C PRO A 43 12.19 0.98 -11.81
N ASP A 44 12.47 -0.20 -11.28
CA ASP A 44 11.50 -0.90 -10.44
C ASP A 44 11.02 -0.01 -9.30
N ALA A 45 11.93 0.79 -8.76
CA ALA A 45 11.60 1.69 -7.66
C ALA A 45 10.30 2.43 -7.93
N GLU A 46 10.26 3.15 -9.05
CA GLU A 46 9.07 3.91 -9.42
C GLU A 46 7.80 3.06 -9.26
N ALA A 47 7.86 1.83 -9.74
CA ALA A 47 6.73 0.92 -9.65
C ALA A 47 6.43 0.57 -8.20
N LYS A 48 7.46 0.24 -7.44
CA LYS A 48 7.31 -0.11 -6.04
C LYS A 48 6.45 0.92 -5.31
N PHE A 49 6.85 2.19 -5.38
CA PHE A 49 6.12 3.26 -4.73
C PHE A 49 4.67 3.30 -5.20
N ARG A 50 4.47 2.99 -6.48
CA ARG A 50 3.14 2.99 -7.07
C ARG A 50 2.19 2.12 -6.26
N GLU A 51 2.75 1.18 -5.50
CA GLU A 51 1.95 0.29 -4.67
C GLU A 51 1.89 0.78 -3.23
N ILE A 52 2.90 1.54 -2.82
CA ILE A 52 2.96 2.08 -1.47
C ILE A 52 2.00 3.25 -1.31
N ALA A 53 2.04 4.18 -2.26
CA ALA A 53 1.17 5.35 -2.22
C ALA A 53 -0.31 4.94 -2.19
N GLU A 54 -0.75 4.29 -3.26
CA GLU A 54 -2.14 3.84 -3.36
C GLU A 54 -2.58 3.16 -2.07
N ALA A 55 -1.65 2.45 -1.44
CA ALA A 55 -1.95 1.74 -0.19
C ALA A 55 -2.16 2.72 0.96
N TYR A 56 -1.40 3.81 0.96
CA TYR A 56 -1.51 4.82 2.00
C TYR A 56 -2.73 5.71 1.78
N GLU A 57 -2.84 6.25 0.57
CA GLU A 57 -3.96 7.12 0.23
C GLU A 57 -5.25 6.65 0.91
N THR A 58 -5.48 5.35 0.88
CA THR A 58 -6.67 4.78 1.50
C THR A 58 -6.54 4.74 3.02
N LEU A 59 -5.41 4.25 3.50
CA LEU A 59 -5.17 4.18 4.94
C LEU A 59 -4.72 5.53 5.49
N SER A 60 -4.82 6.56 4.66
CA SER A 60 -4.41 7.90 5.06
C SER A 60 -5.63 8.73 5.47
N ASP A 61 -6.68 8.67 4.67
CA ASP A 61 -7.91 9.41 4.94
C ASP A 61 -8.73 8.71 6.02
N ALA A 62 -9.77 9.39 6.49
CA ALA A 62 -10.65 8.84 7.52
C ALA A 62 -11.71 7.93 6.92
N ASN A 63 -12.66 8.54 6.19
CA ASN A 63 -13.74 7.79 5.56
C ASN A 63 -13.18 6.64 4.72
N ARG A 64 -12.12 6.93 3.98
CA ARG A 64 -11.49 5.93 3.13
C ARG A 64 -10.99 4.75 3.94
N ARG A 65 -10.14 5.04 4.93
CA ARG A 65 -9.58 4.00 5.79
C ARG A 65 -10.68 3.30 6.58
N LYS A 66 -11.74 4.05 6.90
CA LYS A 66 -12.87 3.50 7.65
C LYS A 66 -13.57 2.40 6.86
N GLU A 67 -13.72 2.62 5.56
CA GLU A 67 -14.38 1.65 4.70
C GLU A 67 -13.48 0.44 4.45
N TYR A 68 -12.23 0.70 4.08
CA TYR A 68 -11.27 -0.37 3.81
C TYR A 68 -11.13 -1.27 5.04
N ASP A 69 -11.34 -0.70 6.22
CA ASP A 69 -11.23 -1.46 7.46
C ASP A 69 -12.54 -2.20 7.76
N THR A 70 -13.65 -1.51 7.58
CA THR A 70 -14.96 -2.10 7.84
C THR A 70 -15.36 -3.08 6.74
N LEU A 71 -14.69 -2.96 5.59
CA LEU A 71 -14.97 -3.85 4.47
C LEU A 71 -13.81 -4.81 4.23
N GLY A 72 -12.61 -4.26 4.11
CA GLY A 72 -11.43 -5.09 3.89
C GLY A 72 -10.61 -4.62 2.70
N HIS A 73 -9.98 -5.56 2.02
CA HIS A 73 -9.15 -5.24 0.86
C HIS A 73 -9.88 -5.58 -0.43
N SER A 74 -10.23 -6.85 -0.60
CA SER A 74 -10.92 -7.30 -1.80
C SER A 74 -12.35 -6.75 -1.83
N ALA A 75 -12.95 -6.61 -0.66
CA ALA A 75 -14.31 -6.10 -0.56
C ALA A 75 -14.35 -4.60 -0.84
N PHE A 76 -13.51 -3.84 -0.15
CA PHE A 76 -13.45 -2.40 -0.33
C PHE A 76 -13.01 -2.04 -1.74
N THR A 77 -12.52 -3.05 -2.47
CA THR A 77 -12.07 -2.84 -3.84
C THR A 77 -13.05 -3.44 -4.85
N SER A 78 -14.34 -3.18 -4.64
CA SER A 78 -15.37 -3.69 -5.53
C SER A 78 -15.58 -2.77 -6.73
N GLY A 79 -15.19 -3.24 -7.90
CA GLY A 79 -15.34 -2.45 -9.11
C GLY A 79 -14.17 -2.62 -10.06
N LYS A 80 -12.97 -2.34 -9.57
CA LYS A 80 -11.76 -2.46 -10.38
C LYS A 80 -10.52 -2.61 -9.51
N GLY A 81 -9.54 -3.36 -9.99
CA GLY A 81 -8.32 -3.57 -9.24
C GLY A 81 -7.42 -4.61 -9.88
N GLN A 82 -6.35 -4.16 -10.51
CA GLN A 82 -5.40 -5.06 -11.16
C GLN A 82 -4.32 -5.52 -10.18
N SER A 83 -3.97 -6.80 -10.27
CA SER A 83 -2.95 -7.36 -9.39
C SER A 83 -2.43 -8.69 -9.94
N GLY A 84 -1.29 -9.13 -9.42
CA GLY A 84 -0.70 -10.38 -9.87
C GLY A 84 0.23 -10.20 -11.05
N PRO A 85 1.36 -9.53 -10.81
CA PRO A 85 2.37 -9.26 -11.85
C PRO A 85 3.09 -10.53 -12.28
N SER A 86 3.55 -10.55 -13.54
CA SER A 86 4.26 -11.70 -14.08
C SER A 86 5.76 -11.57 -13.86
N SER A 87 6.25 -12.22 -12.81
CA SER A 87 7.68 -12.18 -12.49
C SER A 87 8.43 -13.27 -13.25
N GLY A 88 7.93 -14.50 -13.20
CA GLY A 88 8.58 -15.60 -13.88
C GLY A 88 7.59 -16.62 -14.38
N GLY A 1 15.84 -13.56 0.67
CA GLY A 1 15.32 -12.33 0.11
C GLY A 1 14.11 -11.81 0.87
N SER A 2 12.93 -12.12 0.37
CA SER A 2 11.69 -11.68 1.00
C SER A 2 10.69 -12.83 1.11
N SER A 3 9.58 -12.59 1.79
CA SER A 3 8.55 -13.60 1.97
C SER A 3 7.20 -13.12 1.44
N GLY A 4 6.46 -14.03 0.82
CA GLY A 4 5.16 -13.67 0.27
C GLY A 4 5.26 -12.59 -0.79
N SER A 5 4.10 -12.16 -1.30
CA SER A 5 4.06 -11.12 -2.32
C SER A 5 3.08 -10.02 -1.94
N SER A 6 3.18 -8.89 -2.63
CA SER A 6 2.30 -7.76 -2.36
C SER A 6 0.84 -8.14 -2.58
N GLY A 7 -0.03 -7.67 -1.68
CA GLY A 7 -1.44 -7.96 -1.79
C GLY A 7 -2.32 -6.87 -1.20
N SER A 8 -2.39 -6.82 0.13
CA SER A 8 -3.20 -5.82 0.81
C SER A 8 -2.32 -4.68 1.32
N TYR A 9 -2.90 -3.48 1.39
CA TYR A 9 -2.19 -2.30 1.85
C TYR A 9 -1.39 -2.62 3.11
N TYR A 10 -2.09 -2.99 4.17
CA TYR A 10 -1.44 -3.32 5.44
C TYR A 10 -0.12 -4.03 5.21
N ASP A 11 -0.06 -4.82 4.14
CA ASP A 11 1.16 -5.56 3.81
C ASP A 11 2.10 -4.70 2.99
N ILE A 12 1.57 -4.02 1.98
CA ILE A 12 2.38 -3.15 1.12
C ILE A 12 3.14 -2.12 1.94
N LEU A 13 2.49 -1.59 2.97
CA LEU A 13 3.10 -0.59 3.84
C LEU A 13 3.81 -1.25 5.02
N GLY A 14 3.29 -2.39 5.46
CA GLY A 14 3.88 -3.11 6.56
C GLY A 14 3.29 -2.69 7.90
N VAL A 15 2.02 -2.32 7.90
CA VAL A 15 1.33 -1.90 9.12
C VAL A 15 0.18 -2.83 9.45
N PRO A 16 -0.14 -2.94 10.75
CA PRO A 16 -1.24 -3.79 11.22
C PRO A 16 -2.60 -3.27 10.81
N LYS A 17 -3.63 -4.10 10.99
CA LYS A 17 -5.00 -3.72 10.65
C LYS A 17 -5.49 -2.59 11.56
N SER A 18 -5.00 -2.58 12.79
CA SER A 18 -5.40 -1.56 13.76
C SER A 18 -4.34 -0.47 13.86
N ALA A 19 -3.45 -0.43 12.88
CA ALA A 19 -2.38 0.57 12.86
C ALA A 19 -2.96 1.98 12.99
N SER A 20 -2.48 2.72 13.99
CA SER A 20 -2.96 4.08 14.23
C SER A 20 -2.45 5.02 13.14
N GLU A 21 -3.25 6.05 12.84
CA GLU A 21 -2.89 7.02 11.82
C GLU A 21 -1.38 7.30 11.84
N ARG A 22 -0.86 7.51 13.04
CA ARG A 22 0.57 7.80 13.20
C ARG A 22 1.42 6.66 12.67
N GLN A 23 0.99 5.43 12.96
CA GLN A 23 1.71 4.24 12.51
C GLN A 23 1.74 4.16 10.99
N ILE A 24 0.59 4.42 10.37
CA ILE A 24 0.48 4.38 8.91
C ILE A 24 1.36 5.45 8.26
N LYS A 25 1.16 6.69 8.67
CA LYS A 25 1.93 7.80 8.13
C LYS A 25 3.44 7.54 8.26
N LYS A 26 3.85 7.09 9.44
CA LYS A 26 5.25 6.79 9.69
C LYS A 26 5.74 5.65 8.80
N ALA A 27 4.99 4.55 8.81
CA ALA A 27 5.34 3.38 8.01
C ALA A 27 5.46 3.75 6.54
N PHE A 28 4.51 4.54 6.05
CA PHE A 28 4.51 4.97 4.66
C PHE A 28 5.67 5.92 4.37
N HIS A 29 5.74 6.99 5.15
CA HIS A 29 6.80 7.99 4.98
C HIS A 29 8.14 7.31 4.72
N LYS A 30 8.64 6.60 5.73
CA LYS A 30 9.92 5.90 5.60
C LYS A 30 10.00 5.14 4.28
N LEU A 31 8.97 4.33 4.01
CA LEU A 31 8.93 3.55 2.77
C LEU A 31 9.17 4.44 1.56
N ALA A 32 8.26 5.38 1.33
CA ALA A 32 8.37 6.29 0.20
C ALA A 32 9.83 6.72 -0.02
N MET A 33 10.56 6.84 1.08
CA MET A 33 11.97 7.24 1.00
C MET A 33 12.82 6.12 0.45
N LYS A 34 12.53 4.88 0.87
CA LYS A 34 13.28 3.72 0.42
C LYS A 34 13.00 3.45 -1.06
N TYR A 35 11.80 3.77 -1.51
CA TYR A 35 11.42 3.55 -2.90
C TYR A 35 11.12 4.87 -3.59
N HIS A 36 11.57 5.97 -2.98
CA HIS A 36 11.36 7.29 -3.54
C HIS A 36 11.88 7.37 -4.98
N PRO A 37 11.00 7.77 -5.91
CA PRO A 37 11.35 7.90 -7.33
C PRO A 37 12.31 9.04 -7.59
N ASP A 38 12.70 9.75 -6.54
CA ASP A 38 13.63 10.87 -6.65
C ASP A 38 15.03 10.46 -6.21
N LYS A 39 15.10 9.69 -5.13
CA LYS A 39 16.38 9.24 -4.60
C LYS A 39 16.80 7.92 -5.25
N ASN A 40 15.84 7.03 -5.44
CA ASN A 40 16.10 5.74 -6.06
C ASN A 40 16.45 5.89 -7.54
N LYS A 41 17.53 5.24 -7.96
CA LYS A 41 17.96 5.30 -9.35
C LYS A 41 17.67 3.99 -10.07
N SER A 42 16.49 3.42 -9.80
CA SER A 42 16.10 2.17 -10.42
C SER A 42 14.70 2.28 -11.03
N PRO A 43 14.46 1.50 -12.09
CA PRO A 43 13.17 1.49 -12.78
C PRO A 43 12.06 0.88 -11.95
N ASP A 44 12.34 -0.29 -11.37
CA ASP A 44 11.36 -1.00 -10.54
C ASP A 44 10.88 -0.10 -9.40
N ALA A 45 11.80 0.68 -8.84
CA ALA A 45 11.48 1.59 -7.75
C ALA A 45 10.21 2.37 -8.05
N GLU A 46 10.21 3.07 -9.18
CA GLU A 46 9.05 3.87 -9.59
C GLU A 46 7.76 3.08 -9.43
N ALA A 47 7.81 1.81 -9.79
CA ALA A 47 6.64 0.93 -9.70
C ALA A 47 6.30 0.64 -8.24
N LYS A 48 7.29 0.15 -7.50
CA LYS A 48 7.09 -0.18 -6.09
C LYS A 48 6.37 0.95 -5.36
N PHE A 49 6.91 2.15 -5.46
CA PHE A 49 6.31 3.32 -4.81
C PHE A 49 4.87 3.50 -5.25
N ARG A 50 4.58 3.12 -6.49
CA ARG A 50 3.24 3.25 -7.03
C ARG A 50 2.23 2.42 -6.22
N GLU A 51 2.75 1.43 -5.50
CA GLU A 51 1.91 0.56 -4.69
C GLU A 51 1.90 1.04 -3.23
N ILE A 52 2.97 1.69 -2.82
CA ILE A 52 3.09 2.19 -1.46
C ILE A 52 2.15 3.37 -1.22
N ALA A 53 2.08 4.27 -2.21
CA ALA A 53 1.22 5.44 -2.11
C ALA A 53 -0.25 5.04 -2.08
N GLU A 54 -0.71 4.42 -3.17
CA GLU A 54 -2.09 3.98 -3.28
C GLU A 54 -2.57 3.35 -1.97
N ALA A 55 -1.74 2.48 -1.40
CA ALA A 55 -2.06 1.81 -0.15
C ALA A 55 -2.24 2.82 0.99
N TYR A 56 -1.34 3.79 1.05
CA TYR A 56 -1.40 4.82 2.10
C TYR A 56 -2.61 5.71 1.90
N GLU A 57 -2.74 6.30 0.73
CA GLU A 57 -3.86 7.18 0.41
C GLU A 57 -5.14 6.70 1.10
N THR A 58 -5.40 5.39 0.98
CA THR A 58 -6.59 4.80 1.58
C THR A 58 -6.50 4.80 3.09
N LEU A 59 -5.37 4.31 3.61
CA LEU A 59 -5.16 4.25 5.06
C LEU A 59 -4.82 5.63 5.61
N SER A 60 -4.82 6.63 4.73
CA SER A 60 -4.51 8.01 5.14
C SER A 60 -5.78 8.75 5.55
N ASP A 61 -6.79 8.69 4.69
CA ASP A 61 -8.06 9.36 4.96
C ASP A 61 -8.86 8.60 6.01
N ALA A 62 -9.91 9.25 6.52
CA ALA A 62 -10.75 8.63 7.54
C ALA A 62 -11.76 7.68 6.91
N ASN A 63 -12.71 8.23 6.16
CA ASN A 63 -13.73 7.43 5.50
C ASN A 63 -13.10 6.31 4.68
N ARG A 64 -12.06 6.66 3.92
CA ARG A 64 -11.37 5.69 3.08
C ARG A 64 -10.84 4.53 3.92
N ARG A 65 -10.04 4.84 4.93
CA ARG A 65 -9.46 3.83 5.80
C ARG A 65 -10.56 3.11 6.58
N LYS A 66 -11.65 3.82 6.85
CA LYS A 66 -12.78 3.25 7.59
C LYS A 66 -13.46 2.15 6.79
N GLU A 67 -13.65 2.41 5.49
CA GLU A 67 -14.29 1.44 4.61
C GLU A 67 -13.40 0.23 4.40
N TYR A 68 -12.15 0.48 4.03
CA TYR A 68 -11.19 -0.59 3.79
C TYR A 68 -11.07 -1.51 5.00
N ASP A 69 -11.47 -1.00 6.16
CA ASP A 69 -11.41 -1.76 7.40
C ASP A 69 -12.73 -2.50 7.65
N THR A 70 -13.83 -1.83 7.35
CA THR A 70 -15.16 -2.42 7.55
C THR A 70 -15.51 -3.36 6.40
N LEU A 71 -14.80 -3.23 5.28
CA LEU A 71 -15.03 -4.07 4.12
C LEU A 71 -13.87 -5.02 3.89
N GLY A 72 -12.65 -4.48 3.92
CA GLY A 72 -11.47 -5.30 3.70
C GLY A 72 -10.81 -5.04 2.37
N HIS A 73 -9.94 -5.95 1.94
CA HIS A 73 -9.24 -5.81 0.67
C HIS A 73 -9.93 -6.62 -0.42
N SER A 74 -11.04 -7.28 -0.06
CA SER A 74 -11.78 -8.09 -1.01
C SER A 74 -13.15 -7.47 -1.31
N ALA A 75 -13.68 -6.74 -0.32
CA ALA A 75 -14.98 -6.09 -0.48
C ALA A 75 -14.82 -4.65 -0.93
N PHE A 76 -13.94 -3.92 -0.27
CA PHE A 76 -13.70 -2.52 -0.60
C PHE A 76 -13.23 -2.39 -2.05
N THR A 77 -12.35 -3.29 -2.47
CA THR A 77 -11.82 -3.28 -3.82
C THR A 77 -12.66 -4.13 -4.75
N SER A 78 -13.89 -3.68 -5.02
CA SER A 78 -14.79 -4.41 -5.90
C SER A 78 -15.07 -3.62 -7.17
N GLY A 79 -14.22 -3.82 -8.17
CA GLY A 79 -14.38 -3.12 -9.43
C GLY A 79 -13.31 -3.47 -10.44
N LYS A 80 -12.11 -2.96 -10.21
CA LYS A 80 -10.99 -3.22 -11.11
C LYS A 80 -9.72 -3.54 -10.32
N GLY A 81 -8.86 -4.38 -10.89
CA GLY A 81 -7.63 -4.75 -10.22
C GLY A 81 -6.51 -5.04 -11.21
N GLN A 82 -5.37 -5.49 -10.68
CA GLN A 82 -4.22 -5.80 -11.52
C GLN A 82 -3.24 -6.71 -10.78
N SER A 83 -2.39 -7.39 -11.53
CA SER A 83 -1.40 -8.29 -10.95
C SER A 83 -0.12 -7.55 -10.58
N GLY A 84 0.34 -6.70 -11.49
CA GLY A 84 1.55 -5.94 -11.25
C GLY A 84 2.76 -6.82 -11.02
N PRO A 85 3.95 -6.22 -11.08
CA PRO A 85 5.22 -6.94 -10.88
C PRO A 85 5.41 -7.39 -9.44
N SER A 86 5.46 -8.70 -9.24
CA SER A 86 5.64 -9.27 -7.90
C SER A 86 7.09 -9.66 -7.66
N SER A 87 7.68 -9.13 -6.60
CA SER A 87 9.06 -9.43 -6.25
C SER A 87 9.97 -9.29 -7.49
N GLY A 88 9.73 -8.24 -8.27
CA GLY A 88 10.52 -8.01 -9.47
C GLY A 88 10.03 -8.82 -10.65
N GLY A 1 6.45 -20.40 -7.14
CA GLY A 1 6.34 -19.28 -8.05
C GLY A 1 6.39 -17.95 -7.33
N SER A 2 5.27 -17.22 -7.36
CA SER A 2 5.19 -15.92 -6.71
C SER A 2 5.64 -16.01 -5.26
N SER A 3 6.61 -15.18 -4.89
CA SER A 3 7.15 -15.16 -3.54
C SER A 3 6.87 -13.83 -2.86
N GLY A 4 5.67 -13.69 -2.30
CA GLY A 4 5.29 -12.45 -1.63
C GLY A 4 4.54 -11.50 -2.54
N SER A 5 3.22 -11.63 -2.56
CA SER A 5 2.38 -10.77 -3.40
C SER A 5 2.00 -9.50 -2.66
N SER A 6 1.73 -8.44 -3.42
CA SER A 6 1.35 -7.16 -2.84
C SER A 6 0.45 -7.36 -1.63
N GLY A 7 -0.66 -8.08 -1.83
CA GLY A 7 -1.59 -8.33 -0.75
C GLY A 7 -2.35 -7.09 -0.33
N SER A 8 -2.75 -7.03 0.93
CA SER A 8 -3.49 -5.89 1.45
C SER A 8 -2.55 -4.76 1.85
N TYR A 9 -3.06 -3.53 1.80
CA TYR A 9 -2.25 -2.36 2.16
C TYR A 9 -1.39 -2.64 3.39
N TYR A 10 -2.04 -2.94 4.51
CA TYR A 10 -1.34 -3.24 5.75
C TYR A 10 -0.04 -3.99 5.47
N ASP A 11 -0.06 -4.85 4.46
CA ASP A 11 1.11 -5.63 4.09
C ASP A 11 2.09 -4.79 3.27
N ILE A 12 1.57 -4.09 2.26
CA ILE A 12 2.40 -3.25 1.41
C ILE A 12 3.13 -2.19 2.22
N LEU A 13 2.41 -1.59 3.18
CA LEU A 13 2.99 -0.55 4.03
C LEU A 13 3.78 -1.17 5.17
N GLY A 14 3.31 -2.32 5.66
CA GLY A 14 3.98 -3.00 6.76
C GLY A 14 3.46 -2.57 8.11
N VAL A 15 2.17 -2.26 8.18
CA VAL A 15 1.55 -1.84 9.43
C VAL A 15 0.45 -2.80 9.85
N PRO A 16 0.17 -2.85 11.16
CA PRO A 16 -0.85 -3.73 11.73
C PRO A 16 -2.26 -3.30 11.35
N LYS A 17 -3.22 -4.20 11.51
CA LYS A 17 -4.62 -3.91 11.18
C LYS A 17 -5.17 -2.81 12.08
N SER A 18 -4.52 -2.61 13.23
CA SER A 18 -4.95 -1.59 14.18
C SER A 18 -3.93 -0.44 14.25
N ALA A 19 -3.06 -0.39 13.26
CA ALA A 19 -2.03 0.65 13.20
C ALA A 19 -2.66 2.03 13.30
N SER A 20 -2.18 2.82 14.27
CA SER A 20 -2.70 4.17 14.48
C SER A 20 -2.25 5.10 13.36
N GLU A 21 -3.09 6.09 13.06
CA GLU A 21 -2.78 7.06 12.01
C GLU A 21 -1.29 7.41 12.01
N ARG A 22 -0.76 7.71 13.19
CA ARG A 22 0.65 8.06 13.34
C ARG A 22 1.55 6.94 12.82
N GLN A 23 1.19 5.71 13.16
CA GLN A 23 1.96 4.54 12.74
C GLN A 23 1.95 4.41 11.22
N ILE A 24 0.76 4.50 10.63
CA ILE A 24 0.61 4.39 9.19
C ILE A 24 1.47 5.41 8.46
N LYS A 25 1.32 6.68 8.85
CA LYS A 25 2.09 7.76 8.24
C LYS A 25 3.59 7.49 8.33
N LYS A 26 4.04 7.10 9.52
CA LYS A 26 5.45 6.80 9.73
C LYS A 26 5.91 5.67 8.82
N ALA A 27 5.19 4.56 8.84
CA ALA A 27 5.51 3.41 8.01
C ALA A 27 5.60 3.80 6.54
N PHE A 28 4.58 4.49 6.06
CA PHE A 28 4.54 4.93 4.66
C PHE A 28 5.71 5.87 4.35
N HIS A 29 5.85 6.91 5.17
CA HIS A 29 6.93 7.88 4.97
C HIS A 29 8.25 7.18 4.71
N LYS A 30 8.76 6.50 5.73
CA LYS A 30 10.04 5.78 5.60
C LYS A 30 10.09 5.00 4.31
N LEU A 31 9.02 4.26 4.02
CA LEU A 31 8.96 3.46 2.80
C LEU A 31 9.16 4.33 1.57
N ALA A 32 8.24 5.25 1.34
CA ALA A 32 8.33 6.15 0.19
C ALA A 32 9.78 6.56 -0.08
N MET A 33 10.56 6.71 0.98
CA MET A 33 11.96 7.08 0.86
C MET A 33 12.77 5.95 0.24
N LYS A 34 12.53 4.73 0.70
CA LYS A 34 13.25 3.56 0.19
C LYS A 34 12.91 3.32 -1.27
N TYR A 35 11.69 3.69 -1.67
CA TYR A 35 11.25 3.50 -3.05
C TYR A 35 10.87 4.84 -3.67
N HIS A 36 11.45 5.91 -3.17
CA HIS A 36 11.17 7.25 -3.68
C HIS A 36 11.64 7.39 -5.12
N PRO A 37 10.71 7.77 -6.00
CA PRO A 37 10.99 7.94 -7.43
C PRO A 37 11.89 9.15 -7.70
N ASP A 38 12.29 9.84 -6.63
CA ASP A 38 13.14 11.00 -6.76
C ASP A 38 14.58 10.68 -6.34
N LYS A 39 14.71 9.80 -5.35
CA LYS A 39 16.02 9.40 -4.85
C LYS A 39 16.49 8.11 -5.52
N ASN A 40 15.54 7.19 -5.74
CA ASN A 40 15.85 5.91 -6.37
C ASN A 40 16.17 6.10 -7.85
N LYS A 41 17.27 5.51 -8.30
CA LYS A 41 17.68 5.61 -9.69
C LYS A 41 17.38 4.31 -10.45
N SER A 42 16.20 3.75 -10.19
CA SER A 42 15.79 2.51 -10.85
C SER A 42 14.32 2.59 -11.28
N PRO A 43 14.00 1.89 -12.38
CA PRO A 43 12.64 1.85 -12.93
C PRO A 43 11.67 1.09 -12.03
N ASP A 44 12.09 -0.10 -11.61
CA ASP A 44 11.26 -0.93 -10.75
C ASP A 44 10.74 -0.14 -9.55
N ALA A 45 11.65 0.60 -8.91
CA ALA A 45 11.29 1.41 -7.76
C ALA A 45 10.04 2.23 -8.02
N GLU A 46 10.03 2.95 -9.14
CA GLU A 46 8.89 3.77 -9.51
C GLU A 46 7.58 3.00 -9.38
N ALA A 47 7.61 1.73 -9.77
CA ALA A 47 6.43 0.88 -9.70
C ALA A 47 6.10 0.52 -8.26
N LYS A 48 7.12 0.14 -7.49
CA LYS A 48 6.94 -0.22 -6.09
C LYS A 48 6.17 0.87 -5.34
N PHE A 49 6.67 2.09 -5.41
CA PHE A 49 6.04 3.22 -4.75
C PHE A 49 4.58 3.35 -5.18
N ARG A 50 4.28 2.92 -6.40
CA ARG A 50 2.93 2.98 -6.93
C ARG A 50 1.97 2.14 -6.09
N GLU A 51 2.53 1.19 -5.35
CA GLU A 51 1.73 0.31 -4.51
C GLU A 51 1.73 0.81 -3.06
N ILE A 52 2.74 1.57 -2.70
CA ILE A 52 2.87 2.10 -1.35
C ILE A 52 1.95 3.31 -1.16
N ALA A 53 2.04 4.26 -2.07
CA ALA A 53 1.21 5.46 -2.00
C ALA A 53 -0.27 5.11 -1.93
N GLU A 54 -0.78 4.47 -2.97
CA GLU A 54 -2.18 4.07 -3.02
C GLU A 54 -2.60 3.36 -1.73
N ALA A 55 -1.71 2.52 -1.22
CA ALA A 55 -1.98 1.78 0.01
C ALA A 55 -2.11 2.73 1.20
N TYR A 56 -1.36 3.81 1.17
CA TYR A 56 -1.39 4.79 2.25
C TYR A 56 -2.60 5.72 2.11
N GLU A 57 -2.74 6.33 0.95
CA GLU A 57 -3.85 7.24 0.68
C GLU A 57 -5.14 6.70 1.27
N THR A 58 -5.30 5.38 1.21
CA THR A 58 -6.50 4.74 1.73
C THR A 58 -6.46 4.65 3.26
N LEU A 59 -5.29 4.32 3.79
CA LEU A 59 -5.11 4.21 5.24
C LEU A 59 -4.64 5.54 5.83
N SER A 60 -4.72 6.59 5.03
CA SER A 60 -4.30 7.92 5.49
C SER A 60 -5.50 8.77 5.90
N ASP A 61 -6.59 8.63 5.15
CA ASP A 61 -7.81 9.38 5.44
C ASP A 61 -8.69 8.62 6.43
N ALA A 62 -9.88 9.17 6.68
CA ALA A 62 -10.81 8.54 7.62
C ALA A 62 -11.80 7.63 6.88
N ASN A 63 -12.65 8.24 6.05
CA ASN A 63 -13.64 7.49 5.29
C ASN A 63 -12.97 6.43 4.43
N ARG A 64 -11.87 6.81 3.77
CA ARG A 64 -11.14 5.89 2.91
C ARG A 64 -10.74 4.62 3.68
N ARG A 65 -10.13 4.81 4.84
CA ARG A 65 -9.71 3.69 5.66
C ARG A 65 -10.91 2.96 6.26
N LYS A 66 -11.97 3.71 6.51
CA LYS A 66 -13.19 3.15 7.09
C LYS A 66 -13.84 2.16 6.11
N GLU A 67 -13.75 2.47 4.82
CA GLU A 67 -14.33 1.61 3.80
C GLU A 67 -13.42 0.43 3.50
N TYR A 68 -12.14 0.69 3.36
CA TYR A 68 -11.16 -0.36 3.07
C TYR A 68 -11.13 -1.39 4.19
N ASP A 69 -11.59 -0.99 5.37
CA ASP A 69 -11.62 -1.89 6.52
C ASP A 69 -13.00 -2.52 6.68
N THR A 70 -14.04 -1.69 6.59
CA THR A 70 -15.41 -2.16 6.73
C THR A 70 -15.79 -3.10 5.60
N LEU A 71 -15.25 -2.84 4.41
CA LEU A 71 -15.54 -3.66 3.24
C LEU A 71 -14.46 -4.72 3.05
N GLY A 72 -13.20 -4.34 3.29
CA GLY A 72 -12.10 -5.27 3.15
C GLY A 72 -11.52 -5.25 1.75
N HIS A 73 -10.19 -5.34 1.67
CA HIS A 73 -9.50 -5.33 0.39
C HIS A 73 -10.23 -6.20 -0.63
N SER A 74 -10.63 -7.41 -0.20
CA SER A 74 -11.33 -8.34 -1.06
C SER A 74 -12.53 -7.66 -1.73
N ALA A 75 -13.21 -6.80 -0.98
CA ALA A 75 -14.37 -6.09 -1.50
C ALA A 75 -14.01 -4.67 -1.90
N PHE A 76 -13.62 -3.85 -0.92
CA PHE A 76 -13.24 -2.47 -1.18
C PHE A 76 -12.55 -2.33 -2.53
N THR A 77 -11.68 -3.30 -2.84
CA THR A 77 -10.95 -3.28 -4.10
C THR A 77 -11.05 -4.63 -4.82
N SER A 78 -12.22 -4.89 -5.41
CA SER A 78 -12.45 -6.14 -6.12
C SER A 78 -12.48 -5.91 -7.62
N GLY A 79 -11.33 -6.04 -8.27
CA GLY A 79 -11.24 -5.84 -9.69
C GLY A 79 -9.83 -5.56 -10.16
N LYS A 80 -9.55 -5.90 -11.41
CA LYS A 80 -8.22 -5.68 -11.99
C LYS A 80 -8.29 -5.47 -13.49
N GLY A 81 -7.39 -4.66 -14.02
CA GLY A 81 -7.38 -4.38 -15.44
C GLY A 81 -6.04 -4.72 -16.09
N GLN A 82 -5.64 -3.91 -17.07
CA GLN A 82 -4.38 -4.13 -17.76
C GLN A 82 -3.24 -4.29 -16.78
N SER A 83 -2.41 -5.31 -16.98
CA SER A 83 -1.27 -5.57 -16.11
C SER A 83 -0.18 -6.33 -16.85
N GLY A 84 1.07 -5.91 -16.64
CA GLY A 84 2.19 -6.55 -17.30
C GLY A 84 2.81 -7.65 -16.45
N PRO A 85 3.84 -7.29 -15.68
CA PRO A 85 4.54 -8.24 -14.81
C PRO A 85 3.69 -8.68 -13.62
N SER A 86 2.96 -9.78 -13.81
CA SER A 86 2.09 -10.29 -12.75
C SER A 86 2.37 -11.78 -12.50
N SER A 87 2.03 -12.60 -13.49
CA SER A 87 2.24 -14.04 -13.38
C SER A 87 3.65 -14.43 -13.81
N GLY A 88 4.01 -15.68 -13.58
CA GLY A 88 5.33 -16.15 -13.95
C GLY A 88 6.08 -16.76 -12.77
N GLY A 1 11.54 -18.78 -3.86
CA GLY A 1 11.99 -17.86 -2.84
C GLY A 1 10.86 -17.28 -2.03
N SER A 2 10.65 -15.97 -2.16
CA SER A 2 9.59 -15.28 -1.43
C SER A 2 8.54 -14.73 -2.39
N SER A 3 7.29 -15.15 -2.19
CA SER A 3 6.19 -14.71 -3.06
C SER A 3 5.96 -13.21 -2.90
N GLY A 4 6.18 -12.46 -3.97
CA GLY A 4 6.00 -11.03 -3.95
C GLY A 4 4.55 -10.63 -4.19
N SER A 5 3.64 -11.19 -3.41
CA SER A 5 2.22 -10.90 -3.55
C SER A 5 1.83 -9.71 -2.68
N SER A 6 1.82 -8.52 -3.27
CA SER A 6 1.46 -7.31 -2.55
C SER A 6 0.36 -7.58 -1.53
N GLY A 7 -0.73 -8.17 -2.00
CA GLY A 7 -1.84 -8.48 -1.12
C GLY A 7 -2.63 -7.25 -0.72
N SER A 8 -2.69 -6.97 0.58
CA SER A 8 -3.42 -5.81 1.07
C SER A 8 -2.47 -4.70 1.50
N TYR A 9 -2.95 -3.47 1.44
CA TYR A 9 -2.13 -2.32 1.82
C TYR A 9 -1.30 -2.62 3.06
N TYR A 10 -1.98 -2.91 4.17
CA TYR A 10 -1.31 -3.22 5.42
C TYR A 10 -0.01 -3.98 5.17
N ASP A 11 -0.02 -4.82 4.15
CA ASP A 11 1.16 -5.61 3.80
C ASP A 11 2.16 -4.76 3.01
N ILE A 12 1.69 -4.13 1.94
CA ILE A 12 2.54 -3.28 1.11
C ILE A 12 3.26 -2.24 1.94
N LEU A 13 2.53 -1.62 2.88
CA LEU A 13 3.10 -0.60 3.74
C LEU A 13 3.88 -1.23 4.89
N GLY A 14 3.34 -2.32 5.43
CA GLY A 14 3.99 -2.99 6.53
C GLY A 14 3.42 -2.60 7.89
N VAL A 15 2.15 -2.23 7.90
CA VAL A 15 1.48 -1.83 9.14
C VAL A 15 0.37 -2.80 9.50
N PRO A 16 0.08 -2.88 10.81
CA PRO A 16 -0.98 -3.77 11.33
C PRO A 16 -2.38 -3.31 10.94
N LYS A 17 -3.34 -4.22 11.03
CA LYS A 17 -4.72 -3.91 10.68
C LYS A 17 -5.28 -2.83 11.62
N SER A 18 -4.76 -2.78 12.84
CA SER A 18 -5.21 -1.81 13.82
C SER A 18 -4.21 -0.67 13.96
N ALA A 19 -3.33 -0.54 12.96
CA ALA A 19 -2.32 0.51 12.97
C ALA A 19 -2.96 1.88 13.11
N SER A 20 -2.42 2.70 14.02
CA SER A 20 -2.94 4.03 14.26
C SER A 20 -2.48 5.01 13.17
N GLU A 21 -3.31 6.01 12.89
CA GLU A 21 -2.97 7.00 11.87
C GLU A 21 -1.48 7.29 11.86
N ARG A 22 -0.92 7.49 13.05
CA ARG A 22 0.50 7.79 13.18
C ARG A 22 1.35 6.65 12.61
N GLN A 23 0.97 5.42 12.94
CA GLN A 23 1.70 4.24 12.46
C GLN A 23 1.68 4.17 10.94
N ILE A 24 0.53 4.47 10.35
CA ILE A 24 0.39 4.44 8.90
C ILE A 24 1.21 5.54 8.25
N LYS A 25 1.05 6.77 8.74
CA LYS A 25 1.77 7.91 8.20
C LYS A 25 3.28 7.73 8.39
N LYS A 26 3.66 7.12 9.50
CA LYS A 26 5.07 6.88 9.79
C LYS A 26 5.63 5.77 8.92
N ALA A 27 4.93 4.65 8.88
CA ALA A 27 5.35 3.50 8.08
C ALA A 27 5.45 3.87 6.60
N PHE A 28 4.44 4.57 6.10
CA PHE A 28 4.42 4.98 4.69
C PHE A 28 5.55 5.96 4.41
N HIS A 29 5.48 7.14 5.02
CA HIS A 29 6.50 8.16 4.83
C HIS A 29 7.87 7.53 4.66
N LYS A 30 8.31 6.78 5.68
CA LYS A 30 9.61 6.13 5.64
C LYS A 30 9.77 5.31 4.36
N LEU A 31 8.76 4.53 4.04
CA LEU A 31 8.78 3.69 2.83
C LEU A 31 9.01 4.54 1.59
N ALA A 32 8.13 5.52 1.37
CA ALA A 32 8.24 6.40 0.21
C ALA A 32 9.69 6.78 -0.05
N MET A 33 10.46 6.98 1.02
CA MET A 33 11.86 7.34 0.90
C MET A 33 12.69 6.15 0.44
N LYS A 34 12.32 4.97 0.91
CA LYS A 34 13.04 3.74 0.54
C LYS A 34 12.80 3.40 -0.93
N TYR A 35 11.63 3.75 -1.44
CA TYR A 35 11.27 3.48 -2.82
C TYR A 35 10.93 4.77 -3.56
N HIS A 36 11.46 5.88 -3.08
CA HIS A 36 11.21 7.18 -3.69
C HIS A 36 11.72 7.20 -5.13
N PRO A 37 10.83 7.55 -6.07
CA PRO A 37 11.17 7.63 -7.49
C PRO A 37 12.10 8.79 -7.80
N ASP A 38 12.37 9.61 -6.81
CA ASP A 38 13.25 10.76 -6.98
C ASP A 38 14.66 10.44 -6.51
N LYS A 39 14.78 9.82 -5.33
CA LYS A 39 16.06 9.46 -4.77
C LYS A 39 16.59 8.16 -5.40
N ASN A 40 15.68 7.21 -5.62
CA ASN A 40 16.05 5.93 -6.21
C ASN A 40 16.24 6.06 -7.71
N LYS A 41 17.28 5.42 -8.23
CA LYS A 41 17.57 5.46 -9.65
C LYS A 41 17.39 4.08 -10.29
N SER A 42 16.23 3.48 -10.05
CA SER A 42 15.93 2.16 -10.59
C SER A 42 14.48 2.09 -11.08
N PRO A 43 14.23 1.19 -12.05
CA PRO A 43 12.89 1.00 -12.62
C PRO A 43 11.92 0.37 -11.64
N ASP A 44 12.37 -0.69 -10.97
CA ASP A 44 11.54 -1.39 -9.99
C ASP A 44 11.02 -0.43 -8.93
N ALA A 45 11.92 0.45 -8.46
CA ALA A 45 11.56 1.41 -7.43
C ALA A 45 10.30 2.18 -7.82
N GLU A 46 10.28 2.71 -9.04
CA GLU A 46 9.14 3.46 -9.53
C GLU A 46 7.84 2.66 -9.37
N ALA A 47 7.92 1.37 -9.69
CA ALA A 47 6.75 0.50 -9.58
C ALA A 47 6.38 0.26 -8.13
N LYS A 48 7.39 0.09 -7.27
CA LYS A 48 7.17 -0.13 -5.85
C LYS A 48 6.34 1.00 -5.24
N PHE A 49 6.86 2.21 -5.32
CA PHE A 49 6.19 3.37 -4.77
C PHE A 49 4.75 3.46 -5.28
N ARG A 50 4.57 3.13 -6.56
CA ARG A 50 3.24 3.16 -7.17
C ARG A 50 2.24 2.34 -6.36
N GLU A 51 2.76 1.39 -5.58
CA GLU A 51 1.92 0.54 -4.76
C GLU A 51 1.87 1.04 -3.31
N ILE A 52 2.96 1.66 -2.87
CA ILE A 52 3.05 2.18 -1.52
C ILE A 52 2.10 3.37 -1.33
N ALA A 53 2.08 4.27 -2.32
CA ALA A 53 1.22 5.44 -2.25
C ALA A 53 -0.25 5.05 -2.21
N GLU A 54 -0.73 4.46 -3.31
CA GLU A 54 -2.13 4.04 -3.40
C GLU A 54 -2.56 3.33 -2.11
N ALA A 55 -1.64 2.58 -1.52
CA ALA A 55 -1.92 1.86 -0.28
C ALA A 55 -2.16 2.83 0.87
N TYR A 56 -1.34 3.86 0.95
CA TYR A 56 -1.46 4.86 2.00
C TYR A 56 -2.69 5.73 1.81
N GLU A 57 -2.84 6.27 0.60
CA GLU A 57 -3.99 7.12 0.28
C GLU A 57 -5.25 6.63 0.99
N THR A 58 -5.51 5.33 0.89
CA THR A 58 -6.68 4.73 1.52
C THR A 58 -6.55 4.77 3.05
N LEU A 59 -5.43 4.29 3.55
CA LEU A 59 -5.18 4.26 4.99
C LEU A 59 -4.72 5.63 5.49
N SER A 60 -4.86 6.64 4.64
CA SER A 60 -4.46 7.99 5.00
C SER A 60 -5.62 8.77 5.60
N ASP A 61 -6.74 8.77 4.88
CA ASP A 61 -7.94 9.47 5.33
C ASP A 61 -8.65 8.69 6.43
N ALA A 62 -9.81 9.19 6.85
CA ALA A 62 -10.59 8.53 7.89
C ALA A 62 -11.65 7.62 7.29
N ASN A 63 -12.62 8.22 6.60
CA ASN A 63 -13.70 7.45 5.99
C ASN A 63 -13.14 6.38 5.06
N ARG A 64 -12.10 6.73 4.31
CA ARG A 64 -11.49 5.79 3.38
C ARG A 64 -10.92 4.59 4.12
N ARG A 65 -10.08 4.85 5.12
CA ARG A 65 -9.48 3.78 5.91
C ARG A 65 -10.54 3.01 6.69
N LYS A 66 -11.62 3.70 7.04
CA LYS A 66 -12.71 3.07 7.80
C LYS A 66 -13.39 2.00 6.96
N GLU A 67 -13.67 2.31 5.70
CA GLU A 67 -14.32 1.38 4.80
C GLU A 67 -13.38 0.23 4.42
N TYR A 68 -12.14 0.59 4.08
CA TYR A 68 -11.13 -0.41 3.71
C TYR A 68 -10.87 -1.38 4.85
N ASP A 69 -11.39 -1.05 6.03
CA ASP A 69 -11.20 -1.89 7.21
C ASP A 69 -12.48 -2.65 7.54
N THR A 70 -13.62 -2.00 7.34
CA THR A 70 -14.91 -2.62 7.62
C THR A 70 -15.34 -3.54 6.48
N LEU A 71 -14.77 -3.31 5.30
CA LEU A 71 -15.09 -4.12 4.13
C LEU A 71 -13.97 -5.11 3.83
N GLY A 72 -12.73 -4.62 3.82
CA GLY A 72 -11.59 -5.48 3.55
C GLY A 72 -10.70 -4.92 2.45
N HIS A 73 -10.34 -5.78 1.49
CA HIS A 73 -9.49 -5.37 0.38
C HIS A 73 -10.15 -5.69 -0.95
N SER A 74 -10.58 -6.93 -1.11
CA SER A 74 -11.23 -7.35 -2.35
C SER A 74 -12.62 -6.74 -2.49
N ALA A 75 -13.11 -6.16 -1.40
CA ALA A 75 -14.41 -5.51 -1.39
C ALA A 75 -14.29 -4.00 -1.55
N PHE A 76 -13.76 -3.36 -0.51
CA PHE A 76 -13.59 -1.90 -0.53
C PHE A 76 -13.09 -1.43 -1.89
N THR A 77 -12.19 -2.20 -2.48
CA THR A 77 -11.62 -1.86 -3.79
C THR A 77 -11.74 -3.03 -4.75
N SER A 78 -12.96 -3.35 -5.18
CA SER A 78 -13.18 -4.45 -6.10
C SER A 78 -13.37 -3.94 -7.53
N GLY A 79 -12.24 -3.69 -8.20
CA GLY A 79 -12.29 -3.21 -9.57
C GLY A 79 -11.77 -4.21 -10.57
N LYS A 80 -10.71 -3.85 -11.27
CA LYS A 80 -10.11 -4.74 -12.27
C LYS A 80 -9.06 -5.63 -11.64
N GLY A 81 -8.19 -5.03 -10.83
CA GLY A 81 -7.14 -5.80 -10.17
C GLY A 81 -5.93 -6.01 -11.07
N GLN A 82 -4.79 -5.44 -10.66
CA GLN A 82 -3.57 -5.57 -11.44
C GLN A 82 -2.67 -6.66 -10.86
N SER A 83 -3.29 -7.76 -10.44
CA SER A 83 -2.55 -8.87 -9.86
C SER A 83 -1.90 -9.73 -10.95
N GLY A 84 -0.58 -9.70 -11.00
CA GLY A 84 0.14 -10.47 -12.01
C GLY A 84 0.18 -11.95 -11.68
N PRO A 85 0.15 -12.79 -12.72
CA PRO A 85 0.18 -14.25 -12.57
C PRO A 85 1.54 -14.75 -12.08
N SER A 86 2.56 -13.92 -12.22
CA SER A 86 3.91 -14.28 -11.79
C SER A 86 3.94 -14.60 -10.30
N SER A 87 3.57 -13.62 -9.49
CA SER A 87 3.55 -13.79 -8.04
C SER A 87 2.86 -15.10 -7.65
N GLY A 88 3.10 -15.54 -6.43
CA GLY A 88 2.49 -16.78 -5.96
C GLY A 88 3.26 -18.01 -6.40
N GLY A 1 12.63 -20.46 -2.39
CA GLY A 1 11.74 -19.33 -2.35
C GLY A 1 11.62 -18.73 -0.96
N SER A 2 10.52 -19.03 -0.27
CA SER A 2 10.30 -18.52 1.07
C SER A 2 10.49 -17.01 1.12
N SER A 3 9.94 -16.31 0.12
CA SER A 3 10.06 -14.86 0.05
C SER A 3 8.77 -14.19 0.53
N GLY A 4 8.85 -12.89 0.81
CA GLY A 4 7.69 -12.16 1.27
C GLY A 4 6.56 -12.19 0.27
N SER A 5 5.47 -11.50 0.59
CA SER A 5 4.30 -11.45 -0.27
C SER A 5 3.72 -10.04 -0.33
N SER A 6 2.72 -9.85 -1.18
CA SER A 6 2.08 -8.55 -1.34
C SER A 6 0.58 -8.71 -1.63
N GLY A 7 -0.17 -7.63 -1.44
CA GLY A 7 -1.59 -7.66 -1.68
C GLY A 7 -2.33 -6.53 -0.99
N SER A 8 -2.70 -6.74 0.27
CA SER A 8 -3.42 -5.73 1.03
C SER A 8 -2.48 -4.59 1.44
N TYR A 9 -2.99 -3.36 1.38
CA TYR A 9 -2.20 -2.19 1.74
C TYR A 9 -1.37 -2.47 2.99
N TYR A 10 -2.04 -2.76 4.09
CA TYR A 10 -1.37 -3.04 5.35
C TYR A 10 -0.09 -3.85 5.12
N ASP A 11 -0.14 -4.76 4.15
CA ASP A 11 1.01 -5.59 3.82
C ASP A 11 2.06 -4.79 3.05
N ILE A 12 1.62 -4.10 2.01
CA ILE A 12 2.52 -3.29 1.19
C ILE A 12 3.25 -2.26 2.04
N LEU A 13 2.52 -1.63 2.96
CA LEU A 13 3.11 -0.61 3.83
C LEU A 13 3.83 -1.27 5.00
N GLY A 14 3.22 -2.29 5.59
CA GLY A 14 3.82 -2.98 6.71
C GLY A 14 3.25 -2.53 8.04
N VAL A 15 1.96 -2.21 8.05
CA VAL A 15 1.28 -1.78 9.27
C VAL A 15 0.18 -2.75 9.67
N PRO A 16 -0.14 -2.77 10.97
CA PRO A 16 -1.18 -3.65 11.51
C PRO A 16 -2.58 -3.23 11.07
N LYS A 17 -3.52 -4.17 11.13
CA LYS A 17 -4.90 -3.89 10.75
C LYS A 17 -5.49 -2.78 11.61
N SER A 18 -4.97 -2.64 12.82
CA SER A 18 -5.45 -1.62 13.74
C SER A 18 -4.43 -0.49 13.89
N ALA A 19 -3.50 -0.41 12.94
CA ALA A 19 -2.47 0.62 12.96
C ALA A 19 -3.08 2.01 13.09
N SER A 20 -2.47 2.84 13.93
CA SER A 20 -2.96 4.19 14.16
C SER A 20 -2.53 5.12 13.02
N GLU A 21 -3.34 6.14 12.77
CA GLU A 21 -3.03 7.10 11.70
C GLU A 21 -1.54 7.44 11.69
N ARG A 22 -0.94 7.50 12.87
CA ARG A 22 0.47 7.83 13.00
C ARG A 22 1.34 6.65 12.55
N GLN A 23 0.88 5.44 12.85
CA GLN A 23 1.61 4.23 12.48
C GLN A 23 1.60 4.04 10.97
N ILE A 24 0.49 4.39 10.33
CA ILE A 24 0.37 4.26 8.89
C ILE A 24 1.29 5.23 8.16
N LYS A 25 1.10 6.52 8.43
CA LYS A 25 1.92 7.55 7.80
C LYS A 25 3.39 7.37 8.14
N LYS A 26 3.66 6.84 9.33
CA LYS A 26 5.03 6.61 9.77
C LYS A 26 5.68 5.50 8.95
N ALA A 27 5.00 4.35 8.88
CA ALA A 27 5.53 3.21 8.13
C ALA A 27 5.66 3.55 6.65
N PHE A 28 4.71 4.32 6.13
CA PHE A 28 4.72 4.71 4.73
C PHE A 28 5.83 5.73 4.46
N HIS A 29 5.84 6.81 5.23
CA HIS A 29 6.84 7.85 5.08
C HIS A 29 8.22 7.26 4.82
N LYS A 30 8.71 6.47 5.78
CA LYS A 30 10.01 5.84 5.65
C LYS A 30 10.12 5.06 4.35
N LEU A 31 9.10 4.27 4.05
CA LEU A 31 9.07 3.47 2.83
C LEU A 31 9.26 4.36 1.60
N ALA A 32 8.30 5.24 1.35
CA ALA A 32 8.36 6.15 0.22
C ALA A 32 9.80 6.56 -0.08
N MET A 33 10.58 6.77 0.97
CA MET A 33 11.97 7.17 0.82
C MET A 33 12.79 6.05 0.19
N LYS A 34 12.66 4.85 0.74
CA LYS A 34 13.39 3.69 0.22
C LYS A 34 12.98 3.39 -1.22
N TYR A 35 11.73 3.69 -1.55
CA TYR A 35 11.22 3.45 -2.90
C TYR A 35 10.89 4.77 -3.60
N HIS A 36 11.51 5.85 -3.13
CA HIS A 36 11.29 7.17 -3.71
C HIS A 36 11.84 7.24 -5.14
N PRO A 37 10.98 7.62 -6.09
CA PRO A 37 11.35 7.73 -7.50
C PRO A 37 12.30 8.90 -7.76
N ASP A 38 12.66 9.61 -6.69
CA ASP A 38 13.56 10.74 -6.79
C ASP A 38 14.96 10.38 -6.32
N LYS A 39 15.03 9.63 -5.23
CA LYS A 39 16.32 9.20 -4.67
C LYS A 39 16.74 7.86 -5.26
N ASN A 40 15.78 6.99 -5.51
CA ASN A 40 16.07 5.68 -6.07
C ASN A 40 16.30 5.77 -7.57
N LYS A 41 17.51 5.40 -8.00
CA LYS A 41 17.86 5.44 -9.42
C LYS A 41 17.55 4.11 -10.09
N SER A 42 16.34 3.61 -9.88
CA SER A 42 15.92 2.34 -10.47
C SER A 42 14.51 2.44 -11.04
N PRO A 43 14.29 1.78 -12.18
CA PRO A 43 12.98 1.79 -12.85
C PRO A 43 11.93 1.00 -12.08
N ASP A 44 12.37 -0.05 -11.39
CA ASP A 44 11.46 -0.89 -10.61
C ASP A 44 10.93 -0.12 -9.40
N ALA A 45 11.79 0.71 -8.81
CA ALA A 45 11.42 1.50 -7.65
C ALA A 45 10.16 2.32 -7.92
N GLU A 46 10.17 3.03 -9.04
CA GLU A 46 9.03 3.86 -9.42
C GLU A 46 7.72 3.08 -9.33
N ALA A 47 7.78 1.80 -9.68
CA ALA A 47 6.61 0.93 -9.64
C ALA A 47 6.21 0.63 -8.20
N LYS A 48 7.16 0.15 -7.41
CA LYS A 48 6.91 -0.19 -6.02
C LYS A 48 6.17 0.95 -5.31
N PHE A 49 6.71 2.15 -5.41
CA PHE A 49 6.11 3.32 -4.78
C PHE A 49 4.65 3.47 -5.22
N ARG A 50 4.36 3.09 -6.45
CA ARG A 50 3.00 3.19 -6.99
C ARG A 50 2.03 2.37 -6.14
N GLU A 51 2.57 1.38 -5.41
CA GLU A 51 1.75 0.52 -4.57
C GLU A 51 1.77 1.01 -3.13
N ILE A 52 2.87 1.63 -2.72
CA ILE A 52 3.01 2.14 -1.36
C ILE A 52 2.11 3.34 -1.14
N ALA A 53 2.14 4.28 -2.08
CA ALA A 53 1.31 5.48 -1.99
C ALA A 53 -0.18 5.13 -1.98
N GLU A 54 -0.66 4.59 -3.08
CA GLU A 54 -2.05 4.21 -3.20
C GLU A 54 -2.56 3.55 -1.92
N ALA A 55 -1.74 2.65 -1.37
CA ALA A 55 -2.09 1.94 -0.15
C ALA A 55 -2.34 2.92 0.99
N TYR A 56 -1.44 3.88 1.16
CA TYR A 56 -1.56 4.87 2.22
C TYR A 56 -2.76 5.78 1.96
N GLU A 57 -2.89 6.28 0.74
CA GLU A 57 -3.99 7.15 0.38
C GLU A 57 -5.29 6.70 1.03
N THR A 58 -5.50 5.39 1.06
CA THR A 58 -6.70 4.83 1.66
C THR A 58 -6.62 4.81 3.18
N LEU A 59 -5.51 4.31 3.71
CA LEU A 59 -5.30 4.26 5.15
C LEU A 59 -4.98 5.64 5.71
N SER A 60 -4.92 6.63 4.82
CA SER A 60 -4.63 8.00 5.23
C SER A 60 -5.90 8.73 5.64
N ASP A 61 -6.87 8.77 4.75
CA ASP A 61 -8.14 9.43 5.02
C ASP A 61 -8.98 8.61 6.00
N ALA A 62 -9.86 9.30 6.73
CA ALA A 62 -10.72 8.63 7.70
C ALA A 62 -11.73 7.72 7.01
N ASN A 63 -12.69 8.33 6.32
CA ASN A 63 -13.71 7.56 5.62
C ASN A 63 -13.08 6.49 4.73
N ARG A 64 -12.07 6.88 3.97
CA ARG A 64 -11.39 5.95 3.08
C ARG A 64 -10.91 4.73 3.84
N ARG A 65 -10.13 4.94 4.89
CA ARG A 65 -9.61 3.85 5.70
C ARG A 65 -10.73 3.16 6.46
N LYS A 66 -11.80 3.89 6.74
CA LYS A 66 -12.94 3.34 7.46
C LYS A 66 -13.55 2.18 6.69
N GLU A 67 -13.74 2.36 5.39
CA GLU A 67 -14.32 1.32 4.54
C GLU A 67 -13.31 0.21 4.28
N TYR A 68 -12.08 0.59 3.98
CA TYR A 68 -11.01 -0.38 3.71
C TYR A 68 -10.78 -1.27 4.92
N ASP A 69 -11.38 -0.91 6.04
CA ASP A 69 -11.23 -1.68 7.27
C ASP A 69 -12.50 -2.46 7.58
N THR A 70 -13.64 -1.79 7.45
CA THR A 70 -14.93 -2.41 7.71
C THR A 70 -15.31 -3.38 6.60
N LEU A 71 -14.71 -3.20 5.44
CA LEU A 71 -14.99 -4.06 4.29
C LEU A 71 -13.82 -5.00 4.03
N GLY A 72 -12.60 -4.48 4.12
CA GLY A 72 -11.42 -5.29 3.89
C GLY A 72 -10.62 -4.82 2.70
N HIS A 73 -10.05 -5.77 1.96
CA HIS A 73 -9.25 -5.45 0.78
C HIS A 73 -9.95 -5.89 -0.49
N SER A 74 -10.20 -7.19 -0.61
CA SER A 74 -10.88 -7.74 -1.78
C SER A 74 -12.28 -7.19 -1.90
N ALA A 75 -12.89 -6.86 -0.76
CA ALA A 75 -14.24 -6.33 -0.74
C ALA A 75 -14.25 -4.84 -1.06
N PHE A 76 -13.46 -4.07 -0.33
CA PHE A 76 -13.38 -2.63 -0.54
C PHE A 76 -12.89 -2.31 -1.95
N THR A 77 -12.21 -3.28 -2.56
CA THR A 77 -11.69 -3.10 -3.90
C THR A 77 -12.61 -3.75 -4.94
N SER A 78 -13.91 -3.70 -4.68
CA SER A 78 -14.89 -4.28 -5.59
C SER A 78 -15.00 -3.46 -6.87
N GLY A 79 -14.77 -4.12 -8.00
CA GLY A 79 -14.84 -3.45 -9.28
C GLY A 79 -13.47 -3.17 -9.88
N LYS A 80 -12.53 -4.06 -9.62
CA LYS A 80 -11.17 -3.91 -10.12
C LYS A 80 -10.64 -5.24 -10.66
N GLY A 81 -9.64 -5.15 -11.53
CA GLY A 81 -9.06 -6.36 -12.11
C GLY A 81 -7.55 -6.27 -12.23
N GLN A 82 -6.95 -7.30 -12.81
CA GLN A 82 -5.50 -7.35 -12.99
C GLN A 82 -5.12 -7.18 -14.45
N SER A 83 -4.14 -6.33 -14.72
CA SER A 83 -3.68 -6.09 -16.09
C SER A 83 -2.24 -6.55 -16.27
N GLY A 84 -1.39 -6.20 -15.29
CA GLY A 84 0.00 -6.58 -15.37
C GLY A 84 0.19 -8.02 -15.84
N PRO A 85 1.32 -8.28 -16.51
CA PRO A 85 1.64 -9.62 -17.02
C PRO A 85 1.98 -10.60 -15.90
N SER A 86 2.44 -10.07 -14.78
CA SER A 86 2.80 -10.90 -13.64
C SER A 86 1.68 -10.92 -12.60
N SER A 87 1.37 -12.12 -12.10
CA SER A 87 0.31 -12.27 -11.10
C SER A 87 0.83 -12.99 -9.86
N GLY A 88 0.30 -12.61 -8.70
CA GLY A 88 0.72 -13.21 -7.46
C GLY A 88 1.18 -12.19 -6.44
N GLY A 1 12.68 -8.31 1.42
CA GLY A 1 12.07 -8.69 0.16
C GLY A 1 12.24 -10.16 -0.15
N SER A 2 11.12 -10.89 -0.17
CA SER A 2 11.15 -12.32 -0.44
C SER A 2 10.09 -12.69 -1.49
N SER A 3 10.16 -13.93 -1.96
CA SER A 3 9.21 -14.41 -2.97
C SER A 3 7.78 -14.34 -2.43
N GLY A 4 6.92 -13.63 -3.16
CA GLY A 4 5.54 -13.50 -2.74
C GLY A 4 4.75 -12.57 -3.65
N SER A 5 4.10 -11.58 -3.04
CA SER A 5 3.30 -10.61 -3.79
C SER A 5 2.88 -9.45 -2.90
N SER A 6 2.26 -8.45 -3.51
CA SER A 6 1.80 -7.27 -2.77
C SER A 6 0.72 -7.64 -1.78
N GLY A 7 -0.48 -7.95 -2.28
CA GLY A 7 -1.59 -8.31 -1.42
C GLY A 7 -2.40 -7.11 -0.98
N SER A 8 -2.53 -6.94 0.32
CA SER A 8 -3.31 -5.82 0.87
C SER A 8 -2.38 -4.67 1.29
N TYR A 9 -2.97 -3.50 1.49
CA TYR A 9 -2.19 -2.33 1.89
C TYR A 9 -1.38 -2.61 3.15
N TYR A 10 -2.07 -2.99 4.23
CA TYR A 10 -1.41 -3.30 5.49
C TYR A 10 -0.14 -4.12 5.26
N ASP A 11 -0.12 -4.85 4.16
CA ASP A 11 1.02 -5.70 3.82
C ASP A 11 2.06 -4.90 3.03
N ILE A 12 1.58 -4.07 2.10
CA ILE A 12 2.46 -3.26 1.27
C ILE A 12 3.17 -2.20 2.10
N LEU A 13 2.41 -1.51 2.94
CA LEU A 13 2.97 -0.46 3.79
C LEU A 13 3.75 -1.07 4.96
N GLY A 14 3.28 -2.22 5.44
CA GLY A 14 3.95 -2.89 6.54
C GLY A 14 3.38 -2.48 7.89
N VAL A 15 2.08 -2.27 7.94
CA VAL A 15 1.41 -1.87 9.18
C VAL A 15 0.30 -2.86 9.54
N PRO A 16 0.00 -2.96 10.85
CA PRO A 16 -1.03 -3.85 11.36
C PRO A 16 -2.44 -3.38 10.98
N LYS A 17 -3.37 -4.32 10.94
CA LYS A 17 -4.76 -4.00 10.60
C LYS A 17 -5.34 -2.97 11.57
N SER A 18 -4.75 -2.88 12.75
CA SER A 18 -5.21 -1.94 13.76
C SER A 18 -4.20 -0.80 13.95
N ALA A 19 -3.33 -0.63 12.96
CA ALA A 19 -2.32 0.42 13.01
C ALA A 19 -2.96 1.79 13.18
N SER A 20 -2.38 2.62 14.04
CA SER A 20 -2.89 3.95 14.30
C SER A 20 -2.42 4.94 13.23
N GLU A 21 -3.22 5.96 12.98
CA GLU A 21 -2.87 6.97 11.98
C GLU A 21 -1.36 7.21 11.95
N ARG A 22 -0.79 7.49 13.10
CA ARG A 22 0.65 7.74 13.21
C ARG A 22 1.44 6.59 12.62
N GLN A 23 1.04 5.37 12.97
CA GLN A 23 1.72 4.18 12.47
C GLN A 23 1.69 4.12 10.94
N ILE A 24 0.53 4.42 10.37
CA ILE A 24 0.37 4.42 8.93
C ILE A 24 1.24 5.48 8.26
N LYS A 25 1.08 6.72 8.72
CA LYS A 25 1.85 7.83 8.17
C LYS A 25 3.35 7.57 8.30
N LYS A 26 3.76 7.14 9.49
CA LYS A 26 5.17 6.84 9.75
C LYS A 26 5.65 5.67 8.90
N ALA A 27 4.83 4.62 8.84
CA ALA A 27 5.17 3.44 8.06
C ALA A 27 5.28 3.77 6.58
N PHE A 28 4.42 4.67 6.11
CA PHE A 28 4.42 5.07 4.72
C PHE A 28 5.59 6.00 4.41
N HIS A 29 5.68 7.10 5.16
CA HIS A 29 6.75 8.06 4.97
C HIS A 29 8.09 7.36 4.78
N LYS A 30 8.56 6.68 5.81
CA LYS A 30 9.82 5.96 5.75
C LYS A 30 9.95 5.18 4.44
N LEU A 31 8.91 4.40 4.12
CA LEU A 31 8.90 3.60 2.91
C LEU A 31 9.14 4.48 1.68
N ALA A 32 8.22 5.41 1.45
CA ALA A 32 8.33 6.32 0.31
C ALA A 32 9.78 6.72 0.07
N MET A 33 10.54 6.86 1.15
CA MET A 33 11.94 7.23 1.05
C MET A 33 12.76 6.13 0.41
N LYS A 34 12.58 4.90 0.91
CA LYS A 34 13.32 3.76 0.38
C LYS A 34 12.94 3.49 -1.07
N TYR A 35 11.70 3.79 -1.42
CA TYR A 35 11.21 3.58 -2.79
C TYR A 35 10.91 4.91 -3.45
N HIS A 36 11.50 5.97 -2.95
CA HIS A 36 11.29 7.31 -3.50
C HIS A 36 11.79 7.39 -4.94
N PRO A 37 10.88 7.71 -5.87
CA PRO A 37 11.20 7.84 -7.29
C PRO A 37 12.09 9.04 -7.58
N ASP A 38 12.43 9.78 -6.55
CA ASP A 38 13.27 10.96 -6.70
C ASP A 38 14.72 10.65 -6.29
N LYS A 39 14.88 9.77 -5.32
CA LYS A 39 16.20 9.38 -4.85
C LYS A 39 16.64 8.06 -5.47
N ASN A 40 15.70 7.13 -5.59
CA ASN A 40 15.99 5.82 -6.17
C ASN A 40 16.27 5.94 -7.66
N LYS A 41 17.37 5.34 -8.11
CA LYS A 41 17.75 5.38 -9.52
C LYS A 41 17.52 4.02 -10.17
N SER A 42 16.30 3.53 -10.09
CA SER A 42 15.95 2.24 -10.67
C SER A 42 14.51 2.25 -11.21
N PRO A 43 14.31 1.56 -12.35
CA PRO A 43 12.99 1.47 -12.98
C PRO A 43 12.00 0.65 -12.18
N ASP A 44 12.53 -0.15 -11.24
CA ASP A 44 11.69 -1.00 -10.40
C ASP A 44 11.10 -0.20 -9.25
N ALA A 45 11.88 0.75 -8.74
CA ALA A 45 11.44 1.59 -7.63
C ALA A 45 10.15 2.34 -7.98
N GLU A 46 10.11 2.90 -9.19
CA GLU A 46 8.94 3.64 -9.64
C GLU A 46 7.66 2.84 -9.42
N ALA A 47 7.73 1.53 -9.71
CA ALA A 47 6.58 0.66 -9.53
C ALA A 47 6.28 0.43 -8.05
N LYS A 48 7.33 0.16 -7.28
CA LYS A 48 7.17 -0.07 -5.85
C LYS A 48 6.34 1.03 -5.20
N PHE A 49 6.79 2.28 -5.36
CA PHE A 49 6.09 3.42 -4.79
C PHE A 49 4.64 3.47 -5.27
N ARG A 50 4.42 2.99 -6.49
CA ARG A 50 3.08 2.98 -7.07
C ARG A 50 2.13 2.10 -6.24
N GLU A 51 2.71 1.20 -5.45
CA GLU A 51 1.92 0.31 -4.61
C GLU A 51 1.85 0.83 -3.18
N ILE A 52 2.90 1.50 -2.75
CA ILE A 52 2.96 2.05 -1.40
C ILE A 52 1.99 3.22 -1.25
N ALA A 53 2.03 4.15 -2.21
CA ALA A 53 1.16 5.32 -2.18
C ALA A 53 -0.31 4.90 -2.18
N GLU A 54 -0.75 4.30 -3.28
CA GLU A 54 -2.13 3.86 -3.41
C GLU A 54 -2.60 3.18 -2.13
N ALA A 55 -1.71 2.41 -1.50
CA ALA A 55 -2.02 1.71 -0.28
C ALA A 55 -2.23 2.68 0.89
N TYR A 56 -1.34 3.65 0.99
CA TYR A 56 -1.42 4.65 2.05
C TYR A 56 -2.64 5.56 1.87
N GLU A 57 -2.76 6.13 0.68
CA GLU A 57 -3.88 7.01 0.38
C GLU A 57 -5.16 6.54 1.07
N THR A 58 -5.47 5.26 0.91
CA THR A 58 -6.66 4.68 1.51
C THR A 58 -6.54 4.65 3.04
N LEU A 59 -5.37 4.29 3.54
CA LEU A 59 -5.12 4.22 4.97
C LEU A 59 -4.70 5.58 5.50
N SER A 60 -4.79 6.61 4.67
CA SER A 60 -4.41 7.95 5.06
C SER A 60 -5.64 8.78 5.43
N ASP A 61 -6.72 8.59 4.68
CA ASP A 61 -7.96 9.31 4.93
C ASP A 61 -8.81 8.58 5.97
N ALA A 62 -9.83 9.27 6.49
CA ALA A 62 -10.72 8.69 7.49
C ALA A 62 -11.72 7.74 6.84
N ASN A 63 -12.68 8.30 6.12
CA ASN A 63 -13.70 7.51 5.45
C ASN A 63 -13.08 6.39 4.63
N ARG A 64 -12.05 6.74 3.86
CA ARG A 64 -11.36 5.75 3.02
C ARG A 64 -10.84 4.59 3.87
N ARG A 65 -10.05 4.92 4.89
CA ARG A 65 -9.49 3.90 5.77
C ARG A 65 -10.59 3.17 6.54
N LYS A 66 -11.69 3.88 6.78
CA LYS A 66 -12.81 3.31 7.51
C LYS A 66 -13.51 2.23 6.67
N GLU A 67 -13.71 2.52 5.39
CA GLU A 67 -14.36 1.58 4.49
C GLU A 67 -13.44 0.41 4.17
N TYR A 68 -12.18 0.71 3.87
CA TYR A 68 -11.20 -0.32 3.54
C TYR A 68 -11.03 -1.29 4.70
N ASP A 69 -11.22 -0.79 5.92
CA ASP A 69 -11.08 -1.61 7.12
C ASP A 69 -12.38 -2.32 7.45
N THR A 70 -13.49 -1.57 7.37
CA THR A 70 -14.80 -2.12 7.66
C THR A 70 -15.22 -3.14 6.60
N LEU A 71 -14.71 -2.96 5.39
CA LEU A 71 -15.04 -3.86 4.28
C LEU A 71 -13.88 -4.80 4.00
N GLY A 72 -12.67 -4.26 3.96
CA GLY A 72 -11.50 -5.07 3.69
C GLY A 72 -10.74 -4.62 2.46
N HIS A 73 -9.99 -5.53 1.86
CA HIS A 73 -9.22 -5.22 0.66
C HIS A 73 -10.02 -5.54 -0.60
N SER A 74 -10.53 -6.75 -0.69
CA SER A 74 -11.31 -7.18 -1.85
C SER A 74 -12.73 -6.62 -1.78
N ALA A 75 -13.30 -6.63 -0.58
CA ALA A 75 -14.65 -6.11 -0.38
C ALA A 75 -14.72 -4.62 -0.65
N PHE A 76 -13.69 -3.90 -0.22
CA PHE A 76 -13.64 -2.45 -0.42
C PHE A 76 -13.39 -2.11 -1.89
N THR A 77 -12.52 -2.89 -2.53
CA THR A 77 -12.19 -2.67 -3.93
C THR A 77 -13.20 -3.33 -4.85
N SER A 78 -14.48 -3.05 -4.61
CA SER A 78 -15.55 -3.63 -5.41
C SER A 78 -15.89 -2.72 -6.59
N GLY A 79 -15.82 -3.28 -7.80
CA GLY A 79 -16.12 -2.51 -8.99
C GLY A 79 -14.88 -2.02 -9.69
N LYS A 80 -13.92 -2.92 -9.92
CA LYS A 80 -12.68 -2.57 -10.58
C LYS A 80 -12.60 -3.20 -11.96
N GLY A 81 -12.90 -2.42 -12.99
CA GLY A 81 -12.86 -2.93 -14.35
C GLY A 81 -11.45 -3.03 -14.89
N GLN A 82 -10.67 -1.97 -14.69
CA GLN A 82 -9.29 -1.94 -15.17
C GLN A 82 -8.43 -2.92 -14.40
N SER A 83 -7.23 -3.18 -14.91
CA SER A 83 -6.30 -4.11 -14.27
C SER A 83 -4.88 -3.56 -14.29
N GLY A 84 -4.03 -4.08 -13.41
CA GLY A 84 -2.65 -3.63 -13.35
C GLY A 84 -1.68 -4.79 -13.22
N PRO A 85 -1.33 -5.40 -14.37
CA PRO A 85 -0.39 -6.53 -14.41
C PRO A 85 1.03 -6.11 -14.08
N SER A 86 1.86 -7.09 -13.73
CA SER A 86 3.25 -6.82 -13.38
C SER A 86 4.20 -7.56 -14.34
N SER A 87 4.89 -6.80 -15.17
CA SER A 87 5.82 -7.38 -16.13
C SER A 87 7.15 -6.62 -16.12
N GLY A 88 8.03 -6.99 -15.20
CA GLY A 88 9.33 -6.32 -15.12
C GLY A 88 10.39 -7.00 -15.95
N GLY A 1 5.68 -19.85 2.96
CA GLY A 1 4.63 -19.55 3.92
C GLY A 1 4.80 -18.17 4.54
N SER A 2 3.82 -17.31 4.35
CA SER A 2 3.86 -15.96 4.90
C SER A 2 5.26 -15.36 4.75
N SER A 3 5.83 -15.52 3.57
CA SER A 3 7.17 -14.99 3.29
C SER A 3 7.15 -13.48 3.13
N GLY A 4 6.17 -12.99 2.36
CA GLY A 4 6.05 -11.56 2.14
C GLY A 4 5.43 -11.24 0.80
N SER A 5 4.19 -11.68 0.58
CA SER A 5 3.49 -11.44 -0.67
C SER A 5 2.77 -10.10 -0.64
N SER A 6 2.76 -9.41 -1.77
CA SER A 6 2.10 -8.12 -1.88
C SER A 6 0.66 -8.27 -2.36
N GLY A 7 -0.28 -8.05 -1.44
CA GLY A 7 -1.69 -8.18 -1.78
C GLY A 7 -2.53 -7.07 -1.19
N SER A 8 -2.49 -6.93 0.14
CA SER A 8 -3.26 -5.91 0.83
C SER A 8 -2.35 -4.77 1.28
N TYR A 9 -2.94 -3.59 1.45
CA TYR A 9 -2.19 -2.41 1.89
C TYR A 9 -1.36 -2.72 3.13
N TYR A 10 -2.04 -3.07 4.21
CA TYR A 10 -1.37 -3.39 5.46
C TYR A 10 -0.06 -4.14 5.21
N ASP A 11 -0.03 -4.92 4.14
CA ASP A 11 1.15 -5.68 3.77
C ASP A 11 2.14 -4.82 3.01
N ILE A 12 1.64 -4.09 2.02
CA ILE A 12 2.48 -3.22 1.21
C ILE A 12 3.18 -2.16 2.07
N LEU A 13 2.42 -1.60 3.00
CA LEU A 13 2.96 -0.58 3.90
C LEU A 13 3.74 -1.21 5.05
N GLY A 14 3.23 -2.34 5.54
CA GLY A 14 3.89 -3.03 6.64
C GLY A 14 3.32 -2.63 7.99
N VAL A 15 2.03 -2.33 8.03
CA VAL A 15 1.37 -1.94 9.27
C VAL A 15 0.19 -2.86 9.57
N PRO A 16 -0.12 -2.99 10.87
CA PRO A 16 -1.22 -3.85 11.33
C PRO A 16 -2.59 -3.28 10.96
N LYS A 17 -3.63 -4.07 11.18
CA LYS A 17 -4.99 -3.64 10.87
C LYS A 17 -5.45 -2.55 11.84
N SER A 18 -4.93 -2.59 13.05
CA SER A 18 -5.29 -1.60 14.07
C SER A 18 -4.32 -0.43 14.06
N ALA A 19 -3.39 -0.44 13.11
CA ALA A 19 -2.39 0.61 13.00
C ALA A 19 -3.04 1.99 13.09
N SER A 20 -2.48 2.85 13.94
CA SER A 20 -3.01 4.19 14.13
C SER A 20 -2.49 5.14 13.04
N GLU A 21 -3.26 6.20 12.78
CA GLU A 21 -2.88 7.17 11.76
C GLU A 21 -1.38 7.43 11.79
N ARG A 22 -0.85 7.68 12.99
CA ARG A 22 0.57 7.95 13.15
C ARG A 22 1.42 6.78 12.64
N GLN A 23 0.94 5.56 12.89
CA GLN A 23 1.64 4.37 12.47
C GLN A 23 1.66 4.26 10.94
N ILE A 24 0.50 4.47 10.33
CA ILE A 24 0.38 4.40 8.88
C ILE A 24 1.25 5.47 8.20
N LYS A 25 1.07 6.71 8.61
CA LYS A 25 1.83 7.82 8.05
C LYS A 25 3.33 7.56 8.17
N LYS A 26 3.76 7.11 9.35
CA LYS A 26 5.17 6.82 9.58
C LYS A 26 5.64 5.66 8.72
N ALA A 27 4.82 4.62 8.63
CA ALA A 27 5.15 3.45 7.83
C ALA A 27 5.27 3.81 6.35
N PHE A 28 4.36 4.67 5.88
CA PHE A 28 4.37 5.09 4.48
C PHE A 28 5.54 6.02 4.21
N HIS A 29 5.63 7.10 4.98
CA HIS A 29 6.70 8.07 4.82
C HIS A 29 8.05 7.37 4.65
N LYS A 30 8.49 6.70 5.71
CA LYS A 30 9.76 5.98 5.68
C LYS A 30 9.90 5.18 4.40
N LEU A 31 8.87 4.41 4.07
CA LEU A 31 8.87 3.59 2.87
C LEU A 31 9.14 4.44 1.63
N ALA A 32 8.23 5.36 1.34
CA ALA A 32 8.37 6.24 0.19
C ALA A 32 9.82 6.63 -0.04
N MET A 33 10.56 6.79 1.07
CA MET A 33 11.97 7.17 0.99
C MET A 33 12.80 6.03 0.40
N LYS A 34 12.55 4.82 0.86
CA LYS A 34 13.28 3.65 0.39
C LYS A 34 12.99 3.39 -1.08
N TYR A 35 11.75 3.65 -1.49
CA TYR A 35 11.34 3.44 -2.87
C TYR A 35 11.09 4.77 -3.57
N HIS A 36 11.61 5.85 -2.99
CA HIS A 36 11.45 7.18 -3.55
C HIS A 36 12.01 7.24 -4.98
N PRO A 37 11.13 7.57 -5.94
CA PRO A 37 11.53 7.67 -7.35
C PRO A 37 12.42 8.87 -7.62
N ASP A 38 12.66 9.67 -6.59
CA ASP A 38 13.50 10.85 -6.71
C ASP A 38 14.93 10.54 -6.26
N LYS A 39 15.06 9.75 -5.20
CA LYS A 39 16.36 9.39 -4.68
C LYS A 39 16.83 8.06 -5.25
N ASN A 40 15.89 7.15 -5.47
CA ASN A 40 16.20 5.83 -6.02
C ASN A 40 16.50 5.93 -7.51
N LYS A 41 17.69 5.50 -7.90
CA LYS A 41 18.11 5.53 -9.30
C LYS A 41 17.79 4.21 -9.99
N SER A 42 16.58 3.71 -9.79
CA SER A 42 16.16 2.46 -10.39
C SER A 42 14.78 2.59 -11.03
N PRO A 43 14.59 1.91 -12.16
CA PRO A 43 13.32 1.93 -12.91
C PRO A 43 12.21 1.20 -12.16
N ASP A 44 12.56 0.08 -11.53
CA ASP A 44 11.60 -0.72 -10.79
C ASP A 44 11.08 0.05 -9.58
N ALA A 45 11.98 0.76 -8.90
CA ALA A 45 11.60 1.54 -7.73
C ALA A 45 10.30 2.29 -7.96
N GLU A 46 10.19 2.93 -9.12
CA GLU A 46 8.99 3.69 -9.46
C GLU A 46 7.74 2.82 -9.33
N ALA A 47 7.85 1.58 -9.77
CA ALA A 47 6.72 0.64 -9.70
C ALA A 47 6.33 0.36 -8.26
N LYS A 48 7.34 0.11 -7.42
CA LYS A 48 7.10 -0.18 -6.01
C LYS A 48 6.33 0.95 -5.34
N PHE A 49 6.84 2.17 -5.48
CA PHE A 49 6.20 3.34 -4.88
C PHE A 49 4.74 3.45 -5.34
N ARG A 50 4.47 2.98 -6.56
CA ARG A 50 3.13 3.03 -7.11
C ARG A 50 2.18 2.18 -6.28
N GLU A 51 2.72 1.23 -5.52
CA GLU A 51 1.92 0.36 -4.68
C GLU A 51 1.86 0.88 -3.25
N ILE A 52 2.88 1.63 -2.85
CA ILE A 52 2.94 2.18 -1.51
C ILE A 52 1.98 3.35 -1.35
N ALA A 53 1.98 4.25 -2.33
CA ALA A 53 1.10 5.41 -2.30
C ALA A 53 -0.37 4.99 -2.20
N GLU A 54 -0.84 4.30 -3.24
CA GLU A 54 -2.23 3.84 -3.26
C GLU A 54 -2.62 3.19 -1.93
N ALA A 55 -1.67 2.45 -1.35
CA ALA A 55 -1.92 1.78 -0.07
C ALA A 55 -2.16 2.80 1.04
N TYR A 56 -1.31 3.82 1.10
CA TYR A 56 -1.44 4.85 2.12
C TYR A 56 -2.68 5.70 1.89
N GLU A 57 -2.79 6.25 0.68
CA GLU A 57 -3.93 7.09 0.33
C GLU A 57 -5.20 6.59 1.02
N THR A 58 -5.41 5.27 0.99
CA THR A 58 -6.58 4.68 1.61
C THR A 58 -6.48 4.71 3.14
N LEU A 59 -5.34 4.27 3.65
CA LEU A 59 -5.10 4.26 5.09
C LEU A 59 -4.66 5.62 5.59
N SER A 60 -4.79 6.63 4.74
CA SER A 60 -4.40 7.99 5.10
C SER A 60 -5.57 8.76 5.69
N ASP A 61 -6.68 8.78 4.94
CA ASP A 61 -7.88 9.48 5.38
C ASP A 61 -8.61 8.68 6.46
N ALA A 62 -9.77 9.18 6.86
CA ALA A 62 -10.57 8.51 7.88
C ALA A 62 -11.64 7.64 7.25
N ASN A 63 -12.59 8.26 6.56
CA ASN A 63 -13.67 7.52 5.90
C ASN A 63 -13.12 6.44 4.98
N ARG A 64 -12.06 6.77 4.25
CA ARG A 64 -11.44 5.83 3.34
C ARG A 64 -10.88 4.63 4.09
N ARG A 65 -10.05 4.88 5.08
CA ARG A 65 -9.45 3.81 5.87
C ARG A 65 -10.52 3.04 6.62
N LYS A 66 -11.60 3.72 6.99
CA LYS A 66 -12.70 3.10 7.70
C LYS A 66 -13.39 2.04 6.85
N GLU A 67 -13.71 2.40 5.62
CA GLU A 67 -14.36 1.47 4.70
C GLU A 67 -13.44 0.30 4.36
N TYR A 68 -12.21 0.60 4.01
CA TYR A 68 -11.23 -0.43 3.66
C TYR A 68 -11.07 -1.42 4.80
N ASP A 69 -11.58 -1.07 5.97
CA ASP A 69 -11.49 -1.93 7.14
C ASP A 69 -12.80 -2.68 7.37
N THR A 70 -13.91 -1.95 7.25
CA THR A 70 -15.23 -2.54 7.45
C THR A 70 -15.63 -3.40 6.26
N LEU A 71 -14.92 -3.24 5.14
CA LEU A 71 -15.20 -4.00 3.94
C LEU A 71 -14.08 -4.99 3.64
N GLY A 72 -12.84 -4.53 3.80
CA GLY A 72 -11.70 -5.39 3.55
C GLY A 72 -11.01 -5.08 2.23
N HIS A 73 -9.97 -5.83 1.92
CA HIS A 73 -9.23 -5.64 0.68
C HIS A 73 -9.85 -6.44 -0.46
N SER A 74 -10.90 -7.19 -0.15
CA SER A 74 -11.58 -8.01 -1.14
C SER A 74 -12.90 -7.37 -1.55
N ALA A 75 -13.47 -6.56 -0.67
CA ALA A 75 -14.73 -5.89 -0.94
C ALA A 75 -14.50 -4.44 -1.35
N PHE A 76 -13.81 -3.68 -0.50
CA PHE A 76 -13.52 -2.28 -0.77
C PHE A 76 -12.97 -2.11 -2.18
N THR A 77 -12.32 -3.14 -2.69
CA THR A 77 -11.74 -3.11 -4.03
C THR A 77 -12.71 -3.68 -5.06
N SER A 78 -13.96 -3.23 -5.02
CA SER A 78 -14.97 -3.70 -5.94
C SER A 78 -14.90 -2.93 -7.27
N GLY A 79 -14.42 -3.60 -8.30
CA GLY A 79 -14.31 -2.96 -9.61
C GLY A 79 -12.95 -3.16 -10.24
N LYS A 80 -11.97 -2.38 -9.82
CA LYS A 80 -10.62 -2.48 -10.36
C LYS A 80 -9.62 -2.80 -9.24
N GLY A 81 -9.15 -4.04 -9.22
CA GLY A 81 -8.18 -4.44 -8.22
C GLY A 81 -6.90 -4.98 -8.82
N GLN A 82 -6.17 -5.77 -8.03
CA GLN A 82 -4.91 -6.34 -8.51
C GLN A 82 -4.88 -7.85 -8.28
N SER A 83 -4.37 -8.58 -9.28
CA SER A 83 -4.30 -10.03 -9.20
C SER A 83 -4.03 -10.49 -7.77
N GLY A 84 -4.63 -11.61 -7.38
CA GLY A 84 -4.45 -12.12 -6.04
C GLY A 84 -4.81 -13.59 -5.93
N PRO A 85 -3.95 -14.47 -6.46
CA PRO A 85 -4.17 -15.92 -6.43
C PRO A 85 -4.05 -16.49 -5.02
N SER A 86 -3.75 -15.63 -4.05
CA SER A 86 -3.61 -16.06 -2.67
C SER A 86 -4.91 -16.65 -2.15
N SER A 87 -4.83 -17.88 -1.64
CA SER A 87 -6.00 -18.57 -1.11
C SER A 87 -6.47 -17.91 0.19
N GLY A 88 -7.79 -17.79 0.33
CA GLY A 88 -8.35 -17.18 1.52
C GLY A 88 -9.20 -18.15 2.32
N GLY A 1 13.36 -19.05 2.94
CA GLY A 1 14.30 -17.94 2.93
C GLY A 1 13.61 -16.61 2.65
N SER A 2 13.44 -16.29 1.37
CA SER A 2 12.80 -15.04 0.98
C SER A 2 11.28 -15.20 0.94
N SER A 3 10.63 -14.90 2.06
CA SER A 3 9.18 -15.00 2.16
C SER A 3 8.54 -13.63 2.28
N GLY A 4 7.34 -13.48 1.72
CA GLY A 4 6.64 -12.23 1.78
C GLY A 4 5.89 -11.92 0.49
N SER A 5 4.61 -12.27 0.46
CA SER A 5 3.79 -12.05 -0.72
C SER A 5 2.90 -10.82 -0.53
N SER A 6 2.78 -10.01 -1.58
CA SER A 6 1.96 -8.80 -1.53
C SER A 6 0.49 -9.14 -1.71
N GLY A 7 -0.37 -8.20 -1.32
CA GLY A 7 -1.80 -8.41 -1.44
C GLY A 7 -2.61 -7.22 -0.97
N SER A 8 -2.69 -7.04 0.35
CA SER A 8 -3.43 -5.94 0.93
C SER A 8 -2.51 -4.79 1.31
N TYR A 9 -3.07 -3.59 1.42
CA TYR A 9 -2.29 -2.41 1.79
C TYR A 9 -1.46 -2.67 3.03
N TYR A 10 -2.14 -2.98 4.14
CA TYR A 10 -1.47 -3.25 5.40
C TYR A 10 -0.18 -4.04 5.18
N ASP A 11 -0.20 -4.91 4.17
CA ASP A 11 0.96 -5.73 3.85
C ASP A 11 1.99 -4.93 3.06
N ILE A 12 1.51 -4.19 2.06
CA ILE A 12 2.39 -3.38 1.22
C ILE A 12 3.12 -2.32 2.04
N LEU A 13 2.39 -1.70 2.96
CA LEU A 13 2.96 -0.66 3.82
C LEU A 13 3.69 -1.29 5.01
N GLY A 14 3.15 -2.39 5.52
CA GLY A 14 3.76 -3.06 6.65
C GLY A 14 3.21 -2.59 7.98
N VAL A 15 1.90 -2.32 8.01
CA VAL A 15 1.24 -1.86 9.23
C VAL A 15 0.13 -2.81 9.63
N PRO A 16 -0.18 -2.85 10.94
CA PRO A 16 -1.23 -3.71 11.49
C PRO A 16 -2.63 -3.25 11.08
N LYS A 17 -3.60 -4.16 11.16
CA LYS A 17 -4.97 -3.84 10.80
C LYS A 17 -5.52 -2.72 11.68
N SER A 18 -4.94 -2.56 12.86
CA SER A 18 -5.37 -1.52 13.79
C SER A 18 -4.33 -0.42 13.89
N ALA A 19 -3.45 -0.35 12.90
CA ALA A 19 -2.41 0.68 12.88
C ALA A 19 -2.99 2.08 12.96
N SER A 20 -2.49 2.88 13.88
CA SER A 20 -2.97 4.25 14.07
C SER A 20 -2.43 5.16 12.97
N GLU A 21 -3.17 6.23 12.69
CA GLU A 21 -2.76 7.19 11.67
C GLU A 21 -1.24 7.38 11.67
N ARG A 22 -0.69 7.70 12.84
CA ARG A 22 0.74 7.90 12.97
C ARG A 22 1.52 6.69 12.45
N GLN A 23 1.03 5.50 12.80
CA GLN A 23 1.68 4.27 12.37
C GLN A 23 1.67 4.14 10.85
N ILE A 24 0.54 4.45 10.25
CA ILE A 24 0.39 4.38 8.80
C ILE A 24 1.25 5.44 8.11
N LYS A 25 1.22 6.66 8.63
CA LYS A 25 2.00 7.75 8.07
C LYS A 25 3.50 7.49 8.22
N LYS A 26 3.88 6.92 9.36
CA LYS A 26 5.29 6.62 9.63
C LYS A 26 5.77 5.47 8.76
N ALA A 27 4.99 4.39 8.72
CA ALA A 27 5.34 3.22 7.91
C ALA A 27 5.45 3.58 6.44
N PHE A 28 4.53 4.41 5.96
CA PHE A 28 4.54 4.82 4.57
C PHE A 28 5.69 5.79 4.28
N HIS A 29 5.75 6.86 5.07
CA HIS A 29 6.81 7.85 4.92
C HIS A 29 8.16 7.19 4.68
N LYS A 30 8.67 6.54 5.72
CA LYS A 30 9.96 5.85 5.63
C LYS A 30 10.08 5.08 4.33
N LEU A 31 9.07 4.27 4.02
CA LEU A 31 9.07 3.48 2.79
C LEU A 31 9.27 4.38 1.57
N ALA A 32 8.31 5.26 1.33
CA ALA A 32 8.38 6.18 0.20
C ALA A 32 9.82 6.62 -0.05
N MET A 33 10.58 6.77 1.02
CA MET A 33 11.97 7.20 0.92
C MET A 33 12.83 6.10 0.31
N LYS A 34 12.66 4.88 0.82
CA LYS A 34 13.42 3.73 0.32
C LYS A 34 13.10 3.45 -1.14
N TYR A 35 11.87 3.78 -1.54
CA TYR A 35 11.44 3.56 -2.91
C TYR A 35 11.05 4.87 -3.58
N HIS A 36 11.60 5.97 -3.08
CA HIS A 36 11.32 7.29 -3.62
C HIS A 36 11.84 7.41 -5.05
N PRO A 37 10.92 7.70 -5.99
CA PRO A 37 11.26 7.85 -7.41
C PRO A 37 12.08 9.12 -7.68
N ASP A 38 12.40 9.85 -6.61
CA ASP A 38 13.19 11.07 -6.73
C ASP A 38 14.59 10.88 -6.17
N LYS A 39 14.71 10.00 -5.17
CA LYS A 39 15.99 9.73 -4.54
C LYS A 39 16.58 8.43 -5.08
N ASN A 40 15.74 7.44 -5.29
CA ASN A 40 16.18 6.15 -5.80
C ASN A 40 16.56 6.25 -7.28
N LYS A 41 15.82 7.05 -8.02
CA LYS A 41 16.09 7.24 -9.45
C LYS A 41 16.27 5.90 -10.15
N SER A 42 15.43 4.93 -9.80
CA SER A 42 15.51 3.60 -10.40
C SER A 42 14.18 3.23 -11.06
N PRO A 43 14.26 2.34 -12.06
CA PRO A 43 13.08 1.88 -12.80
C PRO A 43 12.18 0.99 -11.96
N ASP A 44 12.79 0.17 -11.11
CA ASP A 44 12.05 -0.73 -10.24
C ASP A 44 11.39 0.03 -9.11
N ALA A 45 12.07 1.06 -8.61
CA ALA A 45 11.53 1.88 -7.52
C ALA A 45 10.20 2.50 -7.91
N GLU A 46 10.14 3.10 -9.08
CA GLU A 46 8.92 3.75 -9.56
C GLU A 46 7.72 2.85 -9.32
N ALA A 47 7.85 1.58 -9.68
CA ALA A 47 6.77 0.61 -9.50
C ALA A 47 6.46 0.40 -8.03
N LYS A 48 7.50 0.16 -7.23
CA LYS A 48 7.34 -0.06 -5.80
C LYS A 48 6.45 1.02 -5.19
N PHE A 49 6.91 2.26 -5.25
CA PHE A 49 6.16 3.39 -4.70
C PHE A 49 4.73 3.39 -5.22
N ARG A 50 4.57 3.01 -6.49
CA ARG A 50 3.25 2.97 -7.11
C ARG A 50 2.30 2.08 -6.32
N GLU A 51 2.86 1.18 -5.51
CA GLU A 51 2.05 0.27 -4.69
C GLU A 51 1.98 0.76 -3.25
N ILE A 52 3.04 1.43 -2.81
CA ILE A 52 3.10 1.94 -1.45
C ILE A 52 2.18 3.15 -1.28
N ALA A 53 2.20 4.05 -2.25
CA ALA A 53 1.36 5.24 -2.21
C ALA A 53 -0.12 4.87 -2.17
N GLU A 54 -0.60 4.25 -3.24
CA GLU A 54 -2.00 3.84 -3.32
C GLU A 54 -2.45 3.17 -2.03
N ALA A 55 -1.55 2.40 -1.42
CA ALA A 55 -1.85 1.70 -0.18
C ALA A 55 -2.08 2.70 0.96
N TYR A 56 -1.27 3.75 0.99
CA TYR A 56 -1.39 4.77 2.02
C TYR A 56 -2.61 5.65 1.80
N GLU A 57 -2.74 6.18 0.58
CA GLU A 57 -3.87 7.03 0.24
C GLU A 57 -5.15 6.53 0.90
N THR A 58 -5.42 5.24 0.78
CA THR A 58 -6.60 4.64 1.36
C THR A 58 -6.55 4.68 2.89
N LEU A 59 -5.43 4.25 3.45
CA LEU A 59 -5.25 4.24 4.90
C LEU A 59 -4.80 5.61 5.40
N SER A 60 -4.90 6.61 4.53
CA SER A 60 -4.52 7.97 4.88
C SER A 60 -5.69 8.76 5.43
N ASP A 61 -6.79 8.78 4.68
CA ASP A 61 -7.99 9.49 5.09
C ASP A 61 -8.72 8.74 6.21
N ALA A 62 -9.88 9.25 6.59
CA ALA A 62 -10.67 8.62 7.65
C ALA A 62 -11.71 7.67 7.07
N ASN A 63 -12.67 8.23 6.33
CA ASN A 63 -13.74 7.44 5.73
C ASN A 63 -13.15 6.34 4.85
N ARG A 64 -12.14 6.69 4.06
CA ARG A 64 -11.50 5.73 3.17
C ARG A 64 -10.94 4.55 3.96
N ARG A 65 -10.11 4.84 4.96
CA ARG A 65 -9.51 3.81 5.78
C ARG A 65 -10.58 3.06 6.58
N LYS A 66 -11.66 3.76 6.90
CA LYS A 66 -12.76 3.17 7.66
C LYS A 66 -13.45 2.08 6.86
N GLU A 67 -13.80 2.39 5.61
CA GLU A 67 -14.46 1.43 4.74
C GLU A 67 -13.53 0.28 4.38
N TYR A 68 -12.26 0.59 4.20
CA TYR A 68 -11.26 -0.43 3.86
C TYR A 68 -11.13 -1.45 4.98
N ASP A 69 -11.32 -1.01 6.21
CA ASP A 69 -11.22 -1.89 7.37
C ASP A 69 -12.55 -2.60 7.63
N THR A 70 -13.63 -1.83 7.59
CA THR A 70 -14.96 -2.38 7.82
C THR A 70 -15.36 -3.35 6.72
N LEU A 71 -14.84 -3.12 5.52
CA LEU A 71 -15.13 -3.99 4.38
C LEU A 71 -13.98 -4.94 4.10
N GLY A 72 -12.77 -4.39 4.00
CA GLY A 72 -11.59 -5.20 3.73
C GLY A 72 -10.82 -4.73 2.51
N HIS A 73 -10.37 -5.69 1.70
CA HIS A 73 -9.62 -5.37 0.50
C HIS A 73 -10.40 -5.77 -0.75
N SER A 74 -10.98 -6.96 -0.72
CA SER A 74 -11.76 -7.46 -1.85
C SER A 74 -13.12 -6.78 -1.94
N ALA A 75 -13.73 -6.57 -0.78
CA ALA A 75 -15.03 -5.91 -0.71
C ALA A 75 -14.90 -4.40 -0.90
N PHE A 76 -14.00 -3.79 -0.14
CA PHE A 76 -13.78 -2.35 -0.23
C PHE A 76 -13.51 -1.93 -1.66
N THR A 77 -12.86 -2.80 -2.42
CA THR A 77 -12.54 -2.51 -3.81
C THR A 77 -13.71 -2.86 -4.73
N SER A 78 -14.89 -2.38 -4.37
CA SER A 78 -16.10 -2.64 -5.17
C SER A 78 -16.41 -1.47 -6.09
N GLY A 79 -16.32 -1.72 -7.39
CA GLY A 79 -16.59 -0.68 -8.37
C GLY A 79 -15.91 -0.94 -9.70
N LYS A 80 -14.65 -1.36 -9.65
CA LYS A 80 -13.88 -1.65 -10.86
C LYS A 80 -13.33 -3.07 -10.83
N GLY A 81 -14.04 -3.99 -11.48
CA GLY A 81 -13.61 -5.37 -11.51
C GLY A 81 -12.29 -5.54 -12.24
N GLN A 82 -12.18 -6.61 -13.01
CA GLN A 82 -10.97 -6.90 -13.77
C GLN A 82 -9.76 -7.01 -12.84
N SER A 83 -9.97 -7.65 -11.69
CA SER A 83 -8.90 -7.82 -10.72
C SER A 83 -8.53 -9.30 -10.57
N GLY A 84 -9.53 -10.14 -10.35
CA GLY A 84 -9.29 -11.56 -10.19
C GLY A 84 -9.05 -11.95 -8.75
N PRO A 85 -10.11 -11.87 -7.92
CA PRO A 85 -10.03 -12.22 -6.51
C PRO A 85 -9.83 -13.72 -6.27
N SER A 86 -9.22 -14.07 -5.16
CA SER A 86 -8.97 -15.46 -4.83
C SER A 86 -9.65 -15.84 -3.52
N SER A 87 -10.09 -17.09 -3.42
CA SER A 87 -10.76 -17.58 -2.22
C SER A 87 -9.81 -17.59 -1.03
N GLY A 88 -8.60 -18.11 -1.26
CA GLY A 88 -7.62 -18.18 -0.19
C GLY A 88 -6.26 -18.64 -0.69
N GLY A 1 4.11 -21.18 -3.28
CA GLY A 1 4.23 -19.74 -3.09
C GLY A 1 3.54 -19.26 -1.83
N SER A 2 3.68 -17.97 -1.55
CA SER A 2 3.08 -17.38 -0.36
C SER A 2 1.81 -16.61 -0.71
N SER A 3 1.02 -17.18 -1.61
CA SER A 3 -0.23 -16.54 -2.04
C SER A 3 -0.01 -15.06 -2.33
N GLY A 4 1.13 -14.74 -2.93
CA GLY A 4 1.44 -13.36 -3.24
C GLY A 4 2.23 -12.68 -2.15
N SER A 5 3.38 -12.11 -2.50
CA SER A 5 4.23 -11.43 -1.54
C SER A 5 3.49 -10.27 -0.89
N SER A 6 3.01 -9.34 -1.71
CA SER A 6 2.28 -8.18 -1.21
C SER A 6 0.87 -8.13 -1.78
N GLY A 7 -0.12 -8.13 -0.90
CA GLY A 7 -1.51 -8.09 -1.34
C GLY A 7 -2.26 -6.90 -0.77
N SER A 8 -2.61 -6.98 0.50
CA SER A 8 -3.35 -5.90 1.15
C SER A 8 -2.39 -4.79 1.59
N TYR A 9 -2.88 -3.54 1.52
CA TYR A 9 -2.07 -2.40 1.90
C TYR A 9 -1.26 -2.69 3.15
N TYR A 10 -1.95 -3.00 4.24
CA TYR A 10 -1.29 -3.31 5.50
C TYR A 10 0.03 -4.03 5.27
N ASP A 11 0.06 -4.89 4.26
CA ASP A 11 1.25 -5.65 3.94
C ASP A 11 2.24 -4.80 3.15
N ILE A 12 1.73 -4.12 2.13
CA ILE A 12 2.57 -3.27 1.29
C ILE A 12 3.27 -2.20 2.12
N LEU A 13 2.56 -1.63 3.09
CA LEU A 13 3.12 -0.61 3.96
C LEU A 13 3.88 -1.24 5.12
N GLY A 14 3.34 -2.33 5.67
CA GLY A 14 3.99 -3.00 6.77
C GLY A 14 3.38 -2.63 8.11
N VAL A 15 2.08 -2.35 8.11
CA VAL A 15 1.39 -1.98 9.34
C VAL A 15 0.29 -2.99 9.68
N PRO A 16 -0.02 -3.11 10.98
CA PRO A 16 -1.06 -4.03 11.46
C PRO A 16 -2.45 -3.59 11.07
N LYS A 17 -3.39 -4.53 11.08
CA LYS A 17 -4.78 -4.23 10.72
C LYS A 17 -5.37 -3.18 11.66
N SER A 18 -4.88 -3.16 12.90
CA SER A 18 -5.36 -2.21 13.89
C SER A 18 -4.41 -1.02 14.01
N ALA A 19 -3.55 -0.85 13.01
CA ALA A 19 -2.59 0.24 13.00
C ALA A 19 -3.29 1.60 13.05
N SER A 20 -2.71 2.54 13.78
CA SER A 20 -3.29 3.87 13.91
C SER A 20 -2.85 4.76 12.75
N GLU A 21 -3.61 5.82 12.50
CA GLU A 21 -3.30 6.75 11.43
C GLU A 21 -1.83 7.19 11.49
N ARG A 22 -1.37 7.52 12.69
CA ARG A 22 0.01 7.95 12.89
C ARG A 22 0.98 6.82 12.57
N GLN A 23 0.52 5.58 12.76
CA GLN A 23 1.36 4.42 12.50
C GLN A 23 1.45 4.14 11.00
N ILE A 24 0.36 4.43 10.29
CA ILE A 24 0.33 4.22 8.84
C ILE A 24 1.21 5.22 8.11
N LYS A 25 0.94 6.50 8.32
CA LYS A 25 1.71 7.57 7.69
C LYS A 25 3.19 7.40 7.97
N LYS A 26 3.53 7.08 9.21
CA LYS A 26 4.92 6.88 9.60
C LYS A 26 5.54 5.72 8.85
N ALA A 27 4.88 4.56 8.90
CA ALA A 27 5.37 3.37 8.22
C ALA A 27 5.49 3.61 6.72
N PHE A 28 4.55 4.37 6.17
CA PHE A 28 4.56 4.67 4.74
C PHE A 28 5.69 5.63 4.39
N HIS A 29 5.81 6.72 5.15
CA HIS A 29 6.86 7.70 4.92
C HIS A 29 8.20 7.03 4.69
N LYS A 30 8.68 6.32 5.71
CA LYS A 30 9.96 5.63 5.63
C LYS A 30 10.07 4.84 4.33
N LEU A 31 8.98 4.16 3.96
CA LEU A 31 8.95 3.37 2.74
C LEU A 31 9.15 4.25 1.51
N ALA A 32 8.20 5.17 1.30
CA ALA A 32 8.28 6.08 0.16
C ALA A 32 9.71 6.53 -0.09
N MET A 33 10.47 6.69 0.98
CA MET A 33 11.87 7.12 0.87
C MET A 33 12.73 6.01 0.27
N LYS A 34 12.48 4.78 0.68
CA LYS A 34 13.23 3.64 0.19
C LYS A 34 12.90 3.36 -1.27
N TYR A 35 11.70 3.75 -1.68
CA TYR A 35 11.26 3.54 -3.06
C TYR A 35 10.89 4.87 -3.72
N HIS A 36 11.46 5.96 -3.20
CA HIS A 36 11.20 7.29 -3.74
C HIS A 36 11.74 7.42 -5.16
N PRO A 37 10.87 7.80 -6.10
CA PRO A 37 11.25 7.98 -7.51
C PRO A 37 12.15 9.19 -7.72
N ASP A 38 12.47 9.87 -6.63
CA ASP A 38 13.33 11.06 -6.70
C ASP A 38 14.73 10.74 -6.19
N LYS A 39 14.80 9.99 -5.09
CA LYS A 39 16.08 9.61 -4.51
C LYS A 39 16.59 8.30 -5.11
N ASN A 40 15.67 7.40 -5.40
CA ASN A 40 16.02 6.10 -5.97
C ASN A 40 16.27 6.23 -7.47
N LYS A 41 17.54 6.08 -7.87
CA LYS A 41 17.91 6.17 -9.27
C LYS A 41 17.67 4.86 -10.00
N SER A 42 16.51 4.24 -9.72
CA SER A 42 16.15 2.98 -10.34
C SER A 42 14.73 3.03 -10.89
N PRO A 43 14.51 2.36 -12.04
CA PRO A 43 13.21 2.31 -12.70
C PRO A 43 12.20 1.49 -11.91
N ASP A 44 12.62 0.30 -11.47
CA ASP A 44 11.74 -0.57 -10.70
C ASP A 44 11.08 0.17 -9.55
N ALA A 45 11.88 0.94 -8.81
CA ALA A 45 11.37 1.72 -7.68
C ALA A 45 10.06 2.41 -8.04
N GLU A 46 10.04 3.07 -9.19
CA GLU A 46 8.85 3.77 -9.64
C GLU A 46 7.61 2.90 -9.48
N ALA A 47 7.71 1.64 -9.89
CA ALA A 47 6.61 0.71 -9.79
C ALA A 47 6.27 0.39 -8.34
N LYS A 48 7.31 0.16 -7.54
CA LYS A 48 7.15 -0.15 -6.12
C LYS A 48 6.32 0.92 -5.43
N PHE A 49 6.81 2.16 -5.49
CA PHE A 49 6.11 3.30 -4.87
C PHE A 49 4.64 3.32 -5.28
N ARG A 50 4.38 3.02 -6.56
CA ARG A 50 3.02 3.02 -7.07
C ARG A 50 2.12 2.15 -6.20
N GLU A 51 2.71 1.21 -5.49
CA GLU A 51 1.94 0.32 -4.62
C GLU A 51 1.98 0.81 -3.18
N ILE A 52 3.05 1.50 -2.81
CA ILE A 52 3.19 2.03 -1.47
C ILE A 52 2.24 3.21 -1.22
N ALA A 53 2.21 4.14 -2.16
CA ALA A 53 1.34 5.30 -2.07
C ALA A 53 -0.13 4.89 -1.98
N GLU A 54 -0.64 4.31 -3.07
CA GLU A 54 -2.03 3.87 -3.13
C GLU A 54 -2.43 3.21 -1.81
N ALA A 55 -1.55 2.39 -1.27
CA ALA A 55 -1.81 1.70 -0.01
C ALA A 55 -2.11 2.69 1.12
N TYR A 56 -1.27 3.73 1.21
CA TYR A 56 -1.45 4.75 2.24
C TYR A 56 -2.66 5.62 1.94
N GLU A 57 -2.71 6.17 0.73
CA GLU A 57 -3.82 7.03 0.34
C GLU A 57 -5.13 6.56 0.95
N THR A 58 -5.34 5.25 0.96
CA THR A 58 -6.55 4.67 1.52
C THR A 58 -6.51 4.70 3.05
N LEU A 59 -5.40 4.26 3.62
CA LEU A 59 -5.23 4.24 5.07
C LEU A 59 -4.78 5.60 5.59
N SER A 60 -4.82 6.61 4.72
CA SER A 60 -4.40 7.95 5.09
C SER A 60 -5.58 8.76 5.62
N ASP A 61 -6.60 8.93 4.79
CA ASP A 61 -7.79 9.68 5.17
C ASP A 61 -8.59 8.92 6.21
N ALA A 62 -9.74 9.48 6.60
CA ALA A 62 -10.60 8.87 7.60
C ALA A 62 -11.64 7.96 6.94
N ASN A 63 -12.54 8.58 6.17
CA ASN A 63 -13.58 7.84 5.49
C ASN A 63 -12.99 6.74 4.62
N ARG A 64 -11.91 7.06 3.91
CA ARG A 64 -11.25 6.10 3.03
C ARG A 64 -10.79 4.88 3.83
N ARG A 65 -10.00 5.11 4.86
CA ARG A 65 -9.49 4.02 5.69
C ARG A 65 -10.63 3.30 6.40
N LYS A 66 -11.65 4.06 6.76
CA LYS A 66 -12.82 3.48 7.44
C LYS A 66 -13.49 2.43 6.57
N GLU A 67 -13.57 2.70 5.28
CA GLU A 67 -14.19 1.77 4.34
C GLU A 67 -13.31 0.54 4.12
N TYR A 68 -12.04 0.78 3.82
CA TYR A 68 -11.09 -0.30 3.59
C TYR A 68 -10.97 -1.20 4.81
N ASP A 69 -11.37 -0.68 5.96
CA ASP A 69 -11.32 -1.44 7.21
C ASP A 69 -12.69 -2.05 7.53
N THR A 70 -13.75 -1.28 7.28
CA THR A 70 -15.10 -1.75 7.55
C THR A 70 -15.56 -2.73 6.49
N LEU A 71 -14.92 -2.69 5.33
CA LEU A 71 -15.27 -3.57 4.23
C LEU A 71 -14.18 -4.64 4.03
N GLY A 72 -12.93 -4.21 4.11
CA GLY A 72 -11.82 -5.14 3.94
C GLY A 72 -11.24 -5.10 2.53
N HIS A 73 -9.92 -5.10 2.45
CA HIS A 73 -9.24 -5.06 1.16
C HIS A 73 -9.99 -5.87 0.11
N SER A 74 -10.38 -7.09 0.49
CA SER A 74 -11.11 -7.97 -0.41
C SER A 74 -12.37 -7.28 -0.95
N ALA A 75 -13.24 -6.86 -0.04
CA ALA A 75 -14.47 -6.19 -0.42
C ALA A 75 -14.21 -4.78 -0.91
N PHE A 76 -13.66 -3.95 -0.02
CA PHE A 76 -13.35 -2.56 -0.36
C PHE A 76 -12.90 -2.45 -1.82
N THR A 77 -12.14 -3.43 -2.28
CA THR A 77 -11.64 -3.43 -3.64
C THR A 77 -12.67 -4.03 -4.59
N SER A 78 -13.91 -3.57 -4.49
CA SER A 78 -14.98 -4.06 -5.34
C SER A 78 -15.23 -3.13 -6.52
N GLY A 79 -15.33 -3.70 -7.72
CA GLY A 79 -15.56 -2.90 -8.90
C GLY A 79 -14.29 -2.66 -9.70
N LYS A 80 -13.21 -2.35 -9.00
CA LYS A 80 -11.93 -2.11 -9.65
C LYS A 80 -10.87 -3.09 -9.16
N GLY A 81 -10.85 -4.28 -9.77
CA GLY A 81 -9.89 -5.29 -9.38
C GLY A 81 -8.87 -5.56 -10.48
N GLN A 82 -8.39 -4.49 -11.12
CA GLN A 82 -7.41 -4.63 -12.19
C GLN A 82 -6.05 -4.07 -11.75
N SER A 83 -5.26 -4.90 -11.11
CA SER A 83 -3.94 -4.50 -10.63
C SER A 83 -3.01 -5.69 -10.52
N GLY A 84 -1.73 -5.48 -10.85
CA GLY A 84 -0.76 -6.54 -10.78
C GLY A 84 0.24 -6.35 -9.66
N PRO A 85 0.64 -7.46 -9.03
CA PRO A 85 1.60 -7.43 -7.92
C PRO A 85 3.00 -7.07 -8.38
N SER A 86 3.48 -7.75 -9.41
CA SER A 86 4.81 -7.49 -9.94
C SER A 86 5.02 -8.20 -11.28
N SER A 87 5.96 -7.72 -12.08
CA SER A 87 6.24 -8.30 -13.37
C SER A 87 7.74 -8.39 -13.62
N GLY A 88 8.23 -9.59 -13.89
CA GLY A 88 9.64 -9.79 -14.14
C GLY A 88 9.93 -11.04 -14.94
N GLY A 1 8.64 -7.25 -4.26
CA GLY A 1 8.20 -8.30 -3.37
C GLY A 1 9.25 -9.38 -3.15
N SER A 2 9.98 -9.27 -2.06
CA SER A 2 11.03 -10.24 -1.75
C SER A 2 10.53 -11.31 -0.79
N SER A 3 9.87 -10.87 0.29
CA SER A 3 9.33 -11.79 1.28
C SER A 3 7.86 -11.52 1.53
N GLY A 4 7.01 -12.48 1.20
CA GLY A 4 5.58 -12.32 1.40
C GLY A 4 4.84 -12.05 0.11
N SER A 5 3.60 -12.50 0.02
CA SER A 5 2.79 -12.30 -1.17
C SER A 5 1.89 -11.09 -1.02
N SER A 6 2.15 -10.06 -1.81
CA SER A 6 1.36 -8.83 -1.76
C SER A 6 -0.12 -9.12 -1.93
N GLY A 7 -0.96 -8.29 -1.34
CA GLY A 7 -2.40 -8.48 -1.43
C GLY A 7 -3.18 -7.31 -0.84
N SER A 8 -2.79 -6.89 0.35
CA SER A 8 -3.46 -5.79 1.03
C SER A 8 -2.49 -4.67 1.35
N TYR A 9 -3.01 -3.48 1.64
CA TYR A 9 -2.18 -2.33 1.97
C TYR A 9 -1.37 -2.58 3.23
N TYR A 10 -2.06 -2.98 4.30
CA TYR A 10 -1.42 -3.25 5.57
C TYR A 10 -0.15 -4.09 5.36
N ASP A 11 -0.10 -4.82 4.26
CA ASP A 11 1.04 -5.67 3.95
C ASP A 11 2.08 -4.88 3.14
N ILE A 12 1.62 -4.19 2.11
CA ILE A 12 2.50 -3.40 1.26
C ILE A 12 3.27 -2.36 2.07
N LEU A 13 2.59 -1.76 3.04
CA LEU A 13 3.20 -0.75 3.89
C LEU A 13 3.92 -1.40 5.07
N GLY A 14 3.27 -2.39 5.69
CA GLY A 14 3.86 -3.08 6.82
C GLY A 14 3.27 -2.62 8.13
N VAL A 15 1.97 -2.31 8.13
CA VAL A 15 1.30 -1.86 9.34
C VAL A 15 0.18 -2.82 9.75
N PRO A 16 -0.15 -2.81 11.04
CA PRO A 16 -1.21 -3.68 11.58
C PRO A 16 -2.60 -3.27 11.11
N LYS A 17 -3.54 -4.21 11.20
CA LYS A 17 -4.91 -3.95 10.79
C LYS A 17 -5.54 -2.84 11.64
N SER A 18 -5.02 -2.69 12.86
CA SER A 18 -5.54 -1.67 13.77
C SER A 18 -4.53 -0.53 13.94
N ALA A 19 -3.63 -0.42 12.96
CA ALA A 19 -2.61 0.64 12.99
C ALA A 19 -3.25 2.02 13.09
N SER A 20 -2.52 2.96 13.68
CA SER A 20 -3.02 4.32 13.85
C SER A 20 -2.38 5.26 12.82
N GLU A 21 -3.06 6.36 12.54
CA GLU A 21 -2.57 7.34 11.58
C GLU A 21 -1.07 7.56 11.76
N ARG A 22 -0.63 7.67 13.01
CA ARG A 22 0.77 7.88 13.31
C ARG A 22 1.62 6.73 12.78
N GLN A 23 1.09 5.51 12.87
CA GLN A 23 1.79 4.32 12.41
C GLN A 23 1.76 4.23 10.89
N ILE A 24 0.59 4.49 10.31
CA ILE A 24 0.42 4.43 8.86
C ILE A 24 1.27 5.49 8.17
N LYS A 25 1.35 6.66 8.78
CA LYS A 25 2.14 7.75 8.23
C LYS A 25 3.64 7.49 8.39
N LYS A 26 4.00 6.77 9.44
CA LYS A 26 5.39 6.45 9.71
C LYS A 26 5.88 5.32 8.80
N ALA A 27 5.11 4.23 8.76
CA ALA A 27 5.46 3.08 7.93
C ALA A 27 5.54 3.48 6.46
N PHE A 28 4.66 4.38 6.04
CA PHE A 28 4.64 4.84 4.66
C PHE A 28 5.79 5.81 4.39
N HIS A 29 5.83 6.90 5.15
CA HIS A 29 6.88 7.90 4.99
C HIS A 29 8.24 7.24 4.80
N LYS A 30 8.66 6.45 5.79
CA LYS A 30 9.94 5.76 5.72
C LYS A 30 10.09 5.00 4.41
N LEU A 31 9.07 4.23 4.05
CA LEU A 31 9.09 3.45 2.82
C LEU A 31 9.31 4.36 1.62
N ALA A 32 8.36 5.26 1.39
CA ALA A 32 8.45 6.19 0.26
C ALA A 32 9.90 6.59 0.00
N MET A 33 10.67 6.72 1.07
CA MET A 33 12.08 7.09 0.94
C MET A 33 12.89 5.97 0.29
N LYS A 34 12.71 4.75 0.79
CA LYS A 34 13.41 3.60 0.25
C LYS A 34 13.05 3.36 -1.21
N TYR A 35 11.80 3.65 -1.56
CA TYR A 35 11.34 3.48 -2.93
C TYR A 35 10.97 4.82 -3.55
N HIS A 36 11.59 5.89 -3.06
CA HIS A 36 11.33 7.22 -3.57
C HIS A 36 11.78 7.35 -5.03
N PRO A 37 10.82 7.68 -5.91
CA PRO A 37 11.10 7.83 -7.35
C PRO A 37 11.95 9.07 -7.64
N ASP A 38 12.26 9.83 -6.60
CA ASP A 38 13.07 11.03 -6.76
C ASP A 38 14.50 10.79 -6.29
N LYS A 39 14.64 9.97 -5.25
CA LYS A 39 15.96 9.66 -4.70
C LYS A 39 16.53 8.40 -5.34
N ASN A 40 15.66 7.43 -5.60
CA ASN A 40 16.08 6.17 -6.22
C ASN A 40 16.35 6.37 -7.70
N LYS A 41 17.52 5.91 -8.15
CA LYS A 41 17.91 6.03 -9.55
C LYS A 41 17.63 4.73 -10.30
N SER A 42 16.50 4.11 -10.01
CA SER A 42 16.12 2.85 -10.65
C SER A 42 14.66 2.89 -11.09
N PRO A 43 14.37 2.24 -12.23
CA PRO A 43 13.02 2.18 -12.79
C PRO A 43 12.08 1.33 -11.95
N ASP A 44 12.55 0.14 -11.56
CA ASP A 44 11.76 -0.77 -10.75
C ASP A 44 11.15 -0.04 -9.55
N ALA A 45 11.96 0.81 -8.91
CA ALA A 45 11.50 1.57 -7.74
C ALA A 45 10.21 2.30 -8.05
N GLU A 46 10.18 2.99 -9.19
CA GLU A 46 8.99 3.75 -9.59
C GLU A 46 7.73 2.92 -9.38
N ALA A 47 7.78 1.66 -9.79
CA ALA A 47 6.64 0.76 -9.65
C ALA A 47 6.35 0.47 -8.18
N LYS A 48 7.42 0.27 -7.39
CA LYS A 48 7.27 -0.02 -5.98
C LYS A 48 6.43 1.04 -5.27
N PHE A 49 6.87 2.29 -5.38
CA PHE A 49 6.16 3.40 -4.76
C PHE A 49 4.70 3.45 -5.24
N ARG A 50 4.48 3.02 -6.46
CA ARG A 50 3.14 3.01 -7.04
C ARG A 50 2.19 2.15 -6.20
N GLU A 51 2.76 1.22 -5.44
CA GLU A 51 1.97 0.34 -4.59
C GLU A 51 1.95 0.84 -3.16
N ILE A 52 3.02 1.50 -2.74
CA ILE A 52 3.13 2.03 -1.39
C ILE A 52 2.20 3.23 -1.19
N ALA A 53 2.22 4.15 -2.17
CA ALA A 53 1.39 5.33 -2.10
C ALA A 53 -0.09 4.96 -2.06
N GLU A 54 -0.56 4.28 -3.09
CA GLU A 54 -1.95 3.86 -3.18
C GLU A 54 -2.40 3.20 -1.88
N ALA A 55 -1.48 2.48 -1.24
CA ALA A 55 -1.77 1.79 0.01
C ALA A 55 -2.01 2.79 1.14
N TYR A 56 -1.26 3.88 1.14
CA TYR A 56 -1.39 4.90 2.17
C TYR A 56 -2.64 5.76 1.92
N GLU A 57 -2.80 6.21 0.68
CA GLU A 57 -3.93 7.04 0.30
C GLU A 57 -5.21 6.56 1.00
N THR A 58 -5.48 5.26 0.92
CA THR A 58 -6.66 4.68 1.55
C THR A 58 -6.57 4.75 3.07
N LEU A 59 -5.43 4.31 3.61
CA LEU A 59 -5.21 4.32 5.04
C LEU A 59 -4.87 5.73 5.53
N SER A 60 -4.95 6.70 4.63
CA SER A 60 -4.65 8.08 4.97
C SER A 60 -5.92 8.84 5.34
N ASP A 61 -6.95 8.71 4.51
CA ASP A 61 -8.22 9.38 4.75
C ASP A 61 -9.03 8.65 5.82
N ALA A 62 -10.00 9.34 6.40
CA ALA A 62 -10.85 8.76 7.43
C ALA A 62 -11.84 7.77 6.84
N ASN A 63 -12.83 8.29 6.13
CA ASN A 63 -13.85 7.46 5.51
C ASN A 63 -13.22 6.32 4.72
N ARG A 64 -12.19 6.65 3.94
CA ARG A 64 -11.49 5.65 3.13
C ARG A 64 -10.93 4.54 4.01
N ARG A 65 -10.11 4.92 4.98
CA ARG A 65 -9.50 3.97 5.88
C ARG A 65 -10.56 3.21 6.67
N LYS A 66 -11.68 3.87 6.92
CA LYS A 66 -12.78 3.26 7.67
C LYS A 66 -13.44 2.16 6.86
N GLU A 67 -13.77 2.46 5.60
CA GLU A 67 -14.40 1.49 4.72
C GLU A 67 -13.45 0.34 4.40
N TYR A 68 -12.24 0.67 3.99
CA TYR A 68 -11.23 -0.33 3.65
C TYR A 68 -11.01 -1.30 4.82
N ASP A 69 -11.46 -0.90 6.00
CA ASP A 69 -11.31 -1.72 7.19
C ASP A 69 -12.60 -2.48 7.49
N THR A 70 -13.73 -1.79 7.39
CA THR A 70 -15.03 -2.40 7.63
C THR A 70 -15.44 -3.33 6.50
N LEU A 71 -14.78 -3.17 5.35
CA LEU A 71 -15.07 -3.99 4.19
C LEU A 71 -13.92 -4.94 3.88
N GLY A 72 -12.71 -4.37 3.79
CA GLY A 72 -11.54 -5.18 3.51
C GLY A 72 -10.83 -4.75 2.24
N HIS A 73 -10.23 -5.71 1.54
CA HIS A 73 -9.52 -5.41 0.31
C HIS A 73 -10.24 -6.00 -0.90
N SER A 74 -10.81 -7.20 -0.72
CA SER A 74 -11.54 -7.87 -1.79
C SER A 74 -12.94 -7.29 -1.93
N ALA A 75 -13.46 -6.73 -0.86
CA ALA A 75 -14.79 -6.14 -0.86
C ALA A 75 -14.74 -4.65 -1.17
N PHE A 76 -14.10 -3.90 -0.29
CA PHE A 76 -13.98 -2.45 -0.46
C PHE A 76 -13.79 -2.10 -1.93
N THR A 77 -12.61 -2.41 -2.46
CA THR A 77 -12.30 -2.14 -3.86
C THR A 77 -12.50 -3.37 -4.73
N SER A 78 -13.67 -3.98 -4.61
CA SER A 78 -13.99 -5.17 -5.38
C SER A 78 -13.80 -4.92 -6.88
N GLY A 79 -13.29 -5.93 -7.58
CA GLY A 79 -13.06 -5.79 -9.01
C GLY A 79 -12.16 -6.89 -9.56
N LYS A 80 -11.43 -6.58 -10.62
CA LYS A 80 -10.53 -7.54 -11.24
C LYS A 80 -9.63 -6.86 -12.26
N GLY A 81 -8.32 -7.10 -12.16
CA GLY A 81 -7.38 -6.51 -13.09
C GLY A 81 -6.26 -7.45 -13.46
N GLN A 82 -5.47 -7.07 -14.46
CA GLN A 82 -4.36 -7.90 -14.92
C GLN A 82 -3.04 -7.13 -14.83
N SER A 83 -2.43 -7.16 -13.65
CA SER A 83 -1.16 -6.47 -13.44
C SER A 83 -0.09 -7.44 -12.95
N GLY A 84 0.61 -8.06 -13.89
CA GLY A 84 1.66 -9.00 -13.53
C GLY A 84 1.11 -10.28 -12.92
N PRO A 85 1.78 -11.41 -13.21
CA PRO A 85 1.37 -12.71 -12.69
C PRO A 85 1.59 -12.84 -11.19
N SER A 86 0.53 -13.22 -10.48
CA SER A 86 0.61 -13.37 -9.03
C SER A 86 1.17 -14.74 -8.66
N SER A 87 2.19 -15.17 -9.39
CA SER A 87 2.82 -16.46 -9.14
C SER A 87 1.77 -17.56 -9.03
N GLY A 88 0.77 -17.51 -9.90
CA GLY A 88 -0.29 -18.50 -9.89
C GLY A 88 -0.77 -18.87 -11.28
N GLY A 1 -2.02 -22.54 -0.99
CA GLY A 1 -2.36 -21.71 -2.13
C GLY A 1 -2.62 -20.27 -1.73
N SER A 2 -2.04 -19.34 -2.48
CA SER A 2 -2.19 -17.91 -2.21
C SER A 2 -2.40 -17.12 -3.50
N SER A 3 -2.53 -15.81 -3.36
CA SER A 3 -2.74 -14.95 -4.52
C SER A 3 -2.34 -13.51 -4.19
N GLY A 4 -2.31 -12.66 -5.23
CA GLY A 4 -1.96 -11.27 -5.03
C GLY A 4 -0.50 -11.10 -4.63
N SER A 5 0.36 -10.90 -5.63
CA SER A 5 1.79 -10.74 -5.37
C SER A 5 2.03 -9.86 -4.14
N SER A 6 1.37 -8.70 -4.12
CA SER A 6 1.52 -7.78 -3.00
C SER A 6 0.56 -8.14 -1.86
N GLY A 7 -0.70 -8.36 -2.20
CA GLY A 7 -1.69 -8.72 -1.21
C GLY A 7 -2.56 -7.55 -0.79
N SER A 8 -2.44 -7.13 0.46
CA SER A 8 -3.22 -6.01 0.98
C SER A 8 -2.32 -4.84 1.35
N TYR A 9 -2.92 -3.67 1.50
CA TYR A 9 -2.16 -2.47 1.86
C TYR A 9 -1.37 -2.68 3.15
N TYR A 10 -2.08 -3.03 4.22
CA TYR A 10 -1.45 -3.26 5.51
C TYR A 10 -0.16 -4.05 5.35
N ASP A 11 -0.12 -4.91 4.33
CA ASP A 11 1.07 -5.72 4.07
C ASP A 11 2.12 -4.91 3.33
N ILE A 12 1.70 -4.20 2.28
CA ILE A 12 2.61 -3.39 1.49
C ILE A 12 3.27 -2.32 2.34
N LEU A 13 2.46 -1.63 3.15
CA LEU A 13 2.96 -0.57 4.01
C LEU A 13 3.67 -1.16 5.23
N GLY A 14 3.18 -2.30 5.70
CA GLY A 14 3.79 -2.94 6.85
C GLY A 14 3.17 -2.48 8.16
N VAL A 15 1.87 -2.21 8.14
CA VAL A 15 1.16 -1.76 9.33
C VAL A 15 0.04 -2.72 9.70
N PRO A 16 -0.35 -2.70 10.98
CA PRO A 16 -1.43 -3.57 11.49
C PRO A 16 -2.80 -3.16 10.97
N LYS A 17 -3.75 -4.08 11.02
CA LYS A 17 -5.11 -3.82 10.56
C LYS A 17 -5.74 -2.67 11.35
N SER A 18 -5.27 -2.48 12.57
CA SER A 18 -5.79 -1.42 13.43
C SER A 18 -4.74 -0.32 13.64
N ALA A 19 -3.81 -0.21 12.69
CA ALA A 19 -2.77 0.79 12.76
C ALA A 19 -3.36 2.20 12.79
N SER A 20 -2.79 3.06 13.63
CA SER A 20 -3.26 4.43 13.75
C SER A 20 -2.65 5.33 12.67
N GLU A 21 -3.31 6.44 12.38
CA GLU A 21 -2.83 7.37 11.38
C GLU A 21 -1.33 7.59 11.51
N ARG A 22 -0.85 7.70 12.74
CA ARG A 22 0.56 7.91 13.01
C ARG A 22 1.39 6.74 12.50
N GLN A 23 0.93 5.53 12.79
CA GLN A 23 1.64 4.32 12.35
C GLN A 23 1.64 4.21 10.84
N ILE A 24 0.52 4.56 10.22
CA ILE A 24 0.39 4.50 8.77
C ILE A 24 1.28 5.54 8.09
N LYS A 25 1.14 6.79 8.52
CA LYS A 25 1.94 7.88 7.96
C LYS A 25 3.43 7.60 8.10
N LYS A 26 3.83 7.14 9.29
CA LYS A 26 5.23 6.82 9.55
C LYS A 26 5.67 5.60 8.74
N ALA A 27 4.91 4.52 8.84
CA ALA A 27 5.22 3.30 8.12
C ALA A 27 5.37 3.56 6.62
N PHE A 28 4.51 4.43 6.09
CA PHE A 28 4.54 4.77 4.68
C PHE A 28 5.70 5.71 4.37
N HIS A 29 5.78 6.80 5.12
CA HIS A 29 6.83 7.79 4.94
C HIS A 29 8.18 7.10 4.71
N LYS A 30 8.61 6.32 5.69
CA LYS A 30 9.88 5.61 5.60
C LYS A 30 9.98 4.82 4.30
N LEU A 31 8.89 4.13 3.95
CA LEU A 31 8.85 3.34 2.73
C LEU A 31 9.08 4.22 1.50
N ALA A 32 8.14 5.13 1.25
CA ALA A 32 8.23 6.04 0.11
C ALA A 32 9.67 6.46 -0.14
N MET A 33 10.42 6.66 0.94
CA MET A 33 11.82 7.07 0.84
C MET A 33 12.66 5.94 0.26
N LYS A 34 12.44 4.72 0.74
CA LYS A 34 13.18 3.56 0.27
C LYS A 34 12.90 3.30 -1.21
N TYR A 35 11.65 3.50 -1.60
CA TYR A 35 11.24 3.28 -2.99
C TYR A 35 10.94 4.60 -3.68
N HIS A 36 11.51 5.68 -3.16
CA HIS A 36 11.31 7.01 -3.74
C HIS A 36 11.91 7.10 -5.12
N PRO A 37 11.18 7.73 -6.05
CA PRO A 37 11.63 7.91 -7.44
C PRO A 37 12.80 8.88 -7.56
N ASP A 38 12.91 9.78 -6.59
CA ASP A 38 13.98 10.78 -6.58
C ASP A 38 15.25 10.21 -5.95
N LYS A 39 15.09 9.65 -4.75
CA LYS A 39 16.22 9.05 -4.04
C LYS A 39 16.74 7.82 -4.75
N ASN A 40 15.81 7.00 -5.24
CA ASN A 40 16.17 5.77 -5.96
C ASN A 40 16.43 6.06 -7.43
N LYS A 41 17.60 5.67 -7.91
CA LYS A 41 17.98 5.88 -9.30
C LYS A 41 17.60 4.66 -10.15
N SER A 42 16.73 3.81 -9.61
CA SER A 42 16.30 2.62 -10.31
C SER A 42 14.91 2.82 -10.92
N PRO A 43 14.67 2.19 -12.08
CA PRO A 43 13.39 2.28 -12.78
C PRO A 43 12.27 1.56 -12.04
N ASP A 44 12.55 0.34 -11.59
CA ASP A 44 11.56 -0.45 -10.87
C ASP A 44 11.07 0.29 -9.63
N ALA A 45 11.98 1.02 -8.99
CA ALA A 45 11.64 1.78 -7.78
C ALA A 45 10.34 2.55 -7.98
N GLU A 46 10.31 3.39 -9.01
CA GLU A 46 9.13 4.20 -9.30
C GLU A 46 7.87 3.35 -9.27
N ALA A 47 7.96 2.14 -9.81
CA ALA A 47 6.83 1.23 -9.84
C ALA A 47 6.41 0.83 -8.43
N LYS A 48 7.36 0.35 -7.65
CA LYS A 48 7.10 -0.07 -6.27
C LYS A 48 6.28 0.98 -5.54
N PHE A 49 6.78 2.22 -5.54
CA PHE A 49 6.09 3.32 -4.87
C PHE A 49 4.65 3.44 -5.36
N ARG A 50 4.44 3.11 -6.63
CA ARG A 50 3.11 3.19 -7.22
C ARG A 50 2.12 2.31 -6.46
N GLU A 51 2.64 1.33 -5.74
CA GLU A 51 1.81 0.42 -4.97
C GLU A 51 1.73 0.85 -3.51
N ILE A 52 2.80 1.47 -3.02
CA ILE A 52 2.84 1.94 -1.64
C ILE A 52 1.92 3.13 -1.44
N ALA A 53 2.04 4.13 -2.32
CA ALA A 53 1.21 5.32 -2.24
C ALA A 53 -0.27 4.96 -2.21
N GLU A 54 -0.74 4.30 -3.25
CA GLU A 54 -2.14 3.90 -3.34
C GLU A 54 -2.59 3.23 -2.05
N ALA A 55 -1.73 2.40 -1.48
CA ALA A 55 -2.05 1.69 -0.24
C ALA A 55 -2.28 2.67 0.90
N TYR A 56 -1.42 3.68 0.99
CA TYR A 56 -1.53 4.68 2.04
C TYR A 56 -2.78 5.55 1.84
N GLU A 57 -2.91 6.12 0.66
CA GLU A 57 -4.05 6.97 0.34
C GLU A 57 -5.31 6.46 1.04
N THR A 58 -5.57 5.16 0.92
CA THR A 58 -6.74 4.55 1.55
C THR A 58 -6.62 4.56 3.07
N LEU A 59 -5.42 4.25 3.56
CA LEU A 59 -5.17 4.21 5.00
C LEU A 59 -4.70 5.58 5.49
N SER A 60 -4.86 6.60 4.66
CA SER A 60 -4.44 7.95 5.02
C SER A 60 -5.60 8.74 5.60
N ASP A 61 -6.72 8.74 4.90
CA ASP A 61 -7.91 9.47 5.36
C ASP A 61 -8.62 8.70 6.47
N ALA A 62 -9.77 9.19 6.89
CA ALA A 62 -10.56 8.55 7.94
C ALA A 62 -11.60 7.61 7.36
N ASN A 63 -12.57 8.18 6.65
CA ASN A 63 -13.63 7.39 6.04
C ASN A 63 -13.05 6.32 5.12
N ARG A 64 -12.08 6.71 4.29
CA ARG A 64 -11.45 5.78 3.37
C ARG A 64 -10.87 4.57 4.12
N ARG A 65 -10.06 4.84 5.13
CA ARG A 65 -9.45 3.78 5.93
C ARG A 65 -10.51 2.99 6.68
N LYS A 66 -11.56 3.68 7.13
CA LYS A 66 -12.63 3.04 7.87
C LYS A 66 -13.35 2.02 6.99
N GLU A 67 -13.55 2.35 5.72
CA GLU A 67 -14.22 1.47 4.78
C GLU A 67 -13.31 0.31 4.38
N TYR A 68 -12.06 0.63 4.07
CA TYR A 68 -11.09 -0.39 3.66
C TYR A 68 -10.82 -1.36 4.80
N ASP A 69 -11.27 -1.00 6.00
CA ASP A 69 -11.08 -1.85 7.17
C ASP A 69 -12.38 -2.52 7.58
N THR A 70 -13.49 -1.81 7.40
CA THR A 70 -14.80 -2.34 7.75
C THR A 70 -15.32 -3.27 6.67
N LEU A 71 -14.82 -3.10 5.45
CA LEU A 71 -15.24 -3.94 4.34
C LEU A 71 -14.17 -4.97 4.00
N GLY A 72 -12.93 -4.52 3.90
CA GLY A 72 -11.83 -5.43 3.59
C GLY A 72 -11.11 -5.07 2.31
N HIS A 73 -9.97 -5.68 2.07
CA HIS A 73 -9.19 -5.42 0.87
C HIS A 73 -9.93 -5.89 -0.37
N SER A 74 -10.42 -7.12 -0.33
CA SER A 74 -11.15 -7.69 -1.46
C SER A 74 -12.56 -7.11 -1.54
N ALA A 75 -13.10 -6.72 -0.40
CA ALA A 75 -14.44 -6.14 -0.34
C ALA A 75 -14.43 -4.69 -0.78
N PHE A 76 -13.71 -3.85 -0.03
CA PHE A 76 -13.62 -2.43 -0.34
C PHE A 76 -13.33 -2.22 -1.83
N THR A 77 -12.45 -3.04 -2.38
CA THR A 77 -12.08 -2.95 -3.78
C THR A 77 -13.11 -3.65 -4.67
N SER A 78 -14.38 -3.36 -4.45
CA SER A 78 -15.45 -3.97 -5.22
C SER A 78 -16.37 -2.90 -5.81
N GLY A 79 -15.78 -1.80 -6.25
CA GLY A 79 -16.55 -0.71 -6.83
C GLY A 79 -16.21 -0.48 -8.29
N LYS A 80 -17.00 0.36 -8.95
CA LYS A 80 -16.79 0.67 -10.36
C LYS A 80 -17.06 2.14 -10.64
N GLY A 81 -16.55 2.63 -11.76
CA GLY A 81 -16.74 4.02 -12.13
C GLY A 81 -16.25 4.33 -13.54
N GLN A 82 -15.17 5.08 -13.62
CA GLN A 82 -14.60 5.45 -14.92
C GLN A 82 -13.77 4.30 -15.49
N SER A 83 -14.25 3.73 -16.59
CA SER A 83 -13.57 2.62 -17.24
C SER A 83 -12.59 3.13 -18.30
N GLY A 84 -11.44 2.47 -18.40
CA GLY A 84 -10.44 2.86 -19.38
C GLY A 84 -9.23 3.51 -18.73
N PRO A 85 -8.19 2.71 -18.49
CA PRO A 85 -6.95 3.19 -17.87
C PRO A 85 -6.15 4.11 -18.79
N SER A 86 -6.19 3.81 -20.09
CA SER A 86 -5.47 4.61 -21.08
C SER A 86 -6.30 4.77 -22.35
N SER A 87 -6.86 5.96 -22.54
CA SER A 87 -7.68 6.24 -23.72
C SER A 87 -6.80 6.42 -24.96
N GLY A 88 -6.66 5.35 -25.73
CA GLY A 88 -5.85 5.42 -26.93
C GLY A 88 -6.58 6.08 -28.08
N GLY A 1 14.34 -17.68 0.19
CA GLY A 1 13.89 -16.71 1.16
C GLY A 1 14.08 -15.29 0.68
N SER A 2 13.91 -14.33 1.58
CA SER A 2 14.06 -12.91 1.23
C SER A 2 13.08 -12.50 0.15
N SER A 3 11.84 -12.97 0.28
CA SER A 3 10.80 -12.66 -0.70
C SER A 3 10.24 -11.26 -0.47
N GLY A 4 9.55 -10.73 -1.48
CA GLY A 4 8.97 -9.40 -1.36
C GLY A 4 7.58 -9.33 -1.96
N SER A 5 6.72 -10.26 -1.58
CA SER A 5 5.36 -10.31 -2.07
C SER A 5 4.56 -9.10 -1.58
N SER A 6 3.43 -8.84 -2.22
CA SER A 6 2.58 -7.71 -1.85
C SER A 6 1.11 -8.02 -2.16
N GLY A 7 0.25 -7.84 -1.15
CA GLY A 7 -1.16 -8.09 -1.34
C GLY A 7 -2.02 -6.93 -0.88
N SER A 8 -2.25 -6.83 0.43
CA SER A 8 -3.06 -5.76 0.97
C SER A 8 -2.20 -4.60 1.46
N TYR A 9 -2.78 -3.41 1.52
CA TYR A 9 -2.06 -2.23 1.97
C TYR A 9 -1.27 -2.52 3.24
N TYR A 10 -1.98 -2.85 4.31
CA TYR A 10 -1.34 -3.15 5.58
C TYR A 10 -0.03 -3.92 5.37
N ASP A 11 -0.02 -4.77 4.36
CA ASP A 11 1.16 -5.57 4.04
C ASP A 11 2.17 -4.75 3.25
N ILE A 12 1.68 -4.07 2.22
CA ILE A 12 2.54 -3.24 1.38
C ILE A 12 3.30 -2.21 2.21
N LEU A 13 2.63 -1.65 3.20
CA LEU A 13 3.25 -0.64 4.07
C LEU A 13 3.92 -1.30 5.27
N GLY A 14 3.29 -2.35 5.79
CA GLY A 14 3.85 -3.05 6.94
C GLY A 14 3.24 -2.60 8.24
N VAL A 15 2.00 -2.14 8.19
CA VAL A 15 1.30 -1.67 9.38
C VAL A 15 0.13 -2.59 9.73
N PRO A 16 -0.23 -2.63 11.02
CA PRO A 16 -1.32 -3.46 11.52
C PRO A 16 -2.68 -2.95 11.07
N LYS A 17 -3.67 -3.83 11.08
CA LYS A 17 -5.03 -3.47 10.67
C LYS A 17 -5.58 -2.35 11.54
N SER A 18 -5.15 -2.30 12.79
CA SER A 18 -5.60 -1.27 13.72
C SER A 18 -4.54 -0.18 13.88
N ALA A 19 -3.62 -0.11 12.93
CA ALA A 19 -2.56 0.88 12.95
C ALA A 19 -3.12 2.29 13.06
N SER A 20 -2.50 3.11 13.89
CA SER A 20 -2.94 4.49 14.09
C SER A 20 -2.36 5.41 13.01
N GLU A 21 -3.13 6.44 12.65
CA GLU A 21 -2.69 7.39 11.64
C GLU A 21 -1.18 7.63 11.72
N ARG A 22 -0.68 7.76 12.95
CA ARG A 22 0.74 7.99 13.17
C ARG A 22 1.57 6.84 12.62
N GLN A 23 1.14 5.61 12.92
CA GLN A 23 1.85 4.42 12.45
C GLN A 23 1.80 4.32 10.93
N ILE A 24 0.62 4.56 10.37
CA ILE A 24 0.44 4.48 8.92
C ILE A 24 1.40 5.43 8.20
N LYS A 25 1.33 6.71 8.55
CA LYS A 25 2.20 7.71 7.93
C LYS A 25 3.66 7.44 8.28
N LYS A 26 3.89 6.91 9.47
CA LYS A 26 5.26 6.61 9.93
C LYS A 26 5.89 5.54 9.05
N ALA A 27 5.18 4.43 8.87
CA ALA A 27 5.69 3.33 8.05
C ALA A 27 5.79 3.74 6.58
N PHE A 28 4.76 4.42 6.09
CA PHE A 28 4.72 4.87 4.71
C PHE A 28 5.89 5.80 4.42
N HIS A 29 5.92 6.95 5.09
CA HIS A 29 6.98 7.93 4.90
C HIS A 29 8.32 7.23 4.69
N LYS A 30 8.81 6.56 5.73
CA LYS A 30 10.09 5.86 5.66
C LYS A 30 10.20 5.08 4.35
N LEU A 31 9.19 4.28 4.05
CA LEU A 31 9.18 3.49 2.82
C LEU A 31 9.36 4.37 1.60
N ALA A 32 8.40 5.26 1.38
CA ALA A 32 8.45 6.17 0.24
C ALA A 32 9.88 6.58 -0.07
N MET A 33 10.68 6.73 0.98
CA MET A 33 12.08 7.13 0.81
C MET A 33 12.88 6.01 0.15
N LYS A 34 12.72 4.79 0.64
CA LYS A 34 13.43 3.64 0.09
C LYS A 34 13.01 3.38 -1.35
N TYR A 35 11.72 3.57 -1.64
CA TYR A 35 11.20 3.36 -2.98
C TYR A 35 10.96 4.69 -3.69
N HIS A 36 11.46 5.77 -3.10
CA HIS A 36 11.31 7.10 -3.67
C HIS A 36 11.80 7.14 -5.11
N PRO A 37 10.95 7.65 -6.01
CA PRO A 37 11.29 7.76 -7.44
C PRO A 37 12.36 8.79 -7.71
N ASP A 38 12.71 9.56 -6.68
CA ASP A 38 13.73 10.60 -6.81
C ASP A 38 15.08 10.09 -6.31
N LYS A 39 15.05 9.10 -5.43
CA LYS A 39 16.27 8.53 -4.88
C LYS A 39 16.63 7.24 -5.60
N ASN A 40 15.66 6.35 -5.74
CA ASN A 40 15.87 5.07 -6.41
C ASN A 40 16.00 5.26 -7.92
N LYS A 41 17.22 5.14 -8.44
CA LYS A 41 17.47 5.30 -9.86
C LYS A 41 17.17 4.02 -10.62
N SER A 42 15.98 3.45 -10.37
CA SER A 42 15.57 2.22 -11.03
C SER A 42 14.13 2.32 -11.51
N PRO A 43 13.81 1.56 -12.58
CA PRO A 43 12.46 1.55 -13.16
C PRO A 43 11.44 0.88 -12.24
N ASP A 44 11.87 -0.17 -11.56
CA ASP A 44 10.99 -0.90 -10.65
C ASP A 44 10.57 -0.02 -9.47
N ALA A 45 11.52 0.76 -8.96
CA ALA A 45 11.25 1.65 -7.83
C ALA A 45 9.97 2.45 -8.06
N GLU A 46 9.91 3.14 -9.19
CA GLU A 46 8.74 3.95 -9.52
C GLU A 46 7.45 3.16 -9.29
N ALA A 47 7.39 1.96 -9.85
CA ALA A 47 6.22 1.11 -9.71
C ALA A 47 5.94 0.79 -8.24
N LYS A 48 6.99 0.38 -7.53
CA LYS A 48 6.86 0.05 -6.11
C LYS A 48 6.09 1.12 -5.36
N PHE A 49 6.61 2.35 -5.41
CA PHE A 49 5.96 3.47 -4.74
C PHE A 49 4.48 3.56 -5.11
N ARG A 50 4.18 3.26 -6.38
CA ARG A 50 2.81 3.31 -6.86
C ARG A 50 1.89 2.47 -5.98
N GLU A 51 2.46 1.49 -5.30
CA GLU A 51 1.69 0.62 -4.43
C GLU A 51 1.79 1.08 -2.98
N ILE A 52 2.91 1.72 -2.65
CA ILE A 52 3.13 2.21 -1.29
C ILE A 52 2.24 3.42 -0.99
N ALA A 53 2.14 4.33 -1.94
CA ALA A 53 1.32 5.53 -1.78
C ALA A 53 -0.15 5.16 -1.59
N GLU A 54 -0.76 4.62 -2.64
CA GLU A 54 -2.17 4.23 -2.58
C GLU A 54 -2.50 3.60 -1.23
N ALA A 55 -1.65 2.67 -0.78
CA ALA A 55 -1.86 2.01 0.50
C ALA A 55 -1.99 3.02 1.63
N TYR A 56 -1.16 4.06 1.58
CA TYR A 56 -1.18 5.09 2.61
C TYR A 56 -2.39 6.00 2.45
N GLU A 57 -2.62 6.46 1.22
CA GLU A 57 -3.75 7.34 0.93
C GLU A 57 -5.04 6.77 1.51
N THR A 58 -5.29 5.49 1.25
CA THR A 58 -6.50 4.83 1.75
C THR A 58 -6.50 4.76 3.27
N LEU A 59 -5.43 4.18 3.83
CA LEU A 59 -5.31 4.04 5.28
C LEU A 59 -5.07 5.40 5.93
N SER A 60 -4.86 6.43 5.10
CA SER A 60 -4.63 7.78 5.61
C SER A 60 -5.95 8.47 5.92
N ASP A 61 -6.83 8.53 4.93
CA ASP A 61 -8.13 9.17 5.10
C ASP A 61 -8.98 8.40 6.10
N ALA A 62 -10.16 8.95 6.41
CA ALA A 62 -11.08 8.31 7.35
C ALA A 62 -11.99 7.32 6.65
N ASN A 63 -12.92 7.83 5.86
CA ASN A 63 -13.86 6.98 5.12
C ASN A 63 -13.12 5.92 4.31
N ARG A 64 -11.95 6.30 3.79
CA ARG A 64 -11.14 5.38 2.99
C ARG A 64 -10.56 4.27 3.86
N ARG A 65 -9.88 4.66 4.93
CA ARG A 65 -9.27 3.70 5.84
C ARG A 65 -10.34 2.85 6.53
N LYS A 66 -11.52 3.43 6.72
CA LYS A 66 -12.61 2.73 7.37
C LYS A 66 -13.28 1.75 6.41
N GLU A 67 -13.79 2.27 5.29
CA GLU A 67 -14.45 1.44 4.29
C GLU A 67 -13.55 0.26 3.90
N TYR A 68 -12.25 0.48 3.93
CA TYR A 68 -11.30 -0.56 3.59
C TYR A 68 -11.18 -1.60 4.69
N ASP A 69 -11.54 -1.21 5.91
CA ASP A 69 -11.47 -2.11 7.05
C ASP A 69 -12.83 -2.76 7.31
N THR A 70 -13.89 -2.08 6.89
CA THR A 70 -15.25 -2.59 7.07
C THR A 70 -15.63 -3.53 5.94
N LEU A 71 -15.20 -3.20 4.72
CA LEU A 71 -15.50 -4.03 3.55
C LEU A 71 -14.40 -5.06 3.32
N GLY A 72 -13.15 -4.63 3.50
CA GLY A 72 -12.03 -5.53 3.29
C GLY A 72 -11.10 -5.08 2.19
N HIS A 73 -10.15 -5.93 1.82
CA HIS A 73 -9.19 -5.60 0.78
C HIS A 73 -9.75 -5.95 -0.60
N SER A 74 -10.38 -7.12 -0.69
CA SER A 74 -10.96 -7.58 -1.95
C SER A 74 -12.34 -6.96 -2.17
N ALA A 75 -13.06 -6.73 -1.09
CA ALA A 75 -14.39 -6.14 -1.16
C ALA A 75 -14.31 -4.66 -1.52
N PHE A 76 -13.62 -3.88 -0.69
CA PHE A 76 -13.47 -2.45 -0.93
C PHE A 76 -12.92 -2.19 -2.33
N THR A 77 -12.16 -3.14 -2.86
CA THR A 77 -11.57 -3.01 -4.19
C THR A 77 -12.50 -3.57 -5.25
N SER A 78 -13.76 -3.12 -5.23
CA SER A 78 -14.74 -3.58 -6.21
C SER A 78 -15.03 -2.50 -7.24
N GLY A 79 -14.18 -2.42 -8.26
CA GLY A 79 -14.37 -1.42 -9.30
C GLY A 79 -13.06 -0.77 -9.72
N LYS A 80 -12.44 -0.06 -8.79
CA LYS A 80 -11.18 0.62 -9.06
C LYS A 80 -10.05 0.04 -8.20
N GLY A 81 -9.47 -1.06 -8.67
CA GLY A 81 -8.38 -1.69 -7.93
C GLY A 81 -7.23 -2.08 -8.83
N GLN A 82 -6.38 -2.98 -8.33
CA GLN A 82 -5.23 -3.44 -9.10
C GLN A 82 -4.73 -4.79 -8.58
N SER A 83 -4.08 -5.55 -9.45
CA SER A 83 -3.56 -6.86 -9.09
C SER A 83 -2.13 -6.75 -8.56
N GLY A 84 -1.28 -6.05 -9.31
CA GLY A 84 0.10 -5.88 -8.91
C GLY A 84 0.83 -7.20 -8.76
N PRO A 85 1.25 -7.78 -9.89
CA PRO A 85 1.98 -9.06 -9.91
C PRO A 85 3.37 -8.95 -9.32
N SER A 86 3.96 -10.09 -8.96
CA SER A 86 5.30 -10.12 -8.38
C SER A 86 6.01 -11.42 -8.73
N SER A 87 7.31 -11.32 -8.97
CA SER A 87 8.12 -12.49 -9.33
C SER A 87 8.64 -13.18 -8.08
N GLY A 88 8.65 -14.51 -8.10
CA GLY A 88 9.14 -15.27 -6.96
C GLY A 88 9.32 -16.74 -7.28
N GLY A 1 12.19 -15.70 -4.34
CA GLY A 1 11.75 -17.07 -4.14
C GLY A 1 10.26 -17.17 -3.93
N SER A 2 9.77 -16.55 -2.85
CA SER A 2 8.34 -16.58 -2.55
C SER A 2 7.59 -15.51 -3.33
N SER A 3 6.36 -15.83 -3.73
CA SER A 3 5.54 -14.89 -4.49
C SER A 3 5.59 -13.50 -3.89
N GLY A 4 5.67 -12.49 -4.75
CA GLY A 4 5.73 -11.12 -4.28
C GLY A 4 4.43 -10.38 -4.50
N SER A 5 3.33 -10.93 -3.99
CA SER A 5 2.02 -10.32 -4.13
C SER A 5 1.86 -9.15 -3.18
N SER A 6 0.97 -8.22 -3.53
CA SER A 6 0.72 -7.05 -2.71
C SER A 6 -0.21 -7.39 -1.54
N GLY A 7 -1.29 -8.09 -1.84
CA GLY A 7 -2.24 -8.47 -0.81
C GLY A 7 -3.03 -7.29 -0.30
N SER A 8 -2.68 -6.81 0.90
CA SER A 8 -3.37 -5.68 1.50
C SER A 8 -2.40 -4.55 1.82
N TYR A 9 -2.91 -3.33 1.90
CA TYR A 9 -2.08 -2.16 2.20
C TYR A 9 -1.23 -2.41 3.43
N TYR A 10 -1.90 -2.64 4.57
CA TYR A 10 -1.20 -2.88 5.82
C TYR A 10 0.07 -3.70 5.59
N ASP A 11 0.01 -4.63 4.66
CA ASP A 11 1.15 -5.47 4.33
C ASP A 11 2.15 -4.72 3.47
N ILE A 12 1.64 -4.00 2.48
CA ILE A 12 2.50 -3.24 1.57
C ILE A 12 3.29 -2.17 2.33
N LEU A 13 2.59 -1.42 3.18
CA LEU A 13 3.22 -0.37 3.96
C LEU A 13 4.02 -0.96 5.12
N GLY A 14 3.51 -2.04 5.70
CA GLY A 14 4.20 -2.69 6.80
C GLY A 14 3.65 -2.26 8.15
N VAL A 15 2.35 -1.99 8.20
CA VAL A 15 1.71 -1.57 9.44
C VAL A 15 0.66 -2.58 9.89
N PRO A 16 0.39 -2.62 11.20
CA PRO A 16 -0.60 -3.54 11.78
C PRO A 16 -2.02 -3.18 11.39
N LYS A 17 -2.92 -4.17 11.45
CA LYS A 17 -4.32 -3.94 11.11
C LYS A 17 -4.92 -2.83 11.96
N SER A 18 -4.45 -2.72 13.20
CA SER A 18 -4.95 -1.69 14.11
C SER A 18 -3.96 -0.53 14.21
N ALA A 19 -3.13 -0.39 13.18
CA ALA A 19 -2.14 0.68 13.14
C ALA A 19 -2.82 2.05 13.25
N SER A 20 -2.18 2.96 13.98
CA SER A 20 -2.71 4.30 14.17
C SER A 20 -2.18 5.24 13.09
N GLU A 21 -2.99 6.23 12.73
CA GLU A 21 -2.60 7.21 11.71
C GLU A 21 -1.12 7.53 11.81
N ARG A 22 -0.59 7.53 13.03
CA ARG A 22 0.82 7.83 13.26
C ARG A 22 1.70 6.73 12.66
N GLN A 23 1.38 5.48 12.98
CA GLN A 23 2.15 4.35 12.48
C GLN A 23 2.02 4.23 10.97
N ILE A 24 0.83 4.50 10.46
CA ILE A 24 0.59 4.43 9.02
C ILE A 24 1.50 5.38 8.25
N LYS A 25 1.44 6.66 8.61
CA LYS A 25 2.26 7.68 7.96
C LYS A 25 3.74 7.47 8.28
N LYS A 26 4.01 6.96 9.47
CA LYS A 26 5.39 6.70 9.91
C LYS A 26 6.03 5.61 9.06
N ALA A 27 5.32 4.49 8.91
CA ALA A 27 5.81 3.37 8.12
C ALA A 27 5.93 3.74 6.65
N PHE A 28 4.90 4.42 6.13
CA PHE A 28 4.88 4.83 4.73
C PHE A 28 6.02 5.79 4.44
N HIS A 29 5.98 6.96 5.07
CA HIS A 29 7.01 7.97 4.88
C HIS A 29 8.38 7.33 4.70
N LYS A 30 8.80 6.56 5.70
CA LYS A 30 10.10 5.89 5.65
C LYS A 30 10.24 5.08 4.37
N LEU A 31 9.21 4.31 4.04
CA LEU A 31 9.21 3.49 2.84
C LEU A 31 9.41 4.34 1.59
N ALA A 32 8.48 5.26 1.36
CA ALA A 32 8.55 6.15 0.21
C ALA A 32 10.00 6.53 -0.11
N MET A 33 10.81 6.66 0.94
CA MET A 33 12.21 7.02 0.77
C MET A 33 12.98 5.88 0.11
N LYS A 34 12.77 4.66 0.61
CA LYS A 34 13.44 3.49 0.06
C LYS A 34 12.98 3.20 -1.36
N TYR A 35 11.76 3.59 -1.67
CA TYR A 35 11.20 3.37 -3.00
C TYR A 35 10.87 4.70 -3.67
N HIS A 36 11.54 5.77 -3.25
CA HIS A 36 11.33 7.10 -3.81
C HIS A 36 11.79 7.15 -5.27
N PRO A 37 10.86 7.52 -6.17
CA PRO A 37 11.15 7.61 -7.61
C PRO A 37 12.07 8.79 -7.92
N ASP A 38 12.46 9.53 -6.90
CA ASP A 38 13.34 10.67 -7.08
C ASP A 38 14.75 10.35 -6.60
N LYS A 39 14.85 9.52 -5.57
CA LYS A 39 16.15 9.13 -5.02
C LYS A 39 16.60 7.80 -5.60
N ASN A 40 15.66 6.87 -5.75
CA ASN A 40 15.96 5.56 -6.30
C ASN A 40 16.17 5.61 -7.81
N LYS A 41 17.39 5.32 -8.25
CA LYS A 41 17.72 5.33 -9.67
C LYS A 41 17.37 4.00 -10.33
N SER A 42 16.22 3.45 -9.97
CA SER A 42 15.78 2.17 -10.52
C SER A 42 14.36 2.28 -11.06
N PRO A 43 14.11 1.60 -12.20
CA PRO A 43 12.78 1.60 -12.84
C PRO A 43 11.74 0.84 -12.03
N ASP A 44 12.21 -0.10 -11.21
CA ASP A 44 11.32 -0.90 -10.38
C ASP A 44 10.77 -0.08 -9.21
N ALA A 45 11.60 0.83 -8.69
CA ALA A 45 11.20 1.68 -7.58
C ALA A 45 9.93 2.45 -7.91
N GLU A 46 9.84 2.93 -9.14
CA GLU A 46 8.67 3.69 -9.58
C GLU A 46 7.39 2.88 -9.38
N ALA A 47 7.46 1.59 -9.71
CA ALA A 47 6.31 0.71 -9.58
C ALA A 47 5.98 0.45 -8.11
N LYS A 48 7.00 0.06 -7.35
CA LYS A 48 6.83 -0.22 -5.93
C LYS A 48 6.10 0.94 -5.23
N PHE A 49 6.64 2.14 -5.37
CA PHE A 49 6.04 3.32 -4.76
C PHE A 49 4.57 3.43 -5.13
N ARG A 50 4.25 3.08 -6.38
CA ARG A 50 2.88 3.16 -6.86
C ARG A 50 1.94 2.35 -5.97
N GLU A 51 2.51 1.39 -5.24
CA GLU A 51 1.72 0.54 -4.35
C GLU A 51 1.79 1.05 -2.92
N ILE A 52 2.92 1.65 -2.56
CA ILE A 52 3.11 2.19 -1.22
C ILE A 52 2.19 3.37 -0.96
N ALA A 53 2.10 4.27 -1.94
CA ALA A 53 1.25 5.45 -1.82
C ALA A 53 -0.21 5.07 -1.72
N GLU A 54 -0.75 4.51 -2.81
CA GLU A 54 -2.15 4.10 -2.85
C GLU A 54 -2.56 3.44 -1.53
N ALA A 55 -1.66 2.63 -0.98
CA ALA A 55 -1.92 1.95 0.28
C ALA A 55 -2.17 2.95 1.41
N TYR A 56 -1.32 3.97 1.48
CA TYR A 56 -1.44 4.99 2.51
C TYR A 56 -2.69 5.84 2.29
N GLU A 57 -2.77 6.47 1.13
CA GLU A 57 -3.90 7.32 0.79
C GLU A 57 -5.19 6.77 1.38
N THR A 58 -5.43 5.48 1.17
CA THR A 58 -6.62 4.82 1.69
C THR A 58 -6.61 4.76 3.21
N LEU A 59 -5.49 4.30 3.77
CA LEU A 59 -5.34 4.19 5.21
C LEU A 59 -5.04 5.54 5.83
N SER A 60 -5.09 6.59 5.01
CA SER A 60 -4.83 7.95 5.48
C SER A 60 -6.13 8.67 5.85
N ASP A 61 -7.11 8.59 4.96
CA ASP A 61 -8.40 9.22 5.18
C ASP A 61 -9.26 8.38 6.12
N ALA A 62 -10.22 9.03 6.77
CA ALA A 62 -11.12 8.35 7.70
C ALA A 62 -12.13 7.48 6.95
N ASN A 63 -13.02 8.13 6.21
CA ASN A 63 -14.04 7.40 5.44
C ASN A 63 -13.41 6.33 4.57
N ARG A 64 -12.33 6.69 3.88
CA ARG A 64 -11.63 5.75 3.01
C ARG A 64 -11.21 4.50 3.78
N ARG A 65 -10.44 4.70 4.84
CA ARG A 65 -9.98 3.58 5.66
C ARG A 65 -11.15 2.85 6.31
N LYS A 66 -12.20 3.59 6.63
CA LYS A 66 -13.39 3.01 7.24
C LYS A 66 -14.02 1.97 6.32
N GLU A 67 -14.01 2.25 5.02
CA GLU A 67 -14.59 1.34 4.04
C GLU A 67 -13.64 0.19 3.74
N TYR A 68 -12.36 0.52 3.56
CA TYR A 68 -11.35 -0.49 3.26
C TYR A 68 -11.22 -1.49 4.40
N ASP A 69 -11.70 -1.10 5.58
CA ASP A 69 -11.65 -1.97 6.75
C ASP A 69 -12.95 -2.73 6.92
N THR A 70 -14.07 -2.05 6.68
CA THR A 70 -15.39 -2.66 6.81
C THR A 70 -15.70 -3.55 5.62
N LEU A 71 -15.04 -3.28 4.50
CA LEU A 71 -15.26 -4.06 3.28
C LEU A 71 -14.10 -5.01 3.04
N GLY A 72 -12.88 -4.48 3.06
CA GLY A 72 -11.70 -5.30 2.85
C GLY A 72 -10.85 -4.80 1.70
N HIS A 73 -10.19 -5.73 1.00
CA HIS A 73 -9.33 -5.37 -0.12
C HIS A 73 -9.91 -5.89 -1.43
N SER A 74 -10.74 -6.92 -1.34
CA SER A 74 -11.36 -7.51 -2.52
C SER A 74 -12.76 -6.96 -2.74
N ALA A 75 -13.38 -6.51 -1.65
CA ALA A 75 -14.73 -5.96 -1.71
C ALA A 75 -14.69 -4.45 -1.92
N PHE A 76 -13.90 -3.76 -1.11
CA PHE A 76 -13.77 -2.31 -1.21
C PHE A 76 -13.44 -1.90 -2.64
N THR A 77 -12.27 -2.30 -3.12
CA THR A 77 -11.83 -1.97 -4.46
C THR A 77 -11.94 -3.17 -5.39
N SER A 78 -13.17 -3.55 -5.73
CA SER A 78 -13.41 -4.68 -6.61
C SER A 78 -13.53 -4.24 -8.06
N GLY A 79 -13.41 -5.19 -8.98
CA GLY A 79 -13.50 -4.87 -10.39
C GLY A 79 -12.15 -4.72 -11.04
N LYS A 80 -11.21 -4.11 -10.33
CA LYS A 80 -9.86 -3.89 -10.83
C LYS A 80 -9.12 -5.22 -10.96
N GLY A 81 -9.00 -5.94 -9.84
CA GLY A 81 -8.32 -7.22 -9.86
C GLY A 81 -6.80 -7.06 -9.87
N GLN A 82 -6.14 -7.85 -10.71
CA GLN A 82 -4.69 -7.79 -10.82
C GLN A 82 -4.22 -8.32 -12.17
N SER A 83 -3.10 -7.78 -12.65
CA SER A 83 -2.55 -8.18 -13.94
C SER A 83 -2.02 -9.61 -13.87
N GLY A 84 -0.97 -9.81 -13.08
CA GLY A 84 -0.38 -11.13 -12.94
C GLY A 84 1.12 -11.07 -12.74
N PRO A 85 1.55 -10.87 -11.49
CA PRO A 85 2.97 -10.80 -11.14
C PRO A 85 3.68 -12.15 -11.26
N SER A 86 4.97 -12.16 -10.98
CA SER A 86 5.76 -13.38 -11.06
C SER A 86 5.59 -14.23 -9.80
N SER A 87 5.61 -15.55 -9.99
CA SER A 87 5.45 -16.47 -8.86
C SER A 87 6.53 -17.54 -8.89
N GLY A 88 6.80 -18.13 -7.72
CA GLY A 88 7.81 -19.16 -7.64
C GLY A 88 9.19 -18.62 -7.31
#